data_7Z19
#
_entry.id   7Z19
#
_cell.length_a   1.00
_cell.length_b   1.00
_cell.length_c   1.00
_cell.angle_alpha   90.00
_cell.angle_beta   90.00
_cell.angle_gamma   90.00
#
_symmetry.space_group_name_H-M   'P 1'
#
loop_
_entity.id
_entity.type
_entity.pdbx_description
1 polymer 'Alpha-D-ribose 1-methylphosphonate 5-triphosphate synthase subunit PhnG'
2 polymer 'Alpha-D-ribose 1-methylphosphonate 5-triphosphate synthase subunit PhnH'
3 polymer 'Alpha-D-ribose 1-methylphosphonate 5-triphosphate synthase subunit PhnI'
4 polymer 'Alpha-D-ribose 1-methylphosphonate 5-phosphate C-P lyase'
5 polymer 'Putative phosphonates utilization ATP-binding protein PhnK'
6 non-polymer 'ZINC ION'
7 non-polymer 'PHOSPHATE ION'
8 water water
#
loop_
_entity_poly.entity_id
_entity_poly.type
_entity_poly.pdbx_seq_one_letter_code
_entity_poly.pdbx_strand_id
1 'polypeptide(L)'
;MHADTATRQHWMSVLAHSQPAELAARLNALNITADYEVIRAAETGLVQIQARMGGTGERFFAGDATLTRAAVRLTDGTLG
YSWVQGRDKQHAERCALIDALMQQSRHFQNLSETLIAPLDADRMARIAARQAEVNASRVDFFTMVRGDNA
;
A,E
2 'polypeptide(L)'
;MTLETAFMLPVQDAQHSFRRLLKAMSEPGVIVALHQLKRGWQPLNIATTSVLLTLADNDTPVWLSTPLNNDIVNQSLRFH
TNAPLVSQPEQATFAVTDEAISSEQLNALSTGTAVAPEAGATLILQVASLSGGRMLRLTGAGIAEERMIAPRLPECILHE
LTERPHPFPLGIDLILTCGERLLAIPRTTHVEVC
;
B,F
3 'polypeptide(L)'
;MYVAVKGGEKAIDAAHALQESRRRGDTDLPELSVAQIEQQLNLAVDRVMTEGGIADRELAALALKQASGDNVEAIFLLRA
YRTTLAKLAVSEPLDTTGMRLERRISAVYKDIPGGQLLGPTYDYTHRLLDFTLLANGEAPTLTTADSEQQPSPHVFSLLA
RQGLAKFEEDSGAQPDDITRTPPVYPCSRSSRLQQLMRGDEGYLLALAYSTQRGYGRNHPFAGEIRSGYIDVSIVPEELG
FAVNVGELLMTECEMVNGFIDPPGEPPHFTRGYGLVFGMSERKAMAMALVDRALQAPEYGEHATGPAQDEEFVLAHADNV
EVAGFVSHLKLPHYVDFQAELELLKRLQQEQNHG
;
C,G
4 'polypeptide(L)'
;MANLSGYNFAYLDEQTKRMIRRAILKAVAIPGYQVPFGGREMPMPYGWGTGGIQLTASVIGESDVLKVIDQGADDTTNAV
SIRNFFKRVTGVNTTERTDDATVIQTRHRIPETPLTEDQIIIFQVPIPEPLRFIEPRETETRTMHALEEYGVMQVKLYED
IARFGHIATTYAYPVKVNGRYVMDPSPIPKFDNPKMDMMPALQLFGAGREKRIYAVPPFTRVESLDFDDHPFTVQQWDEP
CAICGSTHSYLDEVVLDDAGNRMFVCSDTDYCRQQSEAKNQ
;
D,H
5 'polypeptide(L)'
;MNQPLLSVNNLTHLYAPGKGFSDVSFDLWPGEVLGIVGESGSGKTTLLKSISARLTPQQGEIHYENRSLYAMSEADRRRL
LRTEWGVVHQHPLDGLRRQVSAGGNIGERLMATGARHYGDIRATAQKWLEEVEIPANRIDDLPTTFSGGMQQRLQIARNL
VTHPKLVFMDEPTGGLDVSVQARLLDLLRGLVVELNLAVVIVTHDLGAARLLADRLLVMKQGQVVESGLTDRVLDDPHHP
YTQLLVSSVLQNHHHHHH
;
I
#
loop_
_chem_comp.id
_chem_comp.type
_chem_comp.name
_chem_comp.formula
PO4 non-polymer 'PHOSPHATE ION' 'O4 P -3'
ZN non-polymer 'ZINC ION' 'Zn 2'
#
# COMPACT_ATOMS: atom_id res chain seq x y z
N ALA A 3 11.15 53.65 -11.67
CA ALA A 3 11.96 52.47 -11.43
C ALA A 3 11.44 51.29 -12.25
N ASP A 4 12.33 50.70 -13.05
CA ASP A 4 11.93 49.59 -13.90
C ASP A 4 11.50 48.40 -13.06
N THR A 5 10.75 47.49 -13.70
CA THR A 5 10.21 46.35 -12.98
C THR A 5 11.29 45.44 -12.42
N ALA A 6 12.49 45.45 -12.99
CA ALA A 6 13.55 44.58 -12.49
C ALA A 6 13.94 44.96 -11.07
N THR A 7 14.15 46.25 -10.82
CA THR A 7 14.54 46.68 -9.49
C THR A 7 13.41 46.48 -8.49
N ARG A 8 12.17 46.74 -8.90
CA ARG A 8 11.05 46.49 -8.01
C ARG A 8 10.95 45.01 -7.66
N GLN A 9 11.09 44.15 -8.66
CA GLN A 9 11.15 42.72 -8.38
C GLN A 9 12.26 42.42 -7.40
N HIS A 10 13.39 43.09 -7.53
CA HIS A 10 14.52 42.80 -6.65
C HIS A 10 14.18 43.16 -5.20
N TRP A 11 13.66 44.36 -4.94
CA TRP A 11 13.42 44.66 -3.52
C TRP A 11 12.26 43.85 -3.00
N MET A 12 11.26 43.54 -3.83
CA MET A 12 10.18 42.69 -3.35
C MET A 12 10.68 41.30 -2.99
N SER A 13 11.57 40.74 -3.79
CA SER A 13 12.17 39.46 -3.44
C SER A 13 12.97 39.56 -2.15
N VAL A 14 13.75 40.63 -1.99
CA VAL A 14 14.54 40.79 -0.78
C VAL A 14 13.63 40.84 0.45
N LEU A 15 12.54 41.61 0.36
CA LEU A 15 11.61 41.69 1.48
C LEU A 15 10.96 40.33 1.74
N ALA A 16 10.55 39.63 0.69
CA ALA A 16 9.88 38.36 0.87
C ALA A 16 10.77 37.35 1.57
N HIS A 17 12.04 37.26 1.16
CA HIS A 17 12.94 36.28 1.74
C HIS A 17 13.43 36.65 3.13
N SER A 18 13.33 37.91 3.51
CA SER A 18 13.83 38.34 4.82
C SER A 18 13.02 37.70 5.93
N GLN A 19 13.70 37.40 7.04
CA GLN A 19 13.02 36.87 8.20
C GLN A 19 12.14 37.95 8.82
N PRO A 20 10.92 37.61 9.26
CA PRO A 20 10.05 38.65 9.82
C PRO A 20 10.67 39.42 10.98
N ALA A 21 11.38 38.72 11.87
CA ALA A 21 11.91 39.38 13.05
C ALA A 21 12.95 40.43 12.67
N GLU A 22 13.89 40.07 11.79
CA GLU A 22 14.93 41.01 11.42
C GLU A 22 14.36 42.20 10.66
N LEU A 23 13.38 41.96 9.79
CA LEU A 23 12.75 43.08 9.08
C LEU A 23 12.06 44.02 10.05
N ALA A 24 11.32 43.47 11.02
CA ALA A 24 10.65 44.31 11.99
C ALA A 24 11.67 45.11 12.80
N ALA A 25 12.75 44.48 13.21
CA ALA A 25 13.78 45.19 13.97
C ALA A 25 14.40 46.31 13.14
N ARG A 26 14.69 46.02 11.86
CA ARG A 26 15.28 47.03 11.00
C ARG A 26 14.35 48.22 10.84
N LEU A 27 13.06 47.97 10.63
CA LEU A 27 12.14 49.07 10.43
C LEU A 27 11.94 49.88 11.70
N ASN A 28 11.86 49.21 12.85
CA ASN A 28 11.76 49.94 14.11
C ASN A 28 13.00 50.80 14.34
N ALA A 29 14.19 50.26 14.01
CA ALA A 29 15.40 51.05 14.14
C ALA A 29 15.37 52.26 13.21
N LEU A 30 14.92 52.07 11.97
CA LEU A 30 14.89 53.18 11.03
C LEU A 30 13.90 54.24 11.47
N ASN A 31 12.85 53.84 12.19
CA ASN A 31 11.83 54.77 12.68
C ASN A 31 11.36 55.69 11.55
N ILE A 32 10.74 55.07 10.55
CA ILE A 32 10.25 55.76 9.38
C ILE A 32 8.77 56.06 9.57
N THR A 33 8.38 57.31 9.32
CA THR A 33 7.00 57.74 9.46
C THR A 33 6.36 57.83 8.08
N ALA A 34 5.23 57.14 7.90
CA ALA A 34 4.52 57.17 6.63
C ALA A 34 3.08 56.79 6.90
N ASP A 35 2.18 57.76 6.83
CA ASP A 35 0.76 57.48 7.03
C ASP A 35 0.23 56.70 5.83
N TYR A 36 -0.54 55.66 6.10
CA TYR A 36 -1.04 54.80 5.04
C TYR A 36 -2.32 54.11 5.50
N GLU A 37 -3.06 53.59 4.53
CA GLU A 37 -4.28 52.83 4.78
C GLU A 37 -4.17 51.50 4.06
N VAL A 38 -4.62 50.43 4.73
CA VAL A 38 -4.53 49.08 4.17
C VAL A 38 -5.78 48.86 3.33
N ILE A 39 -5.61 48.90 2.01
CA ILE A 39 -6.74 48.66 1.12
C ILE A 39 -7.19 47.21 1.19
N ARG A 40 -6.24 46.28 1.33
CA ARG A 40 -6.54 44.86 1.47
C ARG A 40 -5.82 44.35 2.71
N ALA A 41 -6.57 44.04 3.75
CA ALA A 41 -5.97 43.52 4.97
C ALA A 41 -5.25 42.21 4.69
N ALA A 42 -4.14 42.00 5.39
CA ALA A 42 -3.34 40.80 5.20
C ALA A 42 -4.23 39.56 5.18
N GLU A 43 -4.16 38.82 4.08
CA GLU A 43 -4.98 37.65 3.85
C GLU A 43 -4.09 36.45 3.64
N THR A 44 -4.39 35.35 4.33
CA THR A 44 -3.64 34.11 4.21
C THR A 44 -4.44 33.10 3.39
N GLY A 45 -3.80 32.53 2.40
CA GLY A 45 -4.42 31.52 1.56
C GLY A 45 -3.36 30.58 1.05
N LEU A 46 -3.62 29.96 -0.10
CA LEU A 46 -2.72 28.98 -0.67
C LEU A 46 -2.23 29.47 -2.03
N VAL A 47 -0.99 29.11 -2.34
CA VAL A 47 -0.45 29.20 -3.68
C VAL A 47 -0.21 27.78 -4.16
N GLN A 48 -0.78 27.44 -5.32
CA GLN A 48 -0.70 26.08 -5.82
C GLN A 48 0.67 25.87 -6.46
N ILE A 49 1.47 24.98 -5.86
CA ILE A 49 2.81 24.72 -6.37
C ILE A 49 2.69 23.93 -7.66
N GLN A 50 3.40 24.40 -8.69
CA GLN A 50 3.32 23.82 -10.02
C GLN A 50 4.74 23.45 -10.46
N ALA A 51 4.95 22.18 -10.75
CA ALA A 51 6.28 21.67 -11.09
C ALA A 51 6.27 21.12 -12.51
N ARG A 52 7.45 20.78 -13.01
CA ARG A 52 7.59 20.19 -14.34
C ARG A 52 8.08 18.75 -14.17
N MET A 53 7.34 17.80 -14.73
CA MET A 53 7.76 16.41 -14.64
C MET A 53 9.07 16.23 -15.38
N GLY A 54 10.03 15.58 -14.73
CA GLY A 54 11.36 15.45 -15.26
C GLY A 54 12.24 16.66 -15.06
N GLY A 55 11.71 17.72 -14.44
CA GLY A 55 12.44 18.95 -14.27
C GLY A 55 12.26 19.95 -15.39
N THR A 56 11.89 19.50 -16.58
CA THR A 56 11.70 20.39 -17.71
C THR A 56 10.51 20.01 -18.58
N GLY A 57 9.73 19.01 -18.21
CA GLY A 57 8.66 18.50 -19.05
C GLY A 57 7.33 19.15 -18.79
N GLU A 58 6.26 18.36 -18.96
CA GLU A 58 4.92 18.88 -18.77
C GLU A 58 4.71 19.34 -17.34
N ARG A 59 3.83 20.31 -17.18
CA ARG A 59 3.53 20.84 -15.86
C ARG A 59 2.58 19.90 -15.12
N PHE A 60 2.66 19.93 -13.80
CA PHE A 60 1.73 19.20 -12.95
C PHE A 60 1.73 19.84 -11.57
N PHE A 61 0.61 19.70 -10.88
CA PHE A 61 0.46 20.36 -9.58
C PHE A 61 1.12 19.52 -8.49
N ALA A 62 1.95 20.15 -7.68
CA ALA A 62 2.76 19.46 -6.69
C ALA A 62 2.46 19.95 -5.29
N GLY A 63 1.19 20.10 -4.96
CA GLY A 63 0.80 20.52 -3.63
C GLY A 63 0.46 22.00 -3.56
N ASP A 64 0.57 22.53 -2.35
CA ASP A 64 0.24 23.92 -2.08
C ASP A 64 1.17 24.45 -1.01
N ALA A 65 1.27 25.78 -0.95
CA ALA A 65 2.09 26.43 0.08
C ALA A 65 1.32 27.62 0.62
N THR A 66 1.40 27.82 1.94
CA THR A 66 0.73 28.97 2.53
C THR A 66 1.35 30.26 2.02
N LEU A 67 0.50 31.23 1.73
CA LEU A 67 0.92 32.51 1.17
C LEU A 67 0.08 33.62 1.79
N THR A 68 0.74 34.65 2.30
CA THR A 68 0.06 35.80 2.87
C THR A 68 0.28 37.00 1.96
N ARG A 69 -0.81 37.65 1.57
CA ARG A 69 -0.77 38.78 0.67
C ARG A 69 -1.36 40.00 1.35
N ALA A 70 -0.77 41.16 1.08
CA ALA A 70 -1.25 42.40 1.66
C ALA A 70 -1.03 43.53 0.66
N ALA A 71 -1.84 44.58 0.80
CA ALA A 71 -1.73 45.76 -0.05
C ALA A 71 -1.93 47.00 0.82
N VAL A 72 -1.26 48.07 0.44
CA VAL A 72 -1.25 49.31 1.20
C VAL A 72 -1.29 50.48 0.22
N ARG A 73 -2.00 51.54 0.59
CA ARG A 73 -2.03 52.78 -0.19
C ARG A 73 -1.50 53.92 0.66
N LEU A 74 -0.52 54.64 0.14
CA LEU A 74 0.02 55.79 0.84
C LEU A 74 -0.85 57.02 0.58
N THR A 75 -0.57 58.09 1.33
CA THR A 75 -1.38 59.30 1.21
C THR A 75 -1.31 59.87 -0.19
N ASP A 76 -0.12 59.91 -0.79
CA ASP A 76 0.01 60.44 -2.15
C ASP A 76 -0.79 59.60 -3.15
N GLY A 77 -0.75 58.28 -2.99
CA GLY A 77 -1.51 57.40 -3.86
C GLY A 77 -0.76 56.16 -4.30
N THR A 78 0.54 56.09 -3.99
CA THR A 78 1.31 54.93 -4.38
C THR A 78 0.79 53.68 -3.71
N LEU A 79 0.73 52.60 -4.46
CA LEU A 79 0.24 51.30 -3.97
C LEU A 79 1.41 50.36 -3.80
N GLY A 80 1.49 49.74 -2.62
CA GLY A 80 2.48 48.72 -2.34
C GLY A 80 1.78 47.38 -2.15
N TYR A 81 2.41 46.33 -2.67
CA TYR A 81 1.86 44.98 -2.58
C TYR A 81 2.93 44.05 -2.04
N SER A 82 2.49 43.01 -1.35
CA SER A 82 3.41 41.99 -0.87
C SER A 82 2.73 40.63 -0.92
N TRP A 83 3.48 39.63 -1.38
CA TRP A 83 3.06 38.23 -1.39
C TRP A 83 4.22 37.45 -0.77
N VAL A 84 4.10 37.11 0.50
CA VAL A 84 5.17 36.43 1.23
C VAL A 84 4.72 35.03 1.59
N GLN A 85 5.55 34.05 1.29
CA GLN A 85 5.26 32.69 1.69
C GLN A 85 5.33 32.57 3.21
N GLY A 86 4.27 32.03 3.80
CA GLY A 86 4.19 31.90 5.24
C GLY A 86 2.81 32.27 5.71
N ARG A 87 2.72 32.64 6.98
CA ARG A 87 1.43 32.94 7.60
C ARG A 87 1.46 34.17 8.49
N ASP A 88 2.51 35.00 8.39
CA ASP A 88 2.66 36.16 9.27
C ASP A 88 2.01 37.37 8.60
N LYS A 89 0.85 37.77 9.13
CA LYS A 89 0.15 38.92 8.55
C LYS A 89 0.92 40.21 8.78
N GLN A 90 1.52 40.37 9.96
CA GLN A 90 2.29 41.58 10.23
C GLN A 90 3.45 41.72 9.26
N HIS A 91 4.14 40.61 9.00
CA HIS A 91 5.25 40.65 8.04
C HIS A 91 4.76 41.06 6.66
N ALA A 92 3.62 40.53 6.23
CA ALA A 92 3.10 40.89 4.91
C ALA A 92 2.75 42.37 4.85
N GLU A 93 2.13 42.90 5.90
CA GLU A 93 1.79 44.31 5.91
C GLU A 93 3.04 45.18 5.88
N ARG A 94 4.07 44.80 6.64
CA ARG A 94 5.31 45.55 6.62
C ARG A 94 5.95 45.52 5.24
N CYS A 95 5.95 44.34 4.60
CA CYS A 95 6.54 44.24 3.27
C CYS A 95 5.78 45.08 2.27
N ALA A 96 4.45 45.10 2.36
CA ALA A 96 3.66 45.95 1.48
C ALA A 96 3.96 47.43 1.72
N LEU A 97 4.10 47.83 2.98
CA LEU A 97 4.44 49.21 3.27
C LEU A 97 5.78 49.58 2.67
N ILE A 98 6.77 48.70 2.78
CA ILE A 98 8.09 49.01 2.24
C ILE A 98 8.04 49.03 0.71
N ASP A 99 7.24 48.15 0.11
CA ASP A 99 7.08 48.19 -1.34
C ASP A 99 6.50 49.54 -1.76
N ALA A 100 5.50 50.02 -1.03
CA ALA A 100 4.94 51.33 -1.36
C ALA A 100 5.99 52.42 -1.20
N LEU A 101 6.77 52.37 -0.13
CA LEU A 101 7.76 53.43 0.12
C LEU A 101 8.84 53.43 -0.95
N MET A 102 9.32 52.27 -1.37
CA MET A 102 10.42 52.22 -2.33
C MET A 102 10.06 52.88 -3.65
N GLN A 103 8.76 53.05 -3.94
CA GLN A 103 8.35 53.69 -5.17
C GLN A 103 8.37 55.21 -5.10
N GLN A 104 8.74 55.77 -3.97
CA GLN A 104 8.84 57.22 -3.81
C GLN A 104 10.31 57.63 -3.82
N SER A 105 10.65 58.59 -4.68
CA SER A 105 12.02 59.05 -4.76
C SER A 105 12.52 59.56 -3.42
N ARG A 106 11.63 60.08 -2.58
CA ARG A 106 12.05 60.57 -1.27
C ARG A 106 12.61 59.45 -0.41
N HIS A 107 12.16 58.21 -0.63
CA HIS A 107 12.57 57.09 0.19
C HIS A 107 13.39 56.04 -0.56
N PHE A 108 13.33 56.01 -1.89
CA PHE A 108 13.96 54.92 -2.61
C PHE A 108 15.45 54.88 -2.36
N GLN A 109 16.14 55.99 -2.57
CA GLN A 109 17.59 55.99 -2.43
C GLN A 109 18.01 55.66 -1.01
N ASN A 110 17.32 56.25 -0.02
CA ASN A 110 17.69 56.02 1.37
C ASN A 110 17.48 54.56 1.75
N LEU A 111 16.31 54.00 1.45
CA LEU A 111 15.99 52.65 1.88
C LEU A 111 16.82 51.62 1.12
N SER A 112 17.08 51.84 -0.16
CA SER A 112 17.81 50.86 -0.95
C SER A 112 19.19 50.59 -0.37
N GLU A 113 19.77 51.57 0.33
CA GLU A 113 21.08 51.41 0.92
C GLU A 113 21.03 51.16 2.43
N THR A 114 19.98 51.60 3.11
CA THR A 114 19.90 51.42 4.55
C THR A 114 19.12 50.18 4.96
N LEU A 115 18.17 49.73 4.14
CA LEU A 115 17.33 48.59 4.48
C LEU A 115 17.46 47.44 3.51
N ILE A 116 17.27 47.66 2.21
CA ILE A 116 17.23 46.56 1.27
C ILE A 116 18.60 45.91 1.13
N ALA A 117 19.64 46.72 0.93
CA ALA A 117 20.98 46.17 0.76
C ALA A 117 21.46 45.41 2.00
N PRO A 118 21.33 45.94 3.21
CA PRO A 118 21.69 45.13 4.39
C PRO A 118 20.91 43.84 4.50
N LEU A 119 19.62 43.84 4.19
CA LEU A 119 18.84 42.60 4.26
C LEU A 119 19.37 41.57 3.27
N ASP A 120 19.64 42.01 2.04
CA ASP A 120 20.18 41.09 1.04
C ASP A 120 21.54 40.58 1.48
N ALA A 121 22.38 41.46 2.03
CA ALA A 121 23.69 41.03 2.48
C ALA A 121 23.59 40.00 3.60
N ASP A 122 22.66 40.22 4.54
CA ASP A 122 22.50 39.27 5.64
C ASP A 122 22.01 37.91 5.13
N ARG A 123 21.04 37.92 4.21
CA ARG A 123 20.59 36.65 3.66
C ARG A 123 21.70 35.95 2.90
N MET A 124 22.48 36.70 2.13
CA MET A 124 23.59 36.08 1.40
C MET A 124 24.64 35.53 2.35
N ALA A 125 24.88 36.22 3.46
CA ALA A 125 25.83 35.71 4.44
C ALA A 125 25.33 34.41 5.07
N ARG A 126 24.04 34.35 5.40
CA ARG A 126 23.49 33.11 5.92
C ARG A 126 23.60 31.98 4.90
N ILE A 127 23.27 32.27 3.64
CA ILE A 127 23.36 31.26 2.61
C ILE A 127 24.80 30.77 2.46
N ALA A 128 25.75 31.70 2.47
CA ALA A 128 27.15 31.33 2.31
C ALA A 128 27.63 30.48 3.46
N ALA A 129 27.25 30.84 4.69
CA ALA A 129 27.67 30.05 5.84
C ALA A 129 27.10 28.63 5.77
N ARG A 130 25.80 28.53 5.46
CA ARG A 130 25.18 27.21 5.36
C ARG A 130 25.83 26.39 4.25
N GLN A 131 26.09 27.02 3.10
CA GLN A 131 26.70 26.30 2.00
C GLN A 131 28.11 25.86 2.35
N ALA A 132 28.84 26.68 3.11
CA ALA A 132 30.17 26.29 3.54
C ALA A 132 30.12 25.07 4.43
N GLU A 133 29.20 25.05 5.40
CA GLU A 133 29.13 23.88 6.28
C GLU A 133 28.56 22.67 5.57
N VAL A 134 27.79 22.85 4.50
CA VAL A 134 27.26 21.71 3.77
C VAL A 134 28.30 21.13 2.82
N ASN A 135 29.17 21.96 2.25
CA ASN A 135 30.16 21.47 1.31
C ASN A 135 31.16 20.53 1.96
N ALA A 136 31.24 20.52 3.29
CA ALA A 136 32.13 19.59 3.96
C ALA A 136 31.72 18.14 3.74
N SER A 137 30.49 17.90 3.31
CA SER A 137 29.99 16.56 3.05
C SER A 137 30.16 16.14 1.60
N ARG A 138 30.77 16.96 0.77
CA ARG A 138 31.05 16.57 -0.60
C ARG A 138 32.09 15.46 -0.61
N VAL A 139 31.91 14.49 -1.50
CA VAL A 139 32.82 13.36 -1.62
C VAL A 139 33.87 13.70 -2.67
N ASP A 140 35.13 13.56 -2.30
CA ASP A 140 36.26 13.80 -3.20
C ASP A 140 36.75 12.49 -3.78
N PHE A 141 37.00 12.48 -5.08
CA PHE A 141 37.46 11.29 -5.77
C PHE A 141 38.79 11.48 -6.49
N PHE A 142 39.00 12.62 -7.13
CA PHE A 142 40.20 12.86 -7.91
C PHE A 142 40.61 14.32 -7.78
N THR A 143 41.88 14.59 -8.12
CA THR A 143 42.41 15.94 -8.04
C THR A 143 43.27 16.23 -9.26
N MET A 144 43.36 17.53 -9.57
CA MET A 144 44.16 18.06 -10.68
C MET A 144 43.89 17.34 -12.00
N THR B 2 -22.41 51.33 -14.42
CA THR B 2 -22.43 50.58 -15.68
C THR B 2 -22.73 49.11 -15.42
N LEU B 3 -21.85 48.46 -14.66
CA LEU B 3 -22.05 47.05 -14.34
C LEU B 3 -23.36 46.88 -13.57
N GLU B 4 -24.12 45.85 -13.94
CA GLU B 4 -25.35 45.54 -13.26
C GLU B 4 -25.06 44.99 -11.86
N THR B 5 -25.96 45.29 -10.93
CA THR B 5 -25.81 44.80 -9.57
C THR B 5 -26.24 43.34 -9.47
N ALA B 6 -25.87 42.72 -8.35
CA ALA B 6 -26.15 41.30 -8.13
C ALA B 6 -26.87 41.10 -6.82
N PHE B 7 -26.94 39.86 -6.34
CA PHE B 7 -27.59 39.56 -5.07
C PHE B 7 -27.08 40.50 -3.98
N MET B 8 -28.00 41.06 -3.20
CA MET B 8 -27.61 41.88 -2.07
C MET B 8 -26.88 41.04 -1.03
N LEU B 9 -27.38 39.84 -0.76
CA LEU B 9 -26.75 38.88 0.15
C LEU B 9 -26.40 37.66 -0.69
N PRO B 10 -25.20 37.61 -1.27
CA PRO B 10 -24.91 36.54 -2.23
C PRO B 10 -25.13 35.14 -1.69
N VAL B 11 -24.77 34.88 -0.44
CA VAL B 11 -24.89 33.53 0.11
C VAL B 11 -26.34 33.15 0.33
N GLN B 12 -27.08 33.95 1.10
CA GLN B 12 -28.47 33.62 1.38
C GLN B 12 -29.30 33.62 0.09
N ASP B 13 -29.10 34.63 -0.76
CA ASP B 13 -29.87 34.70 -1.99
C ASP B 13 -29.53 33.55 -2.92
N ALA B 14 -28.26 33.19 -3.02
CA ALA B 14 -27.88 32.04 -3.84
C ALA B 14 -28.51 30.77 -3.32
N GLN B 15 -28.51 30.58 -2.00
CA GLN B 15 -29.11 29.37 -1.43
C GLN B 15 -30.60 29.33 -1.70
N HIS B 16 -31.30 30.45 -1.51
CA HIS B 16 -32.73 30.47 -1.73
C HIS B 16 -33.06 30.21 -3.20
N SER B 17 -32.34 30.85 -4.11
CA SER B 17 -32.57 30.63 -5.52
C SER B 17 -32.30 29.20 -5.92
N PHE B 18 -31.23 28.60 -5.38
CA PHE B 18 -30.95 27.20 -5.69
C PHE B 18 -32.04 26.29 -5.17
N ARG B 19 -32.56 26.56 -3.97
CA ARG B 19 -33.62 25.72 -3.45
C ARG B 19 -34.87 25.83 -4.32
N ARG B 20 -35.20 27.04 -4.76
CA ARG B 20 -36.34 27.19 -5.66
C ARG B 20 -36.11 26.44 -6.97
N LEU B 21 -34.91 26.54 -7.52
CA LEU B 21 -34.62 25.86 -8.79
C LEU B 21 -34.64 24.35 -8.60
N LEU B 22 -34.18 23.86 -7.46
CA LEU B 22 -34.24 22.43 -7.17
C LEU B 22 -35.68 21.97 -7.05
N LYS B 23 -36.53 22.77 -6.41
CA LYS B 23 -37.95 22.44 -6.34
C LYS B 23 -38.54 22.37 -7.74
N ALA B 24 -38.18 23.32 -8.60
CA ALA B 24 -38.70 23.31 -9.96
C ALA B 24 -38.22 22.11 -10.74
N MET B 25 -36.94 21.76 -10.63
CA MET B 25 -36.37 20.69 -11.44
C MET B 25 -36.82 19.32 -10.95
N SER B 26 -36.86 19.12 -9.63
CA SER B 26 -37.23 17.82 -9.10
C SER B 26 -38.71 17.52 -9.29
N GLU B 27 -39.53 18.53 -9.51
CA GLU B 27 -40.97 18.37 -9.72
C GLU B 27 -41.34 19.11 -11.00
N PRO B 28 -41.13 18.49 -12.16
CA PRO B 28 -41.33 19.21 -13.42
C PRO B 28 -42.75 19.73 -13.53
N GLY B 29 -42.90 20.90 -14.15
CA GLY B 29 -44.18 21.52 -14.33
C GLY B 29 -44.61 22.45 -13.22
N VAL B 30 -43.85 22.53 -12.13
CA VAL B 30 -44.18 23.40 -11.02
C VAL B 30 -43.51 24.75 -11.25
N ILE B 31 -44.28 25.81 -11.16
CA ILE B 31 -43.78 27.16 -11.35
C ILE B 31 -43.35 27.73 -10.01
N VAL B 32 -42.14 28.25 -9.95
CA VAL B 32 -41.58 28.83 -8.73
C VAL B 32 -41.13 30.25 -9.03
N ALA B 33 -41.04 31.05 -7.98
CA ALA B 33 -40.67 32.46 -8.08
C ALA B 33 -39.33 32.68 -7.41
N LEU B 34 -38.40 33.29 -8.14
CA LEU B 34 -37.09 33.67 -7.60
C LEU B 34 -37.15 35.16 -7.30
N HIS B 35 -37.59 35.49 -6.09
CA HIS B 35 -37.90 36.86 -5.72
C HIS B 35 -36.73 37.60 -5.06
N GLN B 36 -35.57 36.96 -4.93
CA GLN B 36 -34.48 37.57 -4.17
C GLN B 36 -33.83 38.72 -4.94
N LEU B 37 -33.82 38.66 -6.26
CA LEU B 37 -33.22 39.71 -7.09
C LEU B 37 -34.32 40.63 -7.59
N LYS B 38 -34.16 41.92 -7.33
CA LYS B 38 -35.22 42.89 -7.61
C LYS B 38 -35.20 43.43 -9.02
N ARG B 39 -34.17 43.14 -9.81
CA ARG B 39 -34.12 43.62 -11.18
C ARG B 39 -33.12 42.76 -11.95
N GLY B 40 -33.58 42.14 -13.03
CA GLY B 40 -32.70 41.37 -13.87
C GLY B 40 -31.85 42.25 -14.76
N TRP B 41 -30.82 41.64 -15.32
CA TRP B 41 -29.91 42.34 -16.23
C TRP B 41 -30.57 42.36 -17.60
N GLN B 42 -31.36 43.41 -17.85
CA GLN B 42 -32.16 43.45 -19.05
C GLN B 42 -31.28 43.32 -20.29
N PRO B 43 -31.56 42.39 -21.21
CA PRO B 43 -32.63 41.38 -21.16
C PRO B 43 -32.25 40.16 -20.32
N ASN B 45 -34.16 38.33 -17.87
CA ASN B 45 -35.14 38.64 -16.83
C ASN B 45 -34.59 38.26 -15.46
N ILE B 46 -35.43 38.42 -14.43
CA ILE B 46 -34.97 38.20 -13.06
C ILE B 46 -34.61 36.73 -12.85
N ALA B 47 -35.47 35.82 -13.33
CA ALA B 47 -35.23 34.41 -13.09
C ALA B 47 -33.93 33.94 -13.75
N THR B 48 -33.71 34.35 -15.00
CA THR B 48 -32.50 33.95 -15.70
C THR B 48 -31.26 34.49 -14.99
N THR B 49 -31.32 35.74 -14.55
CA THR B 49 -30.19 36.32 -13.84
C THR B 49 -29.93 35.58 -12.53
N SER B 50 -30.99 35.24 -11.80
CA SER B 50 -30.81 34.51 -10.55
C SER B 50 -30.19 33.14 -10.80
N VAL B 51 -30.65 32.44 -11.84
CA VAL B 51 -30.08 31.13 -12.14
C VAL B 51 -28.61 31.25 -12.50
N LEU B 52 -28.26 32.22 -13.35
CA LEU B 52 -26.86 32.40 -13.71
C LEU B 52 -26.01 32.76 -12.50
N LEU B 53 -26.51 33.65 -11.63
CA LEU B 53 -25.75 34.05 -10.46
C LEU B 53 -25.60 32.93 -9.44
N THR B 54 -26.57 32.02 -9.36
CA THR B 54 -26.51 30.96 -8.37
C THR B 54 -25.83 29.69 -8.88
N LEU B 55 -25.67 29.54 -10.19
CA LEU B 55 -25.04 28.35 -10.74
C LEU B 55 -23.77 28.65 -11.52
N ALA B 56 -23.81 29.62 -12.44
CA ALA B 56 -22.67 29.83 -13.32
C ALA B 56 -21.47 30.31 -12.54
N ASP B 57 -20.29 29.85 -12.96
CA ASP B 57 -19.03 30.30 -12.38
C ASP B 57 -17.92 30.04 -13.40
N ASN B 58 -16.68 30.13 -12.95
CA ASN B 58 -15.54 30.02 -13.87
C ASN B 58 -15.49 28.69 -14.60
N ASP B 59 -16.09 27.64 -14.04
CA ASP B 59 -16.02 26.31 -14.63
C ASP B 59 -17.13 26.04 -15.64
N THR B 60 -18.10 26.94 -15.77
CA THR B 60 -19.27 26.72 -16.62
C THR B 60 -19.31 27.75 -17.74
N PRO B 61 -18.87 27.41 -18.95
CA PRO B 61 -19.02 28.33 -20.07
C PRO B 61 -20.49 28.66 -20.31
N VAL B 62 -20.75 29.92 -20.63
CA VAL B 62 -22.10 30.42 -20.81
C VAL B 62 -22.20 31.00 -22.22
N TRP B 63 -23.24 30.61 -22.95
CA TRP B 63 -23.50 31.11 -24.28
C TRP B 63 -24.80 31.89 -24.26
N LEU B 64 -24.75 33.14 -24.68
CA LEU B 64 -25.93 34.00 -24.75
C LEU B 64 -26.33 34.16 -26.21
N SER B 65 -27.60 33.93 -26.49
CA SER B 65 -28.11 34.12 -27.84
C SER B 65 -27.97 35.59 -28.24
N THR B 66 -27.90 35.82 -29.54
CA THR B 66 -27.69 37.19 -30.03
C THR B 66 -28.71 38.18 -29.49
N PRO B 67 -30.00 37.88 -29.42
CA PRO B 67 -30.93 38.86 -28.83
C PRO B 67 -30.56 39.25 -27.42
N LEU B 68 -30.07 38.31 -26.62
CA LEU B 68 -29.68 38.59 -25.24
C LEU B 68 -28.21 38.90 -25.09
N ASN B 69 -27.43 38.84 -26.16
CA ASN B 69 -25.98 39.03 -26.06
C ASN B 69 -25.66 40.53 -26.12
N ASN B 70 -25.99 41.20 -25.02
CA ASN B 70 -25.65 42.60 -24.85
C ASN B 70 -24.27 42.75 -24.24
N ASP B 71 -23.68 43.93 -24.39
CA ASP B 71 -22.34 44.17 -23.84
C ASP B 71 -22.39 44.35 -22.33
N ILE B 72 -23.38 45.08 -21.83
CA ILE B 72 -23.46 45.31 -20.39
C ILE B 72 -23.64 44.01 -19.64
N VAL B 73 -24.50 43.12 -20.15
CA VAL B 73 -24.72 41.84 -19.48
C VAL B 73 -23.44 41.00 -19.54
N ASN B 74 -22.70 41.07 -20.65
CA ASN B 74 -21.44 40.35 -20.72
C ASN B 74 -20.47 40.84 -19.65
N GLN B 75 -20.36 42.16 -19.50
CA GLN B 75 -19.48 42.70 -18.46
C GLN B 75 -19.95 42.26 -17.07
N SER B 76 -21.26 42.29 -16.84
CA SER B 76 -21.78 41.90 -15.53
C SER B 76 -21.52 40.43 -15.24
N LEU B 77 -21.71 39.55 -16.22
CA LEU B 77 -21.39 38.14 -16.03
C LEU B 77 -19.92 37.94 -15.75
N ARG B 78 -19.05 38.61 -16.51
CA ARG B 78 -17.63 38.46 -16.27
C ARG B 78 -17.26 38.93 -14.87
N PHE B 79 -17.86 40.04 -14.41
CA PHE B 79 -17.47 40.61 -13.13
C PHE B 79 -18.00 39.79 -11.96
N HIS B 80 -19.26 39.36 -12.04
CA HIS B 80 -19.89 38.71 -10.90
C HIS B 80 -19.68 37.20 -10.91
N THR B 81 -20.18 36.52 -11.94
CA THR B 81 -20.05 35.07 -11.99
C THR B 81 -18.64 34.62 -12.34
N ASN B 82 -17.92 35.43 -13.12
CA ASN B 82 -16.57 35.10 -13.58
C ASN B 82 -16.56 34.00 -14.61
N ALA B 83 -17.71 33.65 -15.15
CA ALA B 83 -17.80 32.55 -16.11
C ALA B 83 -17.24 32.98 -17.46
N PRO B 84 -16.71 32.03 -18.25
CA PRO B 84 -16.27 32.37 -19.60
C PRO B 84 -17.44 32.40 -20.57
N LEU B 85 -17.53 33.46 -21.36
CA LEU B 85 -18.61 33.64 -22.31
C LEU B 85 -18.16 33.13 -23.67
N VAL B 86 -18.70 32.00 -24.09
CA VAL B 86 -18.33 31.41 -25.37
C VAL B 86 -19.27 31.94 -26.45
N SER B 87 -18.85 31.76 -27.70
CA SER B 87 -19.61 32.27 -28.84
C SER B 87 -20.41 31.18 -29.55
N GLN B 88 -20.01 29.93 -29.44
CA GLN B 88 -20.70 28.83 -30.10
C GLN B 88 -21.48 28.00 -29.10
N PRO B 89 -22.71 27.61 -29.41
CA PRO B 89 -23.49 26.82 -28.45
C PRO B 89 -22.85 25.48 -28.11
N GLU B 90 -21.99 24.95 -28.98
CA GLU B 90 -21.40 23.64 -28.70
C GLU B 90 -20.55 23.65 -27.44
N GLN B 91 -19.96 24.79 -27.11
CA GLN B 91 -19.06 24.89 -25.97
C GLN B 91 -19.76 25.31 -24.69
N ALA B 92 -21.08 25.47 -24.72
CA ALA B 92 -21.81 26.10 -23.63
C ALA B 92 -22.29 25.04 -22.64
N THR B 93 -21.90 25.19 -21.37
CA THR B 93 -22.53 24.42 -20.31
C THR B 93 -23.90 25.00 -19.98
N PHE B 94 -24.02 26.32 -20.01
CA PHE B 94 -25.30 27.01 -19.82
C PHE B 94 -25.60 27.78 -21.09
N ALA B 95 -26.71 27.46 -21.73
CA ALA B 95 -27.15 28.15 -22.94
C ALA B 95 -28.35 29.01 -22.60
N VAL B 96 -28.22 30.32 -22.78
CA VAL B 96 -29.27 31.27 -22.49
C VAL B 96 -29.78 31.83 -23.81
N THR B 97 -31.09 31.83 -23.99
CA THR B 97 -31.68 32.28 -25.25
C THR B 97 -33.13 32.65 -24.99
N ASP B 98 -33.81 33.05 -26.06
CA ASP B 98 -35.22 33.44 -25.97
C ASP B 98 -36.04 32.65 -26.98
N GLU B 99 -37.30 33.03 -27.17
CA GLU B 99 -38.17 32.27 -28.07
C GLU B 99 -37.74 32.34 -29.53
N ALA B 100 -36.65 33.04 -29.83
CA ALA B 100 -36.14 33.13 -31.20
C ALA B 100 -35.11 32.05 -31.49
N ILE B 101 -34.89 31.11 -30.57
CA ILE B 101 -33.88 30.07 -30.78
C ILE B 101 -34.22 29.30 -32.05
N SER B 102 -33.20 29.06 -32.86
CA SER B 102 -33.35 28.31 -34.11
C SER B 102 -33.12 26.83 -33.86
N SER B 103 -33.60 26.01 -34.79
CA SER B 103 -33.45 24.57 -34.64
C SER B 103 -31.98 24.16 -34.65
N GLU B 104 -31.17 24.79 -35.52
CA GLU B 104 -29.76 24.45 -35.57
C GLU B 104 -29.07 24.76 -34.25
N GLN B 105 -29.38 25.91 -33.66
CA GLN B 105 -28.78 26.27 -32.38
C GLN B 105 -29.17 25.26 -31.31
N LEU B 106 -30.44 24.86 -31.27
CA LEU B 106 -30.87 23.87 -30.30
C LEU B 106 -30.16 22.54 -30.50
N ASN B 107 -29.98 22.12 -31.75
CA ASN B 107 -29.31 20.86 -32.03
C ASN B 107 -27.82 20.93 -31.78
N ALA B 108 -27.24 22.14 -31.75
CA ALA B 108 -25.81 22.26 -31.52
C ALA B 108 -25.42 22.07 -30.06
N LEU B 109 -26.36 22.20 -29.14
CA LEU B 109 -26.03 22.11 -27.72
C LEU B 109 -25.48 20.73 -27.39
N SER B 110 -24.57 20.69 -26.42
CA SER B 110 -24.02 19.43 -25.98
C SER B 110 -25.03 18.67 -25.13
N THR B 111 -25.33 17.44 -25.53
CA THR B 111 -26.28 16.58 -24.83
C THR B 111 -25.57 15.57 -23.93
N GLY B 112 -24.25 15.67 -23.79
CA GLY B 112 -23.51 14.70 -23.02
C GLY B 112 -23.27 13.43 -23.80
N THR B 113 -22.61 12.49 -23.13
CA THR B 113 -22.33 11.18 -23.71
C THR B 113 -22.97 10.11 -22.84
N ALA B 114 -23.27 8.97 -23.47
CA ALA B 114 -23.91 7.88 -22.74
C ALA B 114 -23.10 7.48 -21.52
N VAL B 115 -21.77 7.65 -21.58
CA VAL B 115 -20.91 7.31 -20.46
C VAL B 115 -20.78 8.44 -19.46
N ALA B 116 -21.27 9.64 -19.79
CA ALA B 116 -21.19 10.80 -18.90
C ALA B 116 -22.27 11.79 -19.31
N PRO B 117 -23.54 11.43 -19.07
CA PRO B 117 -24.64 12.31 -19.51
C PRO B 117 -24.65 13.67 -18.84
N GLU B 118 -24.01 13.83 -17.68
CA GLU B 118 -24.02 15.12 -17.02
C GLU B 118 -23.13 16.14 -17.72
N ALA B 119 -22.32 15.73 -18.68
CA ALA B 119 -21.45 16.65 -19.40
C ALA B 119 -22.23 17.55 -20.37
N GLY B 120 -23.50 17.28 -20.59
CA GLY B 120 -24.29 18.07 -21.52
C GLY B 120 -24.43 19.50 -21.09
N ALA B 121 -25.36 20.19 -21.74
CA ALA B 121 -25.63 21.59 -21.51
C ALA B 121 -27.04 21.78 -20.99
N THR B 122 -27.25 22.83 -20.21
CA THR B 122 -28.56 23.20 -19.69
C THR B 122 -29.04 24.42 -20.43
N LEU B 123 -30.25 24.35 -20.97
CA LEU B 123 -30.81 25.44 -21.77
C LEU B 123 -31.76 26.26 -20.91
N ILE B 124 -31.49 27.55 -20.80
CA ILE B 124 -32.36 28.49 -20.12
C ILE B 124 -33.07 29.30 -21.20
N LEU B 125 -34.36 29.03 -21.38
CA LEU B 125 -35.14 29.64 -22.43
C LEU B 125 -36.07 30.69 -21.83
N GLN B 126 -36.05 31.89 -22.38
CA GLN B 126 -36.91 32.98 -21.93
C GLN B 126 -38.15 33.03 -22.81
N VAL B 127 -39.32 32.91 -22.20
CA VAL B 127 -40.57 32.82 -22.93
C VAL B 127 -41.41 34.04 -22.59
N ALA B 128 -42.33 34.38 -23.51
CA ALA B 128 -43.20 35.52 -23.29
C ALA B 128 -44.06 35.32 -22.06
N SER B 129 -44.62 34.12 -21.88
CA SER B 129 -45.40 33.81 -20.71
C SER B 129 -45.34 32.31 -20.45
N LEU B 130 -45.62 31.93 -19.21
CA LEU B 130 -45.64 30.54 -18.82
C LEU B 130 -47.04 29.94 -18.87
N SER B 131 -48.01 30.69 -19.37
CA SER B 131 -49.39 30.20 -19.48
C SER B 131 -50.06 30.89 -20.65
N GLY B 132 -50.60 30.10 -21.57
CA GLY B 132 -51.29 30.65 -22.71
C GLY B 132 -50.96 29.95 -24.02
N GLY B 133 -49.87 29.19 -24.03
CA GLY B 133 -49.45 28.47 -25.21
C GLY B 133 -50.17 27.14 -25.34
N ARG B 134 -49.64 26.32 -26.25
CA ARG B 134 -50.21 24.99 -26.45
C ARG B 134 -50.18 24.21 -25.16
N MET B 135 -51.29 23.58 -24.82
CA MET B 135 -51.36 22.82 -23.58
C MET B 135 -50.50 21.57 -23.71
N LEU B 136 -49.81 21.23 -22.63
CA LEU B 136 -48.88 20.11 -22.59
C LEU B 136 -49.12 19.27 -21.35
N ARG B 137 -48.98 17.96 -21.51
CA ARG B 137 -49.18 16.99 -20.45
C ARG B 137 -47.82 16.37 -20.13
N LEU B 138 -47.45 16.40 -18.86
CA LEU B 138 -46.16 15.91 -18.39
C LEU B 138 -46.38 14.71 -17.48
N THR B 139 -45.58 13.67 -17.69
CA THR B 139 -45.59 12.51 -16.82
C THR B 139 -44.16 12.01 -16.68
N GLY B 140 -43.91 11.29 -15.60
CA GLY B 140 -42.60 10.70 -15.36
C GLY B 140 -42.13 11.03 -13.96
N ALA B 141 -40.81 10.96 -13.78
CA ALA B 141 -40.22 11.23 -12.47
C ALA B 141 -40.51 12.66 -12.05
N GLY B 142 -40.95 12.83 -10.81
CA GLY B 142 -41.28 14.13 -10.27
C GLY B 142 -42.75 14.46 -10.29
N ILE B 143 -43.54 13.76 -11.10
CA ILE B 143 -44.98 14.01 -11.22
C ILE B 143 -45.70 12.80 -10.66
N ALA B 144 -46.60 13.06 -9.71
CA ALA B 144 -47.36 11.97 -9.09
C ALA B 144 -48.17 11.22 -10.14
N GLU B 145 -49.14 11.90 -10.76
CA GLU B 145 -49.96 11.32 -11.81
C GLU B 145 -49.71 11.96 -13.16
N GLU B 146 -49.88 13.28 -13.24
CA GLU B 146 -49.70 14.01 -14.49
C GLU B 146 -49.83 15.51 -14.21
N ARG B 147 -49.10 16.33 -14.96
CA ARG B 147 -49.15 17.78 -14.77
C ARG B 147 -49.50 18.44 -16.09
N MET B 148 -50.35 19.46 -16.04
CA MET B 148 -50.82 20.15 -17.23
C MET B 148 -50.24 21.56 -17.21
N ILE B 149 -49.36 21.86 -18.16
CA ILE B 149 -48.72 23.17 -18.24
C ILE B 149 -48.84 23.67 -19.67
N ALA B 150 -49.04 24.99 -19.83
CA ALA B 150 -49.25 25.60 -21.15
C ALA B 150 -48.28 26.76 -21.35
N PRO B 151 -46.99 26.50 -21.38
CA PRO B 151 -46.03 27.57 -21.67
C PRO B 151 -46.06 27.97 -23.13
N ARG B 152 -45.69 29.23 -23.38
CA ARG B 152 -45.66 29.79 -24.72
C ARG B 152 -44.21 29.75 -25.20
N LEU B 153 -43.83 28.65 -25.83
CA LEU B 153 -42.46 28.39 -26.23
C LEU B 153 -42.36 27.95 -27.68
N PRO B 154 -41.19 28.07 -28.31
CA PRO B 154 -41.11 27.91 -29.76
C PRO B 154 -41.47 26.52 -30.26
N GLU B 155 -41.48 26.34 -31.57
CA GLU B 155 -41.84 25.06 -32.15
C GLU B 155 -40.71 24.05 -32.01
N CYS B 156 -39.46 24.48 -32.20
CA CYS B 156 -38.34 23.55 -32.11
C CYS B 156 -38.27 22.93 -30.72
N ILE B 157 -38.51 23.72 -29.69
CA ILE B 157 -38.49 23.19 -28.33
C ILE B 157 -39.62 22.18 -28.14
N LEU B 158 -40.80 22.46 -28.69
CA LEU B 158 -41.88 21.48 -28.60
C LEU B 158 -41.49 20.18 -29.27
N HIS B 159 -40.86 20.26 -30.44
CA HIS B 159 -40.43 19.04 -31.11
C HIS B 159 -39.42 18.29 -30.28
N GLU B 160 -38.45 19.01 -29.70
CA GLU B 160 -37.44 18.37 -28.86
C GLU B 160 -38.09 17.66 -27.68
N LEU B 161 -39.04 18.31 -27.01
CA LEU B 161 -39.64 17.72 -25.82
C LEU B 161 -40.51 16.53 -26.19
N THR B 162 -41.37 16.67 -27.20
CA THR B 162 -42.31 15.61 -27.51
C THR B 162 -41.62 14.40 -28.12
N GLU B 163 -40.63 14.62 -28.97
CA GLU B 163 -39.98 13.51 -29.68
C GLU B 163 -38.73 13.01 -28.98
N ARG B 164 -38.00 13.88 -28.30
CA ARG B 164 -36.76 13.49 -27.65
C ARG B 164 -35.85 12.78 -28.65
N PRO B 165 -35.30 13.50 -29.63
CA PRO B 165 -34.43 12.84 -30.61
C PRO B 165 -33.24 12.16 -29.97
N HIS B 166 -32.73 12.67 -28.87
CA HIS B 166 -31.62 12.06 -28.17
C HIS B 166 -32.16 11.20 -27.03
N PRO B 167 -32.04 9.88 -27.08
CA PRO B 167 -32.64 9.05 -26.03
C PRO B 167 -31.98 9.24 -24.68
N PHE B 168 -32.76 9.00 -23.64
CA PHE B 168 -32.24 9.05 -22.28
C PHE B 168 -31.06 8.07 -22.15
N PRO B 169 -30.01 8.43 -21.39
CA PRO B 169 -29.79 9.59 -20.53
C PRO B 169 -29.38 10.86 -21.25
N LEU B 170 -29.09 10.78 -22.55
CA LEU B 170 -28.75 11.98 -23.28
C LEU B 170 -29.93 12.93 -23.34
N GLY B 171 -29.62 14.22 -23.41
CA GLY B 171 -30.66 15.23 -23.51
C GLY B 171 -30.23 16.51 -22.83
N ILE B 172 -31.09 17.51 -22.94
CA ILE B 172 -30.85 18.83 -22.35
C ILE B 172 -31.99 19.13 -21.39
N ASP B 173 -31.64 19.60 -20.20
CA ASP B 173 -32.65 20.04 -19.24
C ASP B 173 -33.07 21.47 -19.58
N LEU B 174 -34.37 21.70 -19.65
CA LEU B 174 -34.92 22.97 -20.08
C LEU B 174 -35.38 23.78 -18.87
N ILE B 175 -35.03 25.06 -18.85
CA ILE B 175 -35.45 25.95 -17.77
C ILE B 175 -36.16 27.15 -18.39
N LEU B 176 -37.49 27.07 -18.46
CA LEU B 176 -38.27 28.20 -18.94
C LEU B 176 -38.33 29.29 -17.88
N THR B 177 -38.19 30.54 -18.31
CA THR B 177 -38.21 31.67 -17.39
C THR B 177 -39.12 32.75 -17.93
N CYS B 178 -39.76 33.48 -17.02
CA CYS B 178 -40.60 34.61 -17.39
C CYS B 178 -40.71 35.52 -16.18
N GLY B 179 -40.21 36.74 -16.30
CA GLY B 179 -40.17 37.61 -15.13
C GLY B 179 -39.36 36.96 -14.04
N GLU B 180 -39.93 36.92 -12.84
CA GLU B 180 -39.28 36.27 -11.71
C GLU B 180 -39.73 34.82 -11.54
N ARG B 181 -40.58 34.32 -12.43
CA ARG B 181 -41.11 32.97 -12.30
C ARG B 181 -40.38 32.02 -13.24
N LEU B 182 -40.28 30.76 -12.80
CA LEU B 182 -39.43 29.78 -13.44
C LEU B 182 -40.15 28.45 -13.52
N LEU B 183 -39.73 27.63 -14.48
CA LEU B 183 -40.33 26.32 -14.71
C LEU B 183 -39.24 25.44 -15.29
N ALA B 184 -39.25 24.16 -14.92
CA ALA B 184 -38.16 23.25 -15.31
C ALA B 184 -38.72 21.97 -15.89
N ILE B 185 -38.10 21.51 -16.97
CA ILE B 185 -38.43 20.25 -17.61
C ILE B 185 -37.13 19.46 -17.78
N PRO B 186 -36.89 18.46 -16.93
CA PRO B 186 -35.67 17.66 -17.07
C PRO B 186 -35.74 16.78 -18.31
N ARG B 187 -34.58 16.21 -18.66
CA ARG B 187 -34.50 15.34 -19.82
C ARG B 187 -35.26 14.04 -19.65
N THR B 188 -35.69 13.73 -18.43
CA THR B 188 -36.37 12.47 -18.13
C THR B 188 -37.88 12.61 -18.07
N THR B 189 -38.41 13.75 -18.50
CA THR B 189 -39.84 14.02 -18.44
C THR B 189 -40.49 13.70 -19.78
N HIS B 190 -41.58 12.93 -19.74
CA HIS B 190 -42.34 12.60 -20.93
C HIS B 190 -43.39 13.67 -21.15
N VAL B 191 -43.25 14.46 -22.23
CA VAL B 191 -44.17 15.59 -22.58
C VAL B 191 -45.02 15.11 -23.74
N GLU B 192 -46.31 15.49 -23.81
CA GLU B 192 -47.19 15.13 -24.94
C GLU B 192 -48.22 16.23 -25.14
N VAL B 193 -48.23 16.90 -26.28
CA VAL B 193 -49.26 17.93 -26.60
C VAL B 193 -50.62 17.49 -26.07
N CYS B 194 -51.26 18.30 -25.24
CA CYS B 194 -52.61 18.06 -24.68
C CYS B 194 -52.77 16.59 -24.26
N MET C 1 -39.60 -2.79 32.35
CA MET C 1 -39.65 -1.91 31.15
C MET C 1 -38.41 -1.04 31.10
N TYR C 2 -37.91 -0.81 29.90
CA TYR C 2 -36.75 0.05 29.67
C TYR C 2 -37.20 1.36 29.04
N VAL C 3 -36.43 2.41 29.28
CA VAL C 3 -36.67 3.72 28.71
C VAL C 3 -35.35 4.23 28.12
N ALA C 4 -35.41 4.71 26.89
CA ALA C 4 -34.22 5.23 26.24
C ALA C 4 -33.77 6.52 26.90
N VAL C 5 -32.45 6.73 26.93
CA VAL C 5 -31.85 7.93 27.50
C VAL C 5 -30.82 8.47 26.53
N LYS C 6 -30.44 9.73 26.74
CA LYS C 6 -29.44 10.39 25.90
C LYS C 6 -28.09 10.30 26.58
N GLY C 7 -27.13 9.69 25.90
CA GLY C 7 -25.79 9.58 26.45
C GLY C 7 -24.69 9.75 25.41
N GLY C 8 -25.07 9.99 24.16
CA GLY C 8 -24.07 10.13 23.12
C GLY C 8 -23.23 11.38 23.28
N GLU C 9 -23.88 12.53 23.49
CA GLU C 9 -23.15 13.79 23.53
C GLU C 9 -22.19 13.84 24.72
N LYS C 10 -22.66 13.43 25.90
CA LYS C 10 -21.78 13.46 27.07
C LYS C 10 -20.68 12.41 26.94
N ALA C 11 -21.00 11.27 26.34
CA ALA C 11 -19.99 10.25 26.11
C ALA C 11 -18.87 10.77 25.23
N ILE C 12 -19.22 11.42 24.12
CA ILE C 12 -18.18 11.92 23.22
C ILE C 12 -17.41 13.06 23.88
N ASP C 13 -18.10 13.90 24.66
CA ASP C 13 -17.40 14.96 25.38
C ASP C 13 -16.37 14.37 26.33
N ALA C 14 -16.75 13.35 27.09
CA ALA C 14 -15.82 12.71 28.02
C ALA C 14 -14.68 12.04 27.26
N ALA C 15 -14.97 11.39 26.14
CA ALA C 15 -13.92 10.74 25.38
C ALA C 15 -12.91 11.75 24.85
N HIS C 16 -13.39 12.88 24.36
CA HIS C 16 -12.47 13.90 23.85
C HIS C 16 -11.67 14.54 24.98
N ALA C 17 -12.28 14.73 26.14
CA ALA C 17 -11.51 15.21 27.28
C ALA C 17 -10.43 14.21 27.66
N LEU C 18 -10.75 12.92 27.65
CA LEU C 18 -9.75 11.90 27.96
C LEU C 18 -8.63 11.93 26.94
N GLN C 19 -8.97 12.07 25.65
CA GLN C 19 -7.95 12.11 24.63
C GLN C 19 -7.04 13.33 24.80
N GLU C 20 -7.62 14.49 25.11
CA GLU C 20 -6.80 15.67 25.32
C GLU C 20 -5.89 15.50 26.54
N SER C 21 -6.43 14.94 27.62
CA SER C 21 -5.60 14.70 28.79
C SER C 21 -4.46 13.74 28.49
N ARG C 22 -4.75 12.69 27.72
CA ARG C 22 -3.71 11.75 27.34
C ARG C 22 -2.66 12.42 26.45
N ARG C 23 -3.10 13.27 25.54
CA ARG C 23 -2.16 13.99 24.67
C ARG C 23 -1.25 14.89 25.48
N ARG C 24 -1.80 15.58 26.47
CA ARG C 24 -0.96 16.41 27.32
C ARG C 24 0.03 15.57 28.11
N GLY C 25 -0.35 14.35 28.47
CA GLY C 25 0.56 13.48 29.18
C GLY C 25 0.74 13.94 30.63
N ASP C 26 1.87 13.50 31.20
CA ASP C 26 2.19 13.88 32.56
C ASP C 26 2.39 15.39 32.66
N THR C 27 1.59 16.03 33.52
CA THR C 27 1.63 17.48 33.64
C THR C 27 2.97 17.98 34.17
N ASP C 28 3.74 17.12 34.82
CA ASP C 28 5.05 17.55 35.31
C ASP C 28 5.97 17.94 34.16
N LEU C 29 6.00 17.14 33.11
CA LEU C 29 6.84 17.46 31.97
C LEU C 29 6.27 18.67 31.23
N PRO C 30 7.11 19.59 30.78
CA PRO C 30 6.59 20.74 30.02
C PRO C 30 5.97 20.30 28.70
N GLU C 31 4.94 21.02 28.29
CA GLU C 31 4.26 20.71 27.04
C GLU C 31 5.17 21.10 25.88
N LEU C 32 5.53 20.12 25.05
CA LEU C 32 6.43 20.40 23.95
C LEU C 32 5.77 21.34 22.96
N SER C 33 6.51 22.36 22.54
CA SER C 33 5.96 23.40 21.68
C SER C 33 6.01 22.96 20.22
N VAL C 34 5.26 23.68 19.39
CA VAL C 34 5.25 23.39 17.96
C VAL C 34 6.61 23.67 17.35
N ALA C 35 7.32 24.69 17.83
CA ALA C 35 8.65 24.98 17.31
C ALA C 35 9.60 23.81 17.53
N GLN C 36 9.55 23.20 18.71
CA GLN C 36 10.40 22.04 18.97
C GLN C 36 10.08 20.92 18.01
N ILE C 37 8.80 20.69 17.73
CA ILE C 37 8.43 19.60 16.84
C ILE C 37 8.91 19.88 15.42
N GLU C 38 8.71 21.12 14.94
CA GLU C 38 9.11 21.40 13.57
C GLU C 38 10.62 21.50 13.41
N GLN C 39 11.35 21.68 14.51
CA GLN C 39 12.80 21.73 14.43
C GLN C 39 13.43 20.35 14.58
N GLN C 40 13.00 19.59 15.59
CA GLN C 40 13.69 18.37 15.99
C GLN C 40 13.00 17.10 15.51
N LEU C 41 11.75 17.18 15.05
CA LEU C 41 11.06 16.07 14.40
C LEU C 41 10.80 16.38 12.94
N ASN C 42 11.83 16.95 12.29
CA ASN C 42 11.65 17.50 10.96
C ASN C 42 11.24 16.44 9.94
N LEU C 43 11.71 15.20 10.11
CA LEU C 43 11.39 14.18 9.12
C LEU C 43 9.93 13.76 9.17
N ALA C 44 9.30 13.77 10.34
CA ALA C 44 7.87 13.55 10.40
C ALA C 44 7.11 14.70 9.74
N VAL C 45 7.57 15.93 9.99
CA VAL C 45 6.93 17.10 9.40
C VAL C 45 7.03 17.06 7.89
N ASP C 46 8.13 16.50 7.36
CA ASP C 46 8.27 16.39 5.91
C ASP C 46 7.17 15.54 5.31
N ARG C 47 6.95 14.35 5.87
CA ARG C 47 5.88 13.49 5.38
C ARG C 47 4.54 14.15 5.55
N VAL C 48 4.31 14.81 6.69
CA VAL C 48 3.01 15.43 6.91
C VAL C 48 2.75 16.53 5.88
N MET C 49 3.75 17.35 5.59
CA MET C 49 3.55 18.38 4.56
C MET C 49 3.31 17.76 3.19
N THR C 50 4.08 16.74 2.85
CA THR C 50 3.97 16.16 1.50
C THR C 50 2.58 15.55 1.30
N GLU C 51 2.11 14.76 2.25
CA GLU C 51 0.87 14.03 2.05
C GLU C 51 -0.35 14.86 2.46
N GLY C 52 -0.16 15.93 3.24
CA GLY C 52 -1.26 16.80 3.60
C GLY C 52 -1.55 17.87 2.58
N GLY C 53 -0.62 18.13 1.68
CA GLY C 53 -0.84 19.07 0.59
C GLY C 53 -0.42 20.49 0.86
N ILE C 54 0.03 20.82 2.07
CA ILE C 54 0.47 22.17 2.42
C ILE C 54 1.93 22.10 2.81
N ALA C 55 2.73 23.00 2.27
CA ALA C 55 4.18 23.04 2.48
C ALA C 55 4.57 24.04 3.56
N ASP C 56 3.75 24.18 4.59
CA ASP C 56 4.07 25.03 5.74
C ASP C 56 4.54 24.13 6.89
N ARG C 57 5.78 24.34 7.32
CA ARG C 57 6.34 23.50 8.38
C ARG C 57 5.60 23.69 9.70
N GLU C 58 5.27 24.92 10.05
CA GLU C 58 4.63 25.16 11.33
C GLU C 58 3.25 24.51 11.39
N LEU C 59 2.50 24.58 10.29
CA LEU C 59 1.19 23.93 10.27
C LEU C 59 1.31 22.43 10.41
N ALA C 60 2.28 21.82 9.72
CA ALA C 60 2.47 20.39 9.81
C ALA C 60 2.84 19.99 11.24
N ALA C 61 3.72 20.75 11.87
CA ALA C 61 4.10 20.44 13.25
C ALA C 61 2.92 20.62 14.20
N LEU C 62 2.10 21.64 13.96
CA LEU C 62 0.91 21.83 14.79
C LEU C 62 -0.04 20.66 14.63
N ALA C 63 -0.23 20.19 13.40
CA ALA C 63 -1.07 19.02 13.18
C ALA C 63 -0.50 17.80 13.90
N LEU C 64 0.81 17.61 13.85
CA LEU C 64 1.42 16.48 14.55
C LEU C 64 1.18 16.58 16.05
N LYS C 65 1.35 17.77 16.62
CA LYS C 65 1.13 17.94 18.05
C LYS C 65 -0.33 17.64 18.41
N GLN C 66 -1.26 18.18 17.62
CA GLN C 66 -2.67 17.95 17.91
C GLN C 66 -3.06 16.49 17.70
N ALA C 67 -2.34 15.79 16.83
CA ALA C 67 -2.66 14.40 16.50
C ALA C 67 -1.93 13.41 17.38
N SER C 68 -1.29 13.86 18.46
CA SER C 68 -0.55 12.99 19.35
C SER C 68 0.55 12.24 18.61
N GLY C 69 1.09 12.85 17.57
CA GLY C 69 2.14 12.23 16.79
C GLY C 69 1.69 11.28 15.72
N ASP C 70 0.39 11.02 15.61
CA ASP C 70 -0.12 10.09 14.61
C ASP C 70 -0.01 10.70 13.23
N ASN C 71 0.75 10.07 12.35
CA ASN C 71 0.98 10.63 11.03
C ASN C 71 -0.30 10.69 10.22
N VAL C 72 -1.13 9.66 10.28
CA VAL C 72 -2.35 9.64 9.49
C VAL C 72 -3.31 10.73 9.97
N GLU C 73 -3.49 10.84 11.28
CA GLU C 73 -4.38 11.86 11.82
C GLU C 73 -3.86 13.25 11.52
N ALA C 74 -2.56 13.47 11.63
CA ALA C 74 -1.99 14.77 11.32
C ALA C 74 -2.16 15.10 9.84
N ILE C 75 -1.95 14.13 8.97
CA ILE C 75 -2.15 14.35 7.54
C ILE C 75 -3.58 14.74 7.26
N PHE C 76 -4.53 14.04 7.89
CA PHE C 76 -5.94 14.38 7.68
C PHE C 76 -6.25 15.78 8.20
N LEU C 77 -5.68 16.15 9.36
CA LEU C 77 -5.90 17.49 9.89
C LEU C 77 -5.42 18.54 8.91
N LEU C 78 -4.21 18.37 8.39
CA LEU C 78 -3.66 19.35 7.45
C LEU C 78 -4.49 19.39 6.17
N ARG C 79 -4.89 18.24 5.65
CA ARG C 79 -5.69 18.21 4.44
C ARG C 79 -7.03 18.89 4.65
N ALA C 80 -7.67 18.66 5.79
CA ALA C 80 -8.94 19.33 6.08
C ALA C 80 -8.75 20.83 6.20
N TYR C 81 -7.67 21.27 6.85
CA TYR C 81 -7.39 22.69 6.92
C TYR C 81 -7.18 23.29 5.54
N ARG C 82 -6.64 22.50 4.61
CA ARG C 82 -6.46 22.99 3.24
C ARG C 82 -7.77 23.50 2.66
N THR C 83 -8.88 22.83 2.96
CA THR C 83 -10.16 23.23 2.40
C THR C 83 -10.53 24.64 2.83
N THR C 84 -10.21 25.01 4.07
CA THR C 84 -10.59 26.31 4.59
C THR C 84 -9.91 27.44 3.82
N LEU C 85 -8.64 27.26 3.47
CA LEU C 85 -7.88 28.33 2.85
C LEU C 85 -8.33 28.55 1.40
N ALA C 86 -8.06 29.75 0.91
CA ALA C 86 -8.37 30.14 -0.46
C ALA C 86 -7.11 30.10 -1.31
N LYS C 87 -7.28 29.83 -2.60
CA LYS C 87 -6.17 29.78 -3.54
C LYS C 87 -5.92 31.19 -4.04
N LEU C 88 -4.90 31.84 -3.48
CA LEU C 88 -4.60 33.22 -3.87
C LEU C 88 -3.90 33.31 -5.21
N ALA C 89 -3.11 32.31 -5.58
CA ALA C 89 -2.36 32.37 -6.83
C ALA C 89 -1.89 30.97 -7.19
N VAL C 90 -1.42 30.84 -8.43
CA VAL C 90 -0.80 29.62 -8.92
C VAL C 90 0.62 29.97 -9.31
N SER C 91 1.59 29.27 -8.74
CA SER C 91 2.98 29.61 -8.96
C SER C 91 3.40 29.30 -10.38
N GLU C 92 4.45 29.99 -10.83
CA GLU C 92 5.10 29.61 -12.07
C GLU C 92 5.77 28.26 -11.90
N PRO C 93 5.91 27.48 -12.97
CA PRO C 93 6.48 26.15 -12.83
C PRO C 93 7.84 26.19 -12.14
N LEU C 94 8.04 25.27 -11.20
CA LEU C 94 9.28 25.24 -10.45
C LEU C 94 10.45 24.91 -11.38
N ASP C 95 11.58 25.56 -11.14
CA ASP C 95 12.80 25.36 -11.92
C ASP C 95 13.83 24.73 -10.98
N THR C 96 13.81 23.40 -10.89
CA THR C 96 14.72 22.70 -10.00
C THR C 96 16.18 22.92 -10.37
N THR C 97 16.46 23.35 -11.60
CA THR C 97 17.83 23.57 -12.01
C THR C 97 18.49 24.69 -11.23
N GLY C 98 17.71 25.53 -10.56
CA GLY C 98 18.25 26.65 -9.83
C GLY C 98 17.97 26.57 -8.34
N MET C 99 18.10 25.38 -7.76
CA MET C 99 17.88 25.20 -6.34
C MET C 99 19.20 25.28 -5.58
N ARG C 100 19.14 25.83 -4.37
CA ARG C 100 20.30 25.90 -3.50
C ARG C 100 20.49 24.53 -2.87
N LEU C 101 21.40 23.74 -3.44
CA LEU C 101 21.53 22.35 -3.05
C LEU C 101 21.92 22.21 -1.59
N GLU C 102 21.24 21.29 -0.89
CA GLU C 102 21.69 20.80 0.39
C GLU C 102 22.05 19.33 0.35
N ARG C 103 21.73 18.63 -0.74
CA ARG C 103 22.10 17.23 -0.89
C ARG C 103 21.97 16.85 -2.36
N ARG C 104 22.99 16.23 -2.93
CA ARG C 104 22.91 15.85 -4.34
C ARG C 104 23.76 14.60 -4.54
N ILE C 105 23.13 13.49 -4.87
CA ILE C 105 23.83 12.23 -5.10
C ILE C 105 23.33 11.61 -6.38
N SER C 106 24.18 10.78 -6.98
CA SER C 106 23.85 10.05 -8.19
C SER C 106 24.47 8.67 -8.11
N ALA C 107 23.67 7.64 -8.34
CA ALA C 107 24.16 6.28 -8.29
C ALA C 107 24.65 5.77 -9.64
N VAL C 108 24.48 6.55 -10.70
CA VAL C 108 24.78 6.06 -12.04
C VAL C 108 26.24 6.31 -12.39
N TYR C 109 26.88 7.30 -11.78
CA TYR C 109 28.26 7.64 -12.08
C TYR C 109 29.05 7.73 -10.80
N LYS C 110 30.33 7.34 -10.86
CA LYS C 110 31.19 7.47 -9.70
C LYS C 110 31.29 8.91 -9.26
N ASP C 111 31.63 9.80 -10.18
CA ASP C 111 31.72 11.23 -9.91
C ASP C 111 31.00 11.99 -11.01
N ILE C 112 30.40 13.12 -10.63
CA ILE C 112 29.61 13.92 -11.55
C ILE C 112 29.97 15.38 -11.38
N PRO C 113 29.67 16.21 -12.37
CA PRO C 113 29.92 17.65 -12.23
C PRO C 113 29.20 18.19 -10.99
N GLY C 114 29.91 18.97 -10.20
CA GLY C 114 29.40 19.45 -8.94
C GLY C 114 29.61 18.50 -7.77
N GLY C 115 30.09 17.28 -8.04
CA GLY C 115 30.44 16.37 -6.98
C GLY C 115 29.23 15.66 -6.40
N GLN C 116 29.52 14.74 -5.48
CA GLN C 116 28.51 14.00 -4.75
C GLN C 116 28.34 14.68 -3.40
N LEU C 117 27.29 15.48 -3.26
CA LEU C 117 27.03 16.21 -2.02
C LEU C 117 26.12 15.35 -1.16
N LEU C 118 26.70 14.67 -0.17
CA LEU C 118 25.90 13.81 0.70
C LEU C 118 24.90 14.61 1.51
N GLY C 119 25.31 15.75 2.04
CA GLY C 119 24.42 16.58 2.80
C GLY C 119 24.01 15.92 4.10
N PRO C 120 23.03 16.50 4.78
CA PRO C 120 22.56 15.87 6.02
C PRO C 120 21.68 14.65 5.75
N THR C 121 22.19 13.47 6.06
CA THR C 121 21.47 12.24 5.78
C THR C 121 21.76 11.21 6.87
N TYR C 122 20.86 10.24 6.99
CA TYR C 122 21.04 9.12 7.89
C TYR C 122 21.74 7.95 7.20
N ASP C 123 22.00 8.05 5.90
CA ASP C 123 22.68 6.98 5.20
C ASP C 123 24.08 6.76 5.77
N TYR C 124 24.51 5.51 5.78
CA TYR C 124 25.83 5.10 6.24
C TYR C 124 25.99 5.23 7.75
N THR C 125 24.93 5.59 8.47
CA THR C 125 24.95 5.51 9.92
C THR C 125 24.66 4.09 10.35
N HIS C 126 25.33 3.67 11.42
CA HIS C 126 25.04 2.38 12.04
C HIS C 126 23.86 2.58 12.98
N ARG C 127 22.72 1.97 12.65
CA ARG C 127 21.48 2.21 13.40
C ARG C 127 21.58 1.47 14.73
N LEU C 128 22.30 2.08 15.66
CA LEU C 128 22.39 1.61 17.04
C LEU C 128 21.75 2.67 17.93
N LEU C 129 20.84 2.25 18.80
CA LEU C 129 20.14 3.20 19.64
C LEU C 129 21.14 4.02 20.45
N ASP C 130 21.00 5.35 20.37
CA ASP C 130 21.92 6.27 21.03
C ASP C 130 21.32 6.64 22.38
N PHE C 131 21.65 5.86 23.40
CA PHE C 131 21.09 6.10 24.72
C PHE C 131 21.56 7.41 25.32
N THR C 132 22.63 8.01 24.79
CA THR C 132 23.02 9.34 25.24
C THR C 132 21.93 10.36 24.98
N LEU C 133 21.03 10.09 24.03
CA LEU C 133 19.90 10.98 23.78
C LEU C 133 18.89 10.97 24.93
N LEU C 134 18.99 10.03 25.86
CA LEU C 134 18.15 10.06 27.04
C LEU C 134 18.49 11.22 27.96
N ALA C 135 19.62 11.88 27.74
CA ALA C 135 20.01 13.05 28.52
C ALA C 135 20.44 14.15 27.55
N ASN C 136 20.30 15.39 28.00
CA ASN C 136 20.66 16.53 27.16
C ASN C 136 22.12 16.45 26.75
N GLY C 137 22.39 16.66 25.47
CA GLY C 137 23.73 16.68 24.93
C GLY C 137 24.17 18.07 24.52
N GLU C 138 25.37 18.12 23.96
CA GLU C 138 25.98 19.37 23.51
C GLU C 138 25.92 19.44 22.00
N ALA C 139 25.66 20.64 21.48
CA ALA C 139 25.54 20.83 20.05
C ALA C 139 26.87 20.53 19.37
N PRO C 140 26.93 19.61 18.40
CA PRO C 140 28.19 19.35 17.71
C PRO C 140 28.64 20.57 16.92
N THR C 141 29.96 20.71 16.79
CA THR C 141 30.54 21.80 16.01
C THR C 141 30.78 21.33 14.59
N LEU C 142 30.21 22.03 13.62
CA LEU C 142 30.26 21.63 12.23
C LEU C 142 31.51 22.17 11.57
N THR C 143 32.26 21.29 10.92
CA THR C 143 33.37 21.72 10.09
C THR C 143 32.85 22.44 8.86
N THR C 144 33.74 23.17 8.20
CA THR C 144 33.37 24.01 7.06
C THR C 144 34.32 23.77 5.90
N ALA C 145 33.95 24.31 4.76
CA ALA C 145 34.75 24.24 3.54
C ALA C 145 34.48 25.51 2.73
N ASP C 146 34.87 25.50 1.47
CA ASP C 146 34.56 26.64 0.60
C ASP C 146 33.06 26.76 0.41
N SER C 147 32.57 27.99 0.39
CA SER C 147 31.14 28.27 0.37
C SER C 147 30.55 28.35 -1.03
N GLU C 148 31.36 28.21 -2.07
CA GLU C 148 30.85 28.29 -3.43
C GLU C 148 30.09 27.03 -3.80
N GLN C 149 29.03 27.22 -4.59
CA GLN C 149 28.22 26.11 -5.09
C GLN C 149 28.66 25.81 -6.52
N GLN C 150 29.26 24.64 -6.72
CA GLN C 150 29.73 24.27 -8.05
C GLN C 150 28.55 24.07 -9.00
N PRO C 151 28.74 24.35 -10.28
CA PRO C 151 27.67 24.06 -11.26
C PRO C 151 27.29 22.59 -11.21
N SER C 152 26.00 22.34 -11.00
CA SER C 152 25.47 20.99 -10.78
C SER C 152 24.33 20.74 -11.76
N PRO C 153 24.64 20.38 -12.99
CA PRO C 153 23.58 20.05 -13.95
C PRO C 153 22.91 18.73 -13.61
N HIS C 154 21.70 18.57 -14.12
CA HIS C 154 20.98 17.32 -13.92
C HIS C 154 21.64 16.19 -14.69
N VAL C 155 21.67 15.01 -14.08
CA VAL C 155 22.32 13.86 -14.71
C VAL C 155 21.62 13.50 -16.01
N PHE C 156 20.30 13.61 -16.05
CA PHE C 156 19.57 13.36 -17.29
C PHE C 156 19.87 14.38 -18.36
N SER C 157 20.26 15.60 -18.00
CA SER C 157 20.74 16.51 -19.02
C SER C 157 22.00 15.95 -19.69
N LEU C 158 22.92 15.41 -18.88
CA LEU C 158 24.12 14.80 -19.43
C LEU C 158 23.79 13.59 -20.27
N LEU C 159 22.87 12.74 -19.80
CA LEU C 159 22.52 11.55 -20.54
C LEU C 159 21.86 11.91 -21.87
N ALA C 160 20.94 12.88 -21.86
CA ALA C 160 20.28 13.28 -23.09
C ALA C 160 21.25 13.91 -24.07
N ARG C 161 22.19 14.70 -23.57
CA ARG C 161 23.20 15.28 -24.47
C ARG C 161 24.00 14.20 -25.17
N GLN C 162 24.12 13.02 -24.56
CA GLN C 162 24.74 11.89 -25.23
C GLN C 162 23.77 11.11 -26.10
N GLY C 163 22.48 11.41 -26.04
CA GLY C 163 21.47 10.67 -26.77
C GLY C 163 21.01 9.40 -26.09
N LEU C 164 21.49 9.10 -24.90
CA LEU C 164 21.09 7.88 -24.22
C LEU C 164 19.69 7.98 -23.64
N ALA C 165 19.31 9.17 -23.17
CA ALA C 165 17.98 9.43 -22.66
C ALA C 165 17.27 10.44 -23.54
N LYS C 166 15.96 10.54 -23.38
CA LYS C 166 15.13 11.43 -24.16
C LYS C 166 14.73 12.63 -23.30
N PHE C 167 14.95 13.83 -23.82
CA PHE C 167 14.59 15.04 -23.09
C PHE C 167 13.09 15.05 -22.81
N GLU C 168 12.73 15.56 -21.63
CA GLU C 168 11.33 15.73 -21.27
C GLU C 168 10.87 17.06 -21.86
N GLU C 169 10.19 17.00 -23.00
CA GLU C 169 9.76 18.20 -23.70
C GLU C 169 8.37 18.60 -23.24
N ASP C 170 8.18 19.91 -23.08
CA ASP C 170 6.89 20.45 -22.67
C ASP C 170 6.06 20.79 -23.90
N SER C 171 4.84 20.24 -23.96
CA SER C 171 3.92 20.50 -25.06
C SER C 171 2.92 21.59 -24.72
N GLY C 172 3.03 22.22 -23.55
CA GLY C 172 2.07 23.23 -23.14
C GLY C 172 0.76 22.68 -22.63
N ALA C 173 0.67 21.38 -22.41
CA ALA C 173 -0.58 20.78 -21.95
C ALA C 173 -0.96 21.33 -20.58
N GLN C 174 -2.24 21.60 -20.40
CA GLN C 174 -2.73 22.09 -19.12
C GLN C 174 -2.73 20.93 -18.11
N PRO C 175 -2.09 21.08 -16.95
CA PRO C 175 -2.09 19.99 -15.98
C PRO C 175 -3.48 19.69 -15.46
N ASP C 176 -3.71 18.42 -15.13
CA ASP C 176 -4.96 17.97 -14.55
C ASP C 176 -4.91 18.14 -13.05
N ASP C 177 -5.94 18.78 -12.49
CA ASP C 177 -6.05 19.02 -11.06
C ASP C 177 -7.13 18.11 -10.50
N ILE C 178 -6.72 17.16 -9.66
CA ILE C 178 -7.69 16.25 -9.06
C ILE C 178 -8.40 16.90 -7.87
N THR C 179 -7.81 17.91 -7.26
CA THR C 179 -8.49 18.63 -6.20
C THR C 179 -9.72 19.36 -6.71
N ARG C 180 -9.76 19.70 -7.99
CA ARG C 180 -10.91 20.37 -8.58
C ARG C 180 -11.93 19.40 -9.14
N THR C 181 -11.48 18.32 -9.76
CA THR C 181 -12.36 17.33 -10.34
C THR C 181 -11.94 15.94 -9.89
N PRO C 182 -12.88 15.01 -9.74
CA PRO C 182 -12.51 13.66 -9.33
C PRO C 182 -11.69 12.98 -10.40
N PRO C 183 -10.80 12.07 -10.02
CA PRO C 183 -10.01 11.37 -11.04
C PRO C 183 -10.89 10.53 -11.94
N VAL C 184 -10.48 10.41 -13.20
CA VAL C 184 -11.21 9.70 -14.23
C VAL C 184 -10.23 8.76 -14.93
N TYR C 185 -10.19 7.51 -14.51
CA TYR C 185 -9.25 6.56 -15.08
C TYR C 185 -9.66 6.24 -16.51
N PRO C 186 -8.70 6.09 -17.45
CA PRO C 186 -7.25 6.22 -17.24
C PRO C 186 -6.79 7.66 -17.07
N CYS C 187 -5.88 7.88 -16.12
CA CYS C 187 -5.44 9.22 -15.78
C CYS C 187 -4.19 9.59 -16.56
N SER C 188 -4.12 10.86 -16.96
CA SER C 188 -2.93 11.39 -17.62
C SER C 188 -1.79 11.48 -16.62
N ARG C 189 -0.57 11.53 -17.15
CA ARG C 189 0.60 11.46 -16.26
C ARG C 189 0.63 12.61 -15.27
N SER C 190 0.12 13.78 -15.62
CA SER C 190 0.13 14.89 -14.66
C SER C 190 -0.73 14.56 -13.45
N SER C 191 -1.94 14.06 -13.67
CA SER C 191 -2.80 13.70 -12.54
C SER C 191 -2.25 12.48 -11.80
N ARG C 192 -1.63 11.55 -12.52
CA ARG C 192 -0.99 10.43 -11.84
C ARG C 192 0.09 10.91 -10.89
N LEU C 193 0.93 11.84 -11.34
CA LEU C 193 1.98 12.36 -10.48
C LEU C 193 1.38 13.13 -9.30
N GLN C 194 0.35 13.93 -9.55
CA GLN C 194 -0.27 14.67 -8.45
C GLN C 194 -0.82 13.71 -7.39
N GLN C 195 -1.47 12.63 -7.83
CA GLN C 195 -2.01 11.66 -6.88
C GLN C 195 -0.89 10.93 -6.15
N LEU C 196 0.17 10.57 -6.86
CA LEU C 196 1.27 9.86 -6.22
C LEU C 196 1.92 10.73 -5.16
N MET C 197 2.07 12.03 -5.43
CA MET C 197 2.72 12.90 -4.46
C MET C 197 1.98 12.89 -3.13
N ARG C 198 0.65 12.91 -3.16
CA ARG C 198 -0.16 12.91 -1.95
C ARG C 198 -0.60 11.51 -1.56
N GLY C 199 0.14 10.49 -1.99
CA GLY C 199 -0.19 9.12 -1.68
C GLY C 199 0.51 8.64 -0.42
N ASP C 200 0.04 7.52 0.11
CA ASP C 200 0.64 6.93 1.29
C ASP C 200 2.10 6.59 1.01
N GLU C 201 2.98 6.99 1.93
CA GLU C 201 4.38 6.64 1.79
C GLU C 201 4.58 5.14 1.86
N GLY C 202 3.92 4.48 2.82
CA GLY C 202 4.11 3.05 2.98
C GLY C 202 3.57 2.25 1.81
N TYR C 203 2.39 2.63 1.31
CA TYR C 203 1.81 1.92 0.18
C TYR C 203 2.68 2.05 -1.06
N LEU C 204 3.12 3.27 -1.36
CA LEU C 204 3.97 3.49 -2.52
C LEU C 204 5.30 2.76 -2.37
N LEU C 205 5.87 2.77 -1.16
CA LEU C 205 7.11 2.05 -0.94
C LEU C 205 6.92 0.57 -1.19
N ALA C 206 5.81 0.00 -0.72
CA ALA C 206 5.56 -1.42 -0.94
C ALA C 206 5.39 -1.73 -2.41
N LEU C 207 4.68 -0.87 -3.15
CA LEU C 207 4.50 -1.11 -4.58
C LEU C 207 5.83 -1.02 -5.32
N ALA C 208 6.65 -0.02 -4.99
CA ALA C 208 7.96 0.09 -5.62
C ALA C 208 8.83 -1.11 -5.29
N TYR C 209 8.79 -1.57 -4.04
CA TYR C 209 9.52 -2.76 -3.64
C TYR C 209 9.07 -3.96 -4.44
N SER C 210 7.76 -4.10 -4.65
CA SER C 210 7.25 -5.21 -5.45
C SER C 210 7.78 -5.14 -6.87
N THR C 211 7.80 -3.95 -7.46
CA THR C 211 8.35 -3.82 -8.80
C THR C 211 9.82 -4.21 -8.83
N GLN C 212 10.58 -3.82 -7.80
CA GLN C 212 11.99 -4.19 -7.75
C GLN C 212 12.18 -5.70 -7.62
N ARG C 213 11.20 -6.39 -7.05
CA ARG C 213 11.30 -7.82 -6.80
C ARG C 213 10.78 -8.67 -7.95
N GLY C 214 10.35 -8.05 -9.05
CA GLY C 214 9.94 -8.78 -10.24
C GLY C 214 8.50 -8.55 -10.65
N TYR C 215 7.66 -8.03 -9.76
CA TYR C 215 6.25 -7.79 -10.08
C TYR C 215 6.15 -6.49 -10.89
N GLY C 216 6.51 -6.59 -12.17
CA GLY C 216 6.52 -5.42 -13.02
C GLY C 216 7.88 -4.76 -13.05
N ARG C 217 8.91 -5.54 -13.37
CA ARG C 217 10.27 -5.02 -13.37
C ARG C 217 10.40 -3.84 -14.32
N ASN C 218 11.18 -2.84 -13.89
CA ASN C 218 11.49 -1.70 -14.72
C ASN C 218 12.97 -1.32 -14.69
N HIS C 219 13.79 -2.01 -13.90
CA HIS C 219 15.24 -1.85 -13.94
C HIS C 219 15.65 -0.44 -13.53
N PRO C 220 15.39 -0.03 -12.29
CA PRO C 220 15.61 1.36 -11.91
C PRO C 220 17.03 1.64 -11.45
N PHE C 221 17.47 2.87 -11.71
CA PHE C 221 18.74 3.39 -11.21
C PHE C 221 18.48 4.76 -10.61
N ALA C 222 19.06 5.03 -9.46
CA ALA C 222 18.90 6.33 -8.80
C ALA C 222 19.74 7.35 -9.57
N GLY C 223 19.16 7.84 -10.66
CA GLY C 223 19.90 8.76 -11.52
C GLY C 223 20.31 10.02 -10.79
N GLU C 224 19.42 10.59 -10.00
CA GLU C 224 19.72 11.85 -9.33
C GLU C 224 18.76 12.04 -8.16
N ILE C 225 19.30 12.10 -6.95
CA ILE C 225 18.56 12.56 -5.79
C ILE C 225 19.10 13.94 -5.42
N ARG C 226 18.21 14.89 -5.20
CA ARG C 226 18.59 16.29 -5.14
C ARG C 226 17.63 17.02 -4.21
N SER C 227 18.08 17.35 -3.01
CA SER C 227 17.30 18.07 -2.03
C SER C 227 17.90 19.44 -1.81
N GLY C 228 17.03 20.45 -1.78
CA GLY C 228 17.48 21.81 -1.59
C GLY C 228 16.31 22.78 -1.66
N TYR C 229 16.65 24.06 -1.62
CA TYR C 229 15.66 25.12 -1.59
C TYR C 229 15.38 25.61 -3.01
N ILE C 230 14.11 25.66 -3.37
CA ILE C 230 13.66 26.14 -4.68
C ILE C 230 12.87 27.41 -4.46
N ASP C 231 13.20 28.45 -5.22
CA ASP C 231 12.47 29.71 -5.15
C ASP C 231 11.10 29.55 -5.80
N VAL C 232 10.08 30.11 -5.17
CA VAL C 232 8.71 30.06 -5.66
C VAL C 232 8.32 31.45 -6.13
N SER C 233 7.76 31.52 -7.33
CA SER C 233 7.40 32.80 -7.94
C SER C 233 5.96 32.73 -8.45
N ILE C 234 5.29 33.89 -8.42
CA ILE C 234 3.93 34.01 -8.91
C ILE C 234 3.85 35.21 -9.83
N VAL C 235 2.70 35.36 -10.49
CA VAL C 235 2.47 36.50 -11.37
C VAL C 235 1.12 37.11 -10.99
N PRO C 236 1.08 38.03 -10.02
CA PRO C 236 -0.22 38.57 -9.57
C PRO C 236 -0.88 39.38 -10.67
N GLU C 237 -2.18 39.63 -10.46
CA GLU C 237 -2.93 40.45 -11.40
C GLU C 237 -2.61 41.94 -11.20
N GLU C 238 -2.39 42.35 -9.95
CA GLU C 238 -2.10 43.75 -9.69
C GLU C 238 -0.82 44.19 -10.38
N LEU C 239 0.20 43.33 -10.36
CA LEU C 239 1.47 43.58 -11.02
C LEU C 239 1.62 42.58 -12.15
N GLY C 240 1.84 43.06 -13.36
CA GLY C 240 1.90 42.18 -14.50
C GLY C 240 3.12 41.28 -14.56
N PHE C 241 4.12 41.54 -13.72
CA PHE C 241 5.38 40.83 -13.77
C PHE C 241 5.41 39.74 -12.69
N ALA C 242 6.52 38.99 -12.66
CA ALA C 242 6.67 37.88 -11.74
C ALA C 242 7.36 38.34 -10.46
N VAL C 243 6.81 37.90 -9.33
CA VAL C 243 7.32 38.26 -8.01
C VAL C 243 7.72 36.99 -7.29
N ASN C 244 8.88 37.01 -6.65
CA ASN C 244 9.34 35.88 -5.87
C ASN C 244 8.73 35.95 -4.48
N VAL C 245 8.06 34.89 -4.06
CA VAL C 245 7.32 34.92 -2.80
C VAL C 245 8.11 34.27 -1.67
N GLY C 246 9.08 33.43 -1.98
CA GLY C 246 9.83 32.73 -0.95
C GLY C 246 10.52 31.53 -1.55
N GLU C 247 10.81 30.55 -0.69
CA GLU C 247 11.43 29.33 -1.15
C GLU C 247 10.94 28.16 -0.31
N LEU C 248 10.98 26.97 -0.92
CA LEU C 248 10.53 25.75 -0.28
C LEU C 248 11.64 24.71 -0.33
N LEU C 249 11.76 23.93 0.75
CA LEU C 249 12.70 22.83 0.77
C LEU C 249 12.10 21.63 0.08
N MET C 250 12.58 21.32 -1.12
CA MET C 250 12.05 20.26 -1.96
C MET C 250 13.11 19.19 -2.18
N THR C 251 12.66 17.95 -2.27
CA THR C 251 13.49 16.82 -2.66
C THR C 251 12.99 16.30 -4.00
N GLU C 252 13.89 16.21 -4.97
CA GLU C 252 13.57 15.77 -6.32
C GLU C 252 14.37 14.50 -6.61
N CYS C 253 13.68 13.48 -7.08
CA CYS C 253 14.30 12.21 -7.42
C CYS C 253 14.01 11.89 -8.87
N GLU C 254 15.04 11.50 -9.60
CA GLU C 254 14.89 11.11 -11.00
C GLU C 254 15.58 9.77 -11.19
N MET C 255 14.80 8.76 -11.58
CA MET C 255 15.28 7.42 -11.83
C MET C 255 15.50 7.19 -13.31
N VAL C 256 16.61 6.54 -13.63
CA VAL C 256 16.84 5.92 -14.93
C VAL C 256 16.25 4.52 -14.87
N ASN C 257 15.54 4.13 -15.92
CA ASN C 257 14.88 2.84 -15.97
C ASN C 257 15.29 2.09 -17.22
N GLY C 258 14.76 0.87 -17.35
CA GLY C 258 15.16 0.00 -18.44
C GLY C 258 14.94 0.68 -19.79
N PHE C 259 15.94 0.57 -20.66
CA PHE C 259 15.84 1.21 -21.96
C PHE C 259 14.87 0.46 -22.87
N ILE C 260 14.33 1.19 -23.84
CA ILE C 260 13.41 0.63 -24.82
C ILE C 260 14.02 0.81 -26.20
N ASP C 261 13.40 0.19 -27.19
CA ASP C 261 13.84 0.26 -28.58
C ASP C 261 12.66 0.65 -29.46
N PRO C 262 12.29 1.93 -29.48
CA PRO C 262 11.19 2.35 -30.32
C PRO C 262 11.51 2.16 -31.77
N PRO C 263 10.52 1.85 -32.61
CA PRO C 263 10.80 1.72 -34.05
C PRO C 263 11.30 3.04 -34.62
N GLY C 264 12.28 2.94 -35.51
CA GLY C 264 12.86 4.12 -36.12
C GLY C 264 13.89 4.79 -35.24
N GLU C 265 13.46 5.27 -34.08
CA GLU C 265 14.37 5.96 -33.18
C GLU C 265 15.36 4.97 -32.56
N PRO C 266 16.53 5.44 -32.17
CA PRO C 266 17.49 4.57 -31.50
C PRO C 266 17.05 4.27 -30.07
N PRO C 267 17.56 3.19 -29.47
CA PRO C 267 17.14 2.87 -28.10
C PRO C 267 17.59 3.95 -27.12
N HIS C 268 16.85 4.06 -26.02
CA HIS C 268 17.14 5.06 -25.02
C HIS C 268 16.58 4.59 -23.68
N PHE C 269 17.09 5.19 -22.61
CA PHE C 269 16.59 4.91 -21.27
C PHE C 269 15.23 5.56 -21.05
N THR C 270 14.36 4.83 -20.36
CA THR C 270 13.15 5.44 -19.83
C THR C 270 13.45 6.01 -18.45
N ARG C 271 12.59 6.91 -17.99
CA ARG C 271 12.86 7.66 -16.77
C ARG C 271 11.61 7.78 -15.92
N GLY C 272 11.83 7.96 -14.63
CA GLY C 272 10.76 8.23 -13.68
C GLY C 272 11.10 9.42 -12.81
N TYR C 273 10.05 10.08 -12.31
CA TYR C 273 10.21 11.35 -11.61
C TYR C 273 9.44 11.33 -10.31
N GLY C 274 9.99 11.98 -9.29
CA GLY C 274 9.29 12.16 -8.03
C GLY C 274 9.73 13.45 -7.37
N LEU C 275 8.80 14.06 -6.64
CA LEU C 275 9.05 15.37 -6.04
C LEU C 275 8.25 15.46 -4.75
N VAL C 276 8.93 15.79 -3.65
CA VAL C 276 8.28 15.88 -2.34
C VAL C 276 8.77 17.11 -1.61
N PHE C 277 8.03 17.50 -0.58
CA PHE C 277 8.48 18.54 0.33
C PHE C 277 9.43 17.95 1.36
N GLY C 278 10.37 18.78 1.82
CA GLY C 278 11.26 18.36 2.87
C GLY C 278 12.43 17.54 2.37
N MET C 279 13.12 16.92 3.32
CA MET C 279 14.35 16.19 3.06
C MET C 279 14.16 14.68 3.02
N SER C 280 12.91 14.21 3.02
CA SER C 280 12.65 12.76 2.99
C SER C 280 12.79 12.26 1.57
N GLU C 281 13.84 11.49 1.30
CA GLU C 281 14.10 11.03 -0.06
C GLU C 281 13.26 9.81 -0.41
N ARG C 282 13.06 8.88 0.53
CA ARG C 282 12.48 7.59 0.16
C ARG C 282 11.10 7.76 -0.47
N LYS C 283 10.33 8.74 0.00
CA LYS C 283 9.05 9.00 -0.64
C LYS C 283 9.23 9.39 -2.10
N ALA C 284 10.22 10.23 -2.39
CA ALA C 284 10.46 10.63 -3.78
C ALA C 284 10.88 9.45 -4.63
N MET C 285 11.73 8.57 -4.10
CA MET C 285 12.15 7.40 -4.86
C MET C 285 10.98 6.47 -5.13
N ALA C 286 10.14 6.24 -4.13
CA ALA C 286 8.95 5.41 -4.34
C ALA C 286 8.02 6.05 -5.37
N MET C 287 7.85 7.37 -5.30
CA MET C 287 7.02 8.05 -6.28
C MET C 287 7.58 7.88 -7.69
N ALA C 288 8.89 8.01 -7.86
CA ALA C 288 9.48 7.84 -9.17
C ALA C 288 9.29 6.42 -9.69
N LEU C 289 9.53 5.42 -8.83
CA LEU C 289 9.38 4.04 -9.28
C LEU C 289 7.93 3.73 -9.66
N VAL C 290 6.97 4.15 -8.84
CA VAL C 290 5.58 3.88 -9.16
C VAL C 290 5.14 4.66 -10.40
N ASP C 291 5.67 5.87 -10.59
CA ASP C 291 5.36 6.62 -11.79
C ASP C 291 5.84 5.89 -13.04
N ARG C 292 7.07 5.38 -13.00
CA ARG C 292 7.55 4.63 -14.15
C ARG C 292 6.71 3.37 -14.36
N ALA C 293 6.32 2.71 -13.28
CA ALA C 293 5.49 1.52 -13.42
C ALA C 293 4.17 1.86 -14.09
N LEU C 294 3.55 2.97 -13.69
CA LEU C 294 2.27 3.38 -14.25
C LEU C 294 2.40 3.94 -15.66
N GLN C 295 3.60 4.30 -16.09
CA GLN C 295 3.81 4.69 -17.48
C GLN C 295 3.68 3.53 -18.46
N ALA C 296 3.32 2.34 -18.00
CA ALA C 296 3.27 1.18 -18.88
C ALA C 296 2.41 1.38 -20.11
N PRO C 297 1.21 1.94 -20.04
CA PRO C 297 0.39 2.07 -21.26
C PRO C 297 1.09 2.81 -22.39
N GLU C 298 1.87 3.85 -22.07
CA GLU C 298 2.56 4.58 -23.13
C GLU C 298 3.54 3.69 -23.88
N TYR C 299 4.21 2.79 -23.17
CA TYR C 299 5.17 1.88 -23.79
C TYR C 299 4.56 0.54 -24.15
N GLY C 300 3.25 0.38 -23.98
CA GLY C 300 2.60 -0.86 -24.36
C GLY C 300 3.12 -2.07 -23.61
N GLU C 301 3.43 -1.91 -22.33
CA GLU C 301 3.92 -3.01 -21.52
C GLU C 301 2.75 -3.71 -20.85
N HIS C 302 2.74 -5.04 -20.91
CA HIS C 302 1.69 -5.81 -20.26
C HIS C 302 1.85 -5.75 -18.75
N ALA C 303 0.77 -5.40 -18.06
CA ALA C 303 0.81 -5.25 -16.61
C ALA C 303 1.07 -6.61 -15.97
N THR C 304 2.28 -6.80 -15.45
CA THR C 304 2.66 -8.05 -14.80
C THR C 304 2.28 -8.06 -13.33
N GLY C 305 2.41 -6.93 -12.65
CA GLY C 305 2.13 -6.85 -11.24
C GLY C 305 1.15 -5.74 -10.91
N PRO C 306 0.61 -5.77 -9.70
CA PRO C 306 -0.38 -4.75 -9.32
C PRO C 306 0.18 -3.34 -9.34
N ALA C 307 1.49 -3.16 -9.17
CA ALA C 307 2.07 -1.83 -9.22
C ALA C 307 1.86 -1.18 -10.58
N GLN C 308 1.63 -1.96 -11.62
CA GLN C 308 1.37 -1.43 -12.95
C GLN C 308 -0.12 -1.24 -13.22
N ASP C 309 -0.98 -1.52 -12.26
CA ASP C 309 -2.42 -1.40 -12.41
C ASP C 309 -2.84 0.00 -11.95
N GLU C 310 -3.15 0.87 -12.92
CA GLU C 310 -3.45 2.25 -12.58
C GLU C 310 -4.65 2.35 -11.67
N GLU C 311 -5.73 1.65 -12.01
CA GLU C 311 -6.93 1.67 -11.18
C GLU C 311 -6.61 1.28 -9.75
N PHE C 312 -5.97 0.12 -9.58
CA PHE C 312 -5.71 -0.40 -8.24
C PHE C 312 -4.72 0.47 -7.49
N VAL C 313 -3.65 0.91 -8.15
CA VAL C 313 -2.61 1.67 -7.47
C VAL C 313 -3.15 3.02 -7.02
N LEU C 314 -3.81 3.75 -7.92
CA LEU C 314 -4.21 5.11 -7.61
C LEU C 314 -5.49 5.16 -6.78
N ALA C 315 -6.35 4.14 -6.86
CA ALA C 315 -7.58 4.18 -6.08
C ALA C 315 -7.30 4.07 -4.58
N HIS C 316 -6.24 3.37 -4.20
CA HIS C 316 -5.95 3.09 -2.80
C HIS C 316 -4.70 3.79 -2.30
N ALA C 317 -4.29 4.88 -2.95
CA ALA C 317 -3.04 5.56 -2.60
C ALA C 317 -3.23 6.64 -1.56
N ASP C 318 -4.42 7.21 -1.44
CA ASP C 318 -4.62 8.38 -0.59
C ASP C 318 -4.73 7.96 0.88
N ASN C 319 -3.91 8.59 1.73
CA ASN C 319 -4.00 8.34 3.16
C ASN C 319 -5.36 8.66 3.73
N VAL C 320 -5.90 9.84 3.43
CA VAL C 320 -7.11 10.27 4.11
C VAL C 320 -8.26 9.33 3.79
N GLU C 321 -8.46 9.01 2.50
CA GLU C 321 -9.56 8.14 2.11
C GLU C 321 -9.38 6.74 2.69
N VAL C 322 -8.18 6.17 2.54
CA VAL C 322 -7.95 4.82 3.00
C VAL C 322 -8.17 4.71 4.50
N ALA C 323 -7.55 5.61 5.26
CA ALA C 323 -7.66 5.56 6.70
C ALA C 323 -9.09 5.77 7.16
N GLY C 324 -9.78 6.71 6.53
CA GLY C 324 -11.16 7.03 6.89
C GLY C 324 -12.06 5.85 6.73
N PHE C 325 -11.97 5.11 5.63
CA PHE C 325 -12.92 4.03 5.35
C PHE C 325 -12.58 2.78 6.16
N VAL C 326 -11.32 2.51 6.48
CA VAL C 326 -11.00 1.35 7.35
C VAL C 326 -11.55 1.66 8.74
N SER C 327 -11.40 2.88 9.23
CA SER C 327 -11.84 3.27 10.59
C SER C 327 -13.34 3.48 10.65
N HIS C 328 -14.04 3.57 9.53
CA HIS C 328 -15.51 3.75 9.48
C HIS C 328 -16.15 2.51 10.08
N LEU C 329 -15.47 1.37 10.07
CA LEU C 329 -16.05 0.11 10.56
C LEU C 329 -16.29 0.25 12.06
N LYS C 330 -15.62 1.16 12.75
CA LYS C 330 -15.80 1.42 14.20
C LYS C 330 -17.12 2.14 14.46
N LEU C 331 -17.72 2.80 13.47
CA LEU C 331 -19.02 3.48 13.62
C LEU C 331 -20.10 2.44 13.88
N PRO C 332 -21.22 2.73 14.58
CA PRO C 332 -22.30 1.76 14.72
C PRO C 332 -22.71 1.22 13.36
N HIS C 333 -22.88 -0.09 13.23
CA HIS C 333 -23.31 -0.75 11.97
C HIS C 333 -24.29 -1.82 12.42
N TYR C 334 -25.10 -1.60 13.46
CA TYR C 334 -25.95 -2.65 13.98
C TYR C 334 -27.24 -2.84 13.19
N VAL C 335 -27.63 -1.89 12.35
CA VAL C 335 -28.77 -2.10 11.46
C VAL C 335 -28.40 -3.10 10.37
N ASP C 336 -27.26 -2.89 9.72
CA ASP C 336 -26.79 -3.82 8.71
C ASP C 336 -26.51 -5.19 9.31
N PHE C 337 -25.87 -5.22 10.48
CA PHE C 337 -25.62 -6.51 11.12
C PHE C 337 -26.91 -7.17 11.56
N GLN C 338 -27.92 -6.39 11.95
CA GLN C 338 -29.21 -7.00 12.24
C GLN C 338 -29.82 -7.65 11.01
N ALA C 339 -29.71 -6.99 9.85
CA ALA C 339 -30.18 -7.61 8.62
C ALA C 339 -29.43 -8.91 8.34
N GLU C 340 -28.10 -8.88 8.48
CA GLU C 340 -27.32 -10.10 8.27
C GLU C 340 -27.71 -11.19 9.25
N LEU C 341 -27.93 -10.83 10.51
CA LEU C 341 -28.33 -11.81 11.51
C LEU C 341 -29.69 -12.41 11.18
N GLU C 342 -30.63 -11.58 10.72
CA GLU C 342 -31.92 -12.11 10.33
C GLU C 342 -31.77 -13.15 9.25
N LEU C 343 -31.01 -12.82 8.20
CA LEU C 343 -30.82 -13.78 7.12
C LEU C 343 -30.13 -15.04 7.61
N LEU C 344 -29.07 -14.90 8.42
CA LEU C 344 -28.31 -16.06 8.85
C LEU C 344 -29.14 -16.95 9.75
N LYS C 345 -29.96 -16.36 10.63
CA LYS C 345 -30.83 -17.15 11.47
C LYS C 345 -31.87 -17.88 10.64
N ARG C 346 -32.40 -17.24 9.61
CA ARG C 346 -33.32 -17.95 8.72
C ARG C 346 -32.63 -19.14 8.07
N LEU C 347 -31.40 -18.94 7.58
CA LEU C 347 -30.69 -20.04 6.93
C LEU C 347 -30.43 -21.19 7.90
N GLN C 348 -30.00 -20.85 9.12
CA GLN C 348 -29.73 -21.88 10.12
C GLN C 348 -31.00 -22.64 10.48
N GLN C 349 -32.11 -21.91 10.63
CA GLN C 349 -33.38 -22.57 10.93
C GLN C 349 -33.79 -23.49 9.80
N GLU C 350 -33.55 -23.08 8.55
CA GLU C 350 -33.91 -23.93 7.42
C GLU C 350 -33.07 -25.19 7.38
N GLN C 351 -31.74 -25.06 7.46
CA GLN C 351 -30.88 -26.23 7.33
C GLN C 351 -31.07 -27.20 8.50
N ASN C 352 -31.17 -26.67 9.72
CA ASN C 352 -31.32 -27.50 10.93
C ASN C 352 -32.55 -26.99 11.68
N HIS C 353 -33.70 -27.55 11.36
CA HIS C 353 -34.95 -27.16 12.01
C HIS C 353 -34.83 -27.25 13.52
N ASN D 3 -24.50 31.77 13.04
CA ASN D 3 -23.15 31.45 12.59
C ASN D 3 -22.16 32.48 13.09
N LEU D 4 -21.34 32.08 14.07
CA LEU D 4 -20.34 32.97 14.66
C LEU D 4 -19.02 32.25 14.85
N SER D 5 -18.75 31.22 14.05
CA SER D 5 -17.57 30.37 14.21
C SER D 5 -16.40 30.84 13.37
N GLY D 6 -16.55 31.91 12.59
CA GLY D 6 -15.49 32.34 11.70
C GLY D 6 -15.40 31.58 10.40
N TYR D 7 -16.27 30.61 10.17
CA TYR D 7 -16.32 29.88 8.92
C TYR D 7 -17.49 30.39 8.07
N ASN D 8 -17.34 30.25 6.76
CA ASN D 8 -18.43 30.63 5.87
C ASN D 8 -19.65 29.78 6.19
N PHE D 9 -20.83 30.37 6.05
CA PHE D 9 -22.07 29.67 6.37
C PHE D 9 -22.08 28.29 5.76
N ALA D 10 -22.24 27.27 6.60
CA ALA D 10 -22.20 25.86 6.24
C ALA D 10 -20.78 25.38 6.03
N TYR D 11 -19.78 26.20 6.34
CA TYR D 11 -18.37 25.80 6.36
C TYR D 11 -17.78 25.62 4.97
N LEU D 12 -18.60 25.67 3.93
CA LEU D 12 -18.13 25.44 2.57
C LEU D 12 -18.03 26.75 1.82
N ASP D 13 -16.93 26.94 1.11
CA ASP D 13 -16.78 28.13 0.30
C ASP D 13 -17.80 28.12 -0.83
N GLU D 14 -18.17 29.32 -1.30
CA GLU D 14 -19.25 29.42 -2.27
C GLU D 14 -18.94 28.65 -3.54
N GLN D 15 -17.66 28.54 -3.91
CA GLN D 15 -17.32 27.80 -5.12
C GLN D 15 -17.70 26.33 -4.99
N THR D 16 -17.34 25.71 -3.87
CA THR D 16 -17.68 24.30 -3.67
C THR D 16 -19.19 24.12 -3.58
N LYS D 17 -19.89 25.04 -2.91
CA LYS D 17 -21.34 24.94 -2.84
C LYS D 17 -21.97 25.05 -4.22
N ARG D 18 -21.48 25.95 -5.06
CA ARG D 18 -21.99 26.05 -6.42
C ARG D 18 -21.74 24.77 -7.20
N MET D 19 -20.54 24.21 -7.07
CA MET D 19 -20.23 22.97 -7.77
C MET D 19 -21.15 21.85 -7.33
N ILE D 20 -21.37 21.72 -6.02
CA ILE D 20 -22.24 20.67 -5.51
C ILE D 20 -23.68 20.91 -5.96
N ARG D 21 -24.10 22.16 -6.03
CA ARG D 21 -25.47 22.45 -6.46
C ARG D 21 -25.66 22.09 -7.93
N ARG D 22 -24.69 22.38 -8.77
CA ARG D 22 -24.77 21.96 -10.17
C ARG D 22 -24.82 20.45 -10.27
N ALA D 23 -24.00 19.76 -9.47
CA ALA D 23 -24.05 18.30 -9.47
C ALA D 23 -25.41 17.79 -9.02
N ILE D 24 -25.99 18.44 -8.00
CA ILE D 24 -27.31 18.02 -7.50
C ILE D 24 -28.35 18.16 -8.58
N LEU D 25 -28.34 19.30 -9.28
CA LEU D 25 -29.32 19.50 -10.34
C LEU D 25 -29.14 18.51 -11.47
N LYS D 26 -27.91 18.23 -11.87
CA LYS D 26 -27.69 17.22 -12.90
C LYS D 26 -28.15 15.84 -12.45
N ALA D 27 -27.91 15.49 -11.19
CA ALA D 27 -28.36 14.20 -10.68
C ALA D 27 -29.88 14.11 -10.66
N VAL D 28 -30.54 15.19 -10.27
CA VAL D 28 -31.99 15.19 -10.25
C VAL D 28 -32.54 15.07 -11.66
N ALA D 29 -31.88 15.68 -12.63
CA ALA D 29 -32.31 15.56 -14.01
C ALA D 29 -32.10 14.16 -14.57
N ILE D 30 -31.24 13.37 -13.96
CA ILE D 30 -30.90 12.03 -14.45
C ILE D 30 -31.04 11.06 -13.29
N PRO D 31 -32.27 10.74 -12.87
CA PRO D 31 -32.43 9.94 -11.65
C PRO D 31 -31.68 8.63 -11.71
N GLY D 32 -30.99 8.31 -10.62
CA GLY D 32 -30.26 7.07 -10.51
C GLY D 32 -28.84 7.10 -11.03
N TYR D 33 -28.42 8.18 -11.67
CA TYR D 33 -27.09 8.27 -12.25
C TYR D 33 -26.14 8.91 -11.25
N GLN D 34 -24.96 8.32 -11.10
CA GLN D 34 -23.96 8.81 -10.16
C GLN D 34 -23.17 9.92 -10.83
N VAL D 35 -23.43 11.16 -10.43
CA VAL D 35 -22.80 12.33 -11.03
C VAL D 35 -21.49 12.58 -10.31
N PRO D 36 -20.34 12.51 -10.99
CA PRO D 36 -19.09 12.86 -10.33
C PRO D 36 -19.09 14.31 -9.88
N PHE D 37 -18.50 14.56 -8.71
CA PHE D 37 -18.39 15.92 -8.20
C PHE D 37 -17.09 16.05 -7.42
N GLY D 38 -16.55 17.26 -7.40
CA GLY D 38 -15.27 17.51 -6.77
C GLY D 38 -15.36 17.67 -5.28
N GLY D 39 -15.57 16.56 -4.57
CA GLY D 39 -15.69 16.64 -3.13
C GLY D 39 -14.41 17.10 -2.47
N ARG D 40 -14.56 17.79 -1.34
CA ARG D 40 -13.44 18.29 -0.56
C ARG D 40 -13.35 17.49 0.74
N GLU D 41 -12.34 17.81 1.53
CA GLU D 41 -12.12 17.15 2.81
C GLU D 41 -12.80 17.95 3.92
N MET D 42 -13.82 17.36 4.53
CA MET D 42 -14.53 17.97 5.63
C MET D 42 -13.87 17.61 6.94
N PRO D 43 -14.25 18.26 8.04
CA PRO D 43 -13.66 17.91 9.34
C PRO D 43 -13.87 16.46 9.71
N MET D 44 -14.97 15.89 9.33
CA MET D 44 -15.25 14.48 9.57
C MET D 44 -14.54 13.62 8.53
N PRO D 45 -13.93 12.50 8.93
CA PRO D 45 -13.11 11.73 7.98
C PRO D 45 -13.94 11.12 6.86
N TYR D 46 -13.30 10.75 5.75
CA TYR D 46 -13.98 10.05 4.65
C TYR D 46 -14.50 8.75 5.25
N GLY D 47 -15.61 8.21 4.80
CA GLY D 47 -16.25 7.03 5.40
C GLY D 47 -17.20 7.43 6.50
N TRP D 48 -17.06 8.61 7.11
CA TRP D 48 -17.87 9.05 8.28
C TRP D 48 -18.96 10.01 7.80
N GLY D 49 -19.35 10.01 6.53
CA GLY D 49 -20.49 10.76 6.05
C GLY D 49 -20.16 12.14 5.52
N THR D 50 -19.00 12.28 4.89
CA THR D 50 -18.61 13.58 4.36
C THR D 50 -19.44 13.98 3.14
N GLY D 51 -19.79 13.02 2.29
CA GLY D 51 -20.61 13.34 1.13
C GLY D 51 -21.98 13.86 1.50
N GLY D 52 -22.67 13.18 2.42
CA GLY D 52 -23.93 13.70 2.89
C GLY D 52 -23.79 15.03 3.58
N ILE D 53 -22.70 15.23 4.32
CA ILE D 53 -22.45 16.50 4.98
C ILE D 53 -22.35 17.60 3.94
N GLN D 54 -21.59 17.37 2.87
CA GLN D 54 -21.44 18.38 1.83
C GLN D 54 -22.77 18.64 1.13
N LEU D 55 -23.54 17.59 0.86
CA LEU D 55 -24.85 17.78 0.23
C LEU D 55 -25.73 18.67 1.09
N THR D 56 -25.87 18.34 2.37
CA THR D 56 -26.74 19.12 3.24
C THR D 56 -26.20 20.54 3.41
N ALA D 57 -24.89 20.71 3.45
CA ALA D 57 -24.33 22.06 3.52
C ALA D 57 -24.69 22.85 2.28
N SER D 58 -24.76 22.18 1.13
CA SER D 58 -25.12 22.87 -0.11
C SER D 58 -26.60 23.19 -0.16
N VAL D 59 -27.45 22.40 0.48
CA VAL D 59 -28.89 22.61 0.39
C VAL D 59 -29.44 23.35 1.61
N ILE D 60 -28.81 23.15 2.77
CA ILE D 60 -29.37 23.69 4.01
C ILE D 60 -29.40 25.21 3.94
N GLY D 61 -30.43 25.80 4.55
CA GLY D 61 -30.58 27.24 4.61
C GLY D 61 -30.88 27.70 6.02
N GLU D 62 -31.05 29.01 6.16
CA GLU D 62 -31.25 29.60 7.48
C GLU D 62 -32.53 29.09 8.12
N SER D 63 -33.61 29.02 7.34
CA SER D 63 -34.92 28.69 7.87
C SER D 63 -35.21 27.19 7.93
N ASP D 64 -34.30 26.37 7.44
CA ASP D 64 -34.52 24.93 7.44
C ASP D 64 -34.43 24.39 8.87
N VAL D 65 -35.10 23.25 9.09
CA VAL D 65 -35.04 22.53 10.35
C VAL D 65 -34.35 21.21 10.04
N LEU D 66 -33.16 21.02 10.61
CA LEU D 66 -32.32 19.88 10.28
C LEU D 66 -32.59 18.74 11.24
N LYS D 67 -32.60 17.51 10.70
CA LYS D 67 -32.73 16.30 11.50
C LYS D 67 -31.66 15.33 11.04
N VAL D 68 -30.73 15.02 11.94
CA VAL D 68 -29.63 14.10 11.65
C VAL D 68 -29.86 12.83 12.45
N ILE D 69 -29.93 11.70 11.75
CA ILE D 69 -30.12 10.41 12.38
C ILE D 69 -29.09 9.43 11.82
N ASP D 70 -28.47 8.67 12.71
CA ASP D 70 -27.55 7.62 12.34
C ASP D 70 -28.08 6.32 12.93
N GLN D 71 -28.24 5.30 12.10
CA GLN D 71 -28.89 4.06 12.49
C GLN D 71 -30.34 4.29 12.90
N GLY D 72 -30.93 5.38 12.41
CA GLY D 72 -32.29 5.73 12.76
C GLY D 72 -32.46 6.40 14.10
N ALA D 73 -31.38 6.63 14.82
CA ALA D 73 -31.44 7.23 16.15
C ALA D 73 -30.78 8.61 16.12
N ASP D 74 -31.44 9.58 16.75
CA ASP D 74 -30.90 10.93 16.78
C ASP D 74 -29.68 11.02 17.68
N ASP D 75 -29.60 10.19 18.71
CA ASP D 75 -28.57 10.30 19.73
C ASP D 75 -27.32 9.49 19.41
N THR D 76 -27.25 8.86 18.24
CA THR D 76 -26.06 8.12 17.88
C THR D 76 -24.85 9.05 17.84
N THR D 77 -23.69 8.53 18.24
CA THR D 77 -22.50 9.37 18.42
C THR D 77 -22.19 10.16 17.15
N ASN D 78 -22.16 9.49 16.00
CA ASN D 78 -21.88 10.21 14.76
C ASN D 78 -22.98 11.21 14.44
N ALA D 79 -24.23 10.84 14.70
CA ALA D 79 -25.34 11.75 14.45
C ALA D 79 -25.20 13.01 15.29
N VAL D 80 -24.91 12.84 16.59
CA VAL D 80 -24.77 14.01 17.45
C VAL D 80 -23.56 14.83 17.04
N SER D 81 -22.49 14.18 16.59
CA SER D 81 -21.31 14.93 16.15
C SER D 81 -21.65 15.80 14.94
N ILE D 82 -22.30 15.20 13.94
CA ILE D 82 -22.65 15.97 12.74
C ILE D 82 -23.62 17.08 13.09
N ARG D 83 -24.61 16.79 13.95
CA ARG D 83 -25.57 17.81 14.32
C ARG D 83 -24.91 18.96 15.06
N ASN D 84 -23.96 18.66 15.95
CA ASN D 84 -23.24 19.71 16.63
C ASN D 84 -22.42 20.55 15.64
N PHE D 85 -21.80 19.89 14.67
CA PHE D 85 -21.04 20.63 13.67
C PHE D 85 -21.95 21.60 12.92
N PHE D 86 -23.14 21.14 12.53
CA PHE D 86 -24.01 22.01 11.75
C PHE D 86 -24.62 23.10 12.60
N LYS D 87 -24.90 22.85 13.88
CA LYS D 87 -25.32 23.93 14.75
C LYS D 87 -24.22 24.96 14.89
N ARG D 88 -22.97 24.52 14.98
CA ARG D 88 -21.87 25.46 15.12
C ARG D 88 -21.70 26.32 13.88
N VAL D 89 -21.65 25.70 12.69
CA VAL D 89 -21.33 26.44 11.48
C VAL D 89 -22.56 26.98 10.76
N THR D 90 -23.75 26.62 11.18
CA THR D 90 -24.96 27.07 10.51
C THR D 90 -25.93 27.76 11.46
N GLY D 91 -26.09 27.27 12.67
CA GLY D 91 -27.03 27.84 13.61
C GLY D 91 -28.48 27.49 13.35
N VAL D 92 -28.76 26.59 12.41
CA VAL D 92 -30.15 26.26 12.10
C VAL D 92 -30.80 25.52 13.26
N ASN D 93 -32.12 25.50 13.25
CA ASN D 93 -32.86 24.72 14.23
C ASN D 93 -32.74 23.23 13.91
N THR D 94 -32.61 22.42 14.96
CA THR D 94 -32.53 20.98 14.84
C THR D 94 -33.70 20.35 15.57
N THR D 95 -34.30 19.34 14.95
CA THR D 95 -35.43 18.64 15.53
C THR D 95 -35.22 17.14 15.40
N GLU D 96 -35.75 16.40 16.37
CA GLU D 96 -35.73 14.94 16.33
C GLU D 96 -37.02 14.36 15.79
N ARG D 97 -37.97 15.19 15.39
CA ARG D 97 -39.26 14.73 14.87
C ARG D 97 -39.21 14.77 13.36
N THR D 98 -39.60 13.67 12.73
CA THR D 98 -39.52 13.58 11.27
C THR D 98 -40.43 14.60 10.61
N ASP D 99 -41.65 14.77 11.14
CA ASP D 99 -42.60 15.69 10.51
C ASP D 99 -42.10 17.12 10.55
N ASP D 100 -41.48 17.53 11.66
CA ASP D 100 -41.04 18.91 11.78
C ASP D 100 -39.83 19.21 10.91
N ALA D 101 -39.00 18.21 10.65
CA ALA D 101 -37.77 18.44 9.91
C ALA D 101 -38.05 18.85 8.48
N THR D 102 -37.23 19.77 7.96
CA THR D 102 -37.27 20.15 6.55
C THR D 102 -36.19 19.45 5.73
N VAL D 103 -35.01 19.26 6.32
CA VAL D 103 -33.93 18.51 5.70
C VAL D 103 -33.52 17.42 6.66
N ILE D 104 -33.50 16.18 6.17
CA ILE D 104 -33.15 15.01 6.98
C ILE D 104 -31.89 14.41 6.39
N GLN D 105 -30.84 14.33 7.20
CA GLN D 105 -29.62 13.62 6.84
C GLN D 105 -29.59 12.32 7.60
N THR D 106 -29.75 11.21 6.88
CA THR D 106 -29.89 9.91 7.49
C THR D 106 -28.73 9.02 7.08
N ARG D 107 -28.29 8.12 7.97
CA ARG D 107 -27.22 7.14 7.70
C ARG D 107 -27.82 5.77 7.95
N HIS D 108 -28.01 4.93 6.93
CA HIS D 108 -28.38 3.52 6.98
C HIS D 108 -29.85 3.27 7.31
N ARG D 109 -30.69 4.31 7.36
CA ARG D 109 -32.09 4.11 7.71
C ARG D 109 -32.94 5.19 7.09
N ILE D 110 -34.20 4.84 6.80
CA ILE D 110 -35.22 5.77 6.37
C ILE D 110 -36.23 5.91 7.51
N PRO D 111 -36.63 7.11 7.90
CA PRO D 111 -37.57 7.24 9.01
C PRO D 111 -38.85 6.47 8.74
N GLU D 112 -39.40 5.87 9.81
CA GLU D 112 -40.65 5.13 9.69
C GLU D 112 -41.80 6.05 9.29
N THR D 113 -41.82 7.26 9.81
CA THR D 113 -42.88 8.20 9.48
C THR D 113 -42.76 8.60 8.01
N PRO D 114 -43.83 8.47 7.22
CA PRO D 114 -43.73 8.86 5.81
C PRO D 114 -43.37 10.33 5.66
N LEU D 115 -42.58 10.63 4.64
CA LEU D 115 -42.13 11.99 4.38
C LEU D 115 -43.11 12.72 3.48
N THR D 116 -43.37 13.99 3.81
CA THR D 116 -44.27 14.82 3.04
C THR D 116 -43.49 15.55 1.94
N GLU D 117 -44.19 16.37 1.17
CA GLU D 117 -43.54 17.12 0.11
C GLU D 117 -42.71 18.26 0.71
N ASP D 118 -41.86 18.84 -0.13
CA ASP D 118 -40.94 19.90 0.25
C ASP D 118 -39.90 19.45 1.28
N GLN D 119 -39.84 18.15 1.56
CA GLN D 119 -38.83 17.60 2.45
C GLN D 119 -37.73 16.96 1.62
N ILE D 120 -36.50 17.12 2.08
CA ILE D 120 -35.34 16.52 1.42
C ILE D 120 -34.69 15.57 2.40
N ILE D 121 -34.48 14.33 1.97
CA ILE D 121 -33.77 13.33 2.75
C ILE D 121 -32.45 13.06 2.07
N ILE D 122 -31.36 13.22 2.81
CA ILE D 122 -30.01 13.07 2.29
C ILE D 122 -29.40 11.81 2.87
N PHE D 123 -28.89 10.95 2.01
CA PHE D 123 -28.34 9.66 2.41
C PHE D 123 -26.83 9.69 2.36
N GLN D 124 -26.21 8.98 3.29
CA GLN D 124 -24.76 8.81 3.31
C GLN D 124 -24.45 7.40 2.81
N VAL D 125 -23.89 7.31 1.62
CA VAL D 125 -23.61 6.03 0.97
C VAL D 125 -22.10 5.83 0.96
N PRO D 126 -21.58 4.72 1.47
CA PRO D 126 -20.13 4.47 1.38
C PRO D 126 -19.71 4.05 -0.02
N ILE D 127 -20.49 3.17 -0.63
CA ILE D 127 -20.20 2.64 -1.96
C ILE D 127 -21.35 3.01 -2.89
N PRO D 128 -21.21 4.04 -3.72
CA PRO D 128 -22.34 4.46 -4.57
C PRO D 128 -22.59 3.56 -5.76
N GLU D 129 -21.75 2.56 -6.01
CA GLU D 129 -21.86 1.73 -7.19
C GLU D 129 -22.48 0.39 -6.84
N PRO D 130 -23.67 0.05 -7.35
CA PRO D 130 -24.24 -1.27 -7.06
C PRO D 130 -23.44 -2.42 -7.63
N LEU D 131 -22.64 -2.18 -8.67
CA LEU D 131 -21.84 -3.22 -9.30
C LEU D 131 -20.45 -3.34 -8.73
N ARG D 132 -20.11 -2.56 -7.69
CA ARG D 132 -18.75 -2.52 -7.22
C ARG D 132 -18.27 -3.88 -6.74
N PHE D 133 -19.12 -4.60 -6.01
CA PHE D 133 -18.71 -5.89 -5.47
C PHE D 133 -18.78 -7.02 -6.47
N ILE D 134 -19.30 -6.76 -7.67
CA ILE D 134 -19.29 -7.75 -8.75
C ILE D 134 -18.18 -7.38 -9.71
N GLU D 135 -18.00 -6.08 -9.93
CA GLU D 135 -16.96 -5.56 -10.82
C GLU D 135 -16.22 -4.45 -10.09
N PRO D 136 -15.11 -4.76 -9.42
CA PRO D 136 -14.45 -3.74 -8.59
C PRO D 136 -13.93 -2.54 -9.35
N ARG D 137 -13.72 -2.66 -10.66
CA ARG D 137 -13.09 -1.60 -11.42
C ARG D 137 -14.11 -0.59 -11.93
N GLU D 138 -13.85 0.69 -11.68
CA GLU D 138 -14.74 1.74 -12.15
C GLU D 138 -14.72 1.83 -13.68
N THR D 139 -13.57 1.58 -14.30
CA THR D 139 -13.48 1.66 -15.75
C THR D 139 -14.49 0.72 -16.42
N GLU D 140 -14.83 -0.38 -15.75
CA GLU D 140 -15.78 -1.33 -16.29
C GLU D 140 -17.22 -0.97 -15.93
N THR D 141 -17.47 -0.69 -14.64
CA THR D 141 -18.83 -0.40 -14.20
C THR D 141 -19.38 0.86 -14.86
N ARG D 142 -18.54 1.85 -15.14
CA ARG D 142 -19.02 3.05 -15.81
C ARG D 142 -19.63 2.70 -17.17
N THR D 143 -18.91 1.92 -17.96
CA THR D 143 -19.45 1.46 -19.23
C THR D 143 -20.68 0.59 -19.04
N MET D 144 -20.67 -0.30 -18.04
CA MET D 144 -21.82 -1.16 -17.81
C MET D 144 -23.07 -0.33 -17.55
N HIS D 145 -22.93 0.77 -16.81
CA HIS D 145 -24.05 1.69 -16.62
C HIS D 145 -24.39 2.38 -17.93
N ALA D 146 -23.39 2.78 -18.71
CA ALA D 146 -23.67 3.47 -19.96
C ALA D 146 -24.50 2.61 -20.90
N LEU D 147 -24.16 1.33 -21.02
CA LEU D 147 -24.83 0.42 -21.93
C LEU D 147 -26.02 -0.28 -21.30
N GLU D 148 -26.34 0.02 -20.03
CA GLU D 148 -27.43 -0.63 -19.34
C GLU D 148 -27.27 -2.15 -19.33
N GLU D 149 -26.03 -2.60 -19.12
CA GLU D 149 -25.71 -4.02 -19.08
C GLU D 149 -25.68 -4.46 -17.61
N TYR D 150 -26.87 -4.66 -17.06
CA TYR D 150 -27.03 -5.07 -15.67
C TYR D 150 -27.26 -6.56 -15.53
N GLY D 151 -26.76 -7.36 -16.47
CA GLY D 151 -26.93 -8.80 -16.37
C GLY D 151 -26.24 -9.40 -15.16
N VAL D 152 -25.07 -8.86 -14.80
CA VAL D 152 -24.30 -9.45 -13.71
C VAL D 152 -25.04 -9.32 -12.39
N MET D 153 -25.86 -8.29 -12.22
CA MET D 153 -26.64 -8.18 -10.99
C MET D 153 -27.60 -9.35 -10.85
N GLN D 154 -28.34 -9.63 -11.91
CA GLN D 154 -29.26 -10.77 -11.90
C GLN D 154 -28.50 -12.07 -11.74
N VAL D 155 -27.31 -12.16 -12.32
CA VAL D 155 -26.50 -13.36 -12.16
C VAL D 155 -26.11 -13.55 -10.70
N LYS D 156 -25.72 -12.46 -10.04
CA LYS D 156 -25.36 -12.55 -8.63
C LYS D 156 -26.54 -12.96 -7.77
N LEU D 157 -27.72 -12.41 -8.06
CA LEU D 157 -28.92 -12.83 -7.33
C LEU D 157 -29.20 -14.30 -7.56
N TYR D 158 -29.09 -14.76 -8.81
CA TYR D 158 -29.31 -16.16 -9.12
C TYR D 158 -28.32 -17.05 -8.38
N GLU D 159 -27.06 -16.63 -8.33
CA GLU D 159 -26.05 -17.40 -7.61
C GLU D 159 -26.37 -17.47 -6.13
N ASP D 160 -26.82 -16.35 -5.55
CA ASP D 160 -27.22 -16.38 -4.15
C ASP D 160 -28.35 -17.37 -3.91
N ILE D 161 -29.36 -17.34 -4.78
CA ILE D 161 -30.47 -18.28 -4.63
C ILE D 161 -29.99 -19.71 -4.74
N ALA D 162 -29.13 -19.99 -5.72
CA ALA D 162 -28.65 -21.35 -5.93
C ALA D 162 -27.83 -21.83 -4.74
N ARG D 163 -26.98 -20.97 -4.18
CA ARG D 163 -26.10 -21.39 -3.11
C ARG D 163 -26.85 -21.53 -1.79
N PHE D 164 -27.75 -20.59 -1.48
CA PHE D 164 -28.41 -20.58 -0.18
C PHE D 164 -29.91 -20.81 -0.25
N GLY D 165 -30.53 -20.66 -1.42
CA GLY D 165 -31.96 -20.73 -1.52
C GLY D 165 -32.67 -19.41 -1.28
N HIS D 166 -31.93 -18.37 -0.91
CA HIS D 166 -32.50 -17.04 -0.70
C HIS D 166 -31.49 -16.01 -1.15
N ILE D 167 -31.98 -14.81 -1.48
CA ILE D 167 -31.10 -13.72 -1.84
C ILE D 167 -30.22 -13.38 -0.65
N ALA D 168 -28.91 -13.36 -0.86
CA ALA D 168 -27.96 -13.11 0.21
C ALA D 168 -27.73 -11.64 0.48
N THR D 169 -28.27 -10.75 -0.35
CA THR D 169 -28.17 -9.32 -0.08
C THR D 169 -29.30 -8.91 0.86
N THR D 170 -28.91 -8.36 2.02
CA THR D 170 -29.87 -7.96 3.03
C THR D 170 -29.93 -6.46 3.25
N TYR D 171 -28.94 -5.71 2.79
CA TYR D 171 -28.94 -4.26 2.88
C TYR D 171 -28.16 -3.73 1.70
N ALA D 172 -28.35 -2.43 1.42
CA ALA D 172 -27.82 -1.84 0.20
C ALA D 172 -28.35 -2.59 -1.01
N TYR D 173 -29.60 -3.00 -0.94
CA TYR D 173 -30.20 -3.79 -1.99
C TYR D 173 -30.33 -2.96 -3.27
N PRO D 174 -29.84 -3.44 -4.41
CA PRO D 174 -29.94 -2.64 -5.64
C PRO D 174 -31.39 -2.40 -6.03
N VAL D 175 -31.65 -1.23 -6.61
CA VAL D 175 -33.00 -0.87 -7.02
C VAL D 175 -32.93 -0.18 -8.38
N LYS D 176 -33.81 -0.59 -9.28
CA LYS D 176 -33.96 0.07 -10.57
C LYS D 176 -34.87 1.27 -10.37
N VAL D 177 -34.35 2.46 -10.63
CA VAL D 177 -35.08 3.70 -10.41
C VAL D 177 -35.49 4.28 -11.74
N ASN D 178 -36.77 4.61 -11.87
CA ASN D 178 -37.34 5.17 -13.09
C ASN D 178 -37.31 4.18 -14.24
N GLY D 179 -36.99 2.92 -13.97
CA GLY D 179 -37.02 1.89 -14.99
C GLY D 179 -35.78 1.79 -15.85
N ARG D 180 -34.78 2.64 -15.64
CA ARG D 180 -33.58 2.60 -16.47
C ARG D 180 -32.31 2.31 -15.68
N TYR D 181 -32.03 3.09 -14.64
CA TYR D 181 -30.75 3.03 -13.94
C TYR D 181 -30.86 2.16 -12.70
N VAL D 182 -29.97 1.18 -12.58
CA VAL D 182 -29.85 0.41 -11.35
C VAL D 182 -28.96 1.21 -10.40
N MET D 183 -29.46 1.45 -9.20
CA MET D 183 -28.84 2.35 -8.25
C MET D 183 -28.64 1.63 -6.92
N ASP D 184 -27.58 2.00 -6.22
CA ASP D 184 -27.28 1.44 -4.92
C ASP D 184 -27.73 2.44 -3.86
N PRO D 185 -28.81 2.17 -3.13
CA PRO D 185 -29.20 3.11 -2.06
C PRO D 185 -28.19 3.07 -0.93
N SER D 186 -28.32 3.94 0.05
CA SER D 186 -27.46 3.85 1.21
C SER D 186 -27.55 2.42 1.74
N PRO D 187 -26.62 1.96 2.54
CA PRO D 187 -26.76 0.58 3.03
C PRO D 187 -27.91 0.44 4.01
N ILE D 188 -29.09 0.85 3.58
CA ILE D 188 -30.31 0.74 4.36
C ILE D 188 -30.77 -0.70 4.27
N PRO D 189 -31.44 -1.24 5.28
CA PRO D 189 -31.94 -2.61 5.17
C PRO D 189 -32.95 -2.71 4.06
N LYS D 190 -33.02 -3.89 3.44
CA LYS D 190 -34.04 -4.08 2.41
C LYS D 190 -35.44 -3.89 2.97
N PHE D 191 -35.58 -3.81 4.29
CA PHE D 191 -36.83 -3.41 4.91
C PHE D 191 -37.27 -2.02 4.47
N ASP D 192 -36.34 -1.20 3.98
CA ASP D 192 -36.62 0.20 3.67
C ASP D 192 -36.81 0.48 2.19
N ASN D 193 -36.41 -0.42 1.29
CA ASN D 193 -36.60 -0.16 -0.14
C ASN D 193 -38.03 0.17 -0.50
N PRO D 194 -39.05 -0.50 0.03
CA PRO D 194 -40.43 -0.12 -0.34
C PRO D 194 -40.74 1.34 -0.06
N LYS D 195 -40.14 1.91 0.98
CA LYS D 195 -40.38 3.31 1.31
C LYS D 195 -39.81 4.26 0.29
N MET D 196 -38.93 3.81 -0.60
CA MET D 196 -38.32 4.66 -1.61
C MET D 196 -39.19 4.81 -2.87
N ASP D 197 -40.23 4.01 -3.02
CA ASP D 197 -41.03 4.02 -4.24
C ASP D 197 -42.12 5.09 -4.13
N MET D 198 -42.15 5.99 -5.11
CA MET D 198 -43.17 7.03 -5.20
C MET D 198 -43.25 7.81 -3.89
N MET D 199 -42.10 8.10 -3.31
CA MET D 199 -42.08 8.90 -2.11
C MET D 199 -42.30 10.38 -2.48
N PRO D 200 -43.04 11.14 -1.67
CA PRO D 200 -43.30 12.54 -2.04
C PRO D 200 -42.11 13.47 -1.85
N ALA D 201 -40.98 12.97 -1.36
CA ALA D 201 -39.84 13.79 -0.99
C ALA D 201 -38.65 13.49 -1.90
N LEU D 202 -37.85 14.52 -2.15
CA LEU D 202 -36.61 14.36 -2.90
C LEU D 202 -35.62 13.57 -2.08
N GLN D 203 -34.91 12.65 -2.72
CA GLN D 203 -33.89 11.84 -2.06
C GLN D 203 -32.54 12.15 -2.69
N LEU D 204 -31.56 12.48 -1.87
CA LEU D 204 -30.20 12.75 -2.33
C LEU D 204 -29.24 11.77 -1.67
N PHE D 205 -28.36 11.19 -2.47
CA PHE D 205 -27.34 10.27 -2.02
C PHE D 205 -25.98 10.84 -2.38
N GLY D 206 -25.10 10.93 -1.38
CA GLY D 206 -23.79 11.48 -1.60
C GLY D 206 -22.68 10.62 -1.04
N ALA D 207 -21.74 10.24 -1.90
CA ALA D 207 -20.54 9.51 -1.52
C ALA D 207 -19.38 10.49 -1.63
N GLY D 208 -18.98 11.06 -0.50
CA GLY D 208 -17.89 12.01 -0.47
C GLY D 208 -16.55 11.37 -0.78
N ARG D 209 -16.30 10.19 -0.22
CA ARG D 209 -15.05 9.51 -0.49
C ARG D 209 -14.95 9.12 -1.96
N GLU D 210 -16.04 8.64 -2.54
CA GLU D 210 -16.05 8.19 -3.92
C GLU D 210 -16.40 9.30 -4.90
N LYS D 211 -16.67 10.50 -4.41
CA LYS D 211 -16.99 11.64 -5.26
C LYS D 211 -18.13 11.33 -6.20
N ARG D 212 -19.29 11.05 -5.62
CA ARG D 212 -20.47 10.78 -6.43
C ARG D 212 -21.70 11.36 -5.77
N ILE D 213 -22.60 11.92 -6.58
CA ILE D 213 -23.88 12.41 -6.11
C ILE D 213 -24.95 11.87 -7.05
N TYR D 214 -26.00 11.30 -6.48
CA TYR D 214 -27.15 10.89 -7.28
C TYR D 214 -28.42 11.14 -6.49
N ALA D 215 -29.55 11.06 -7.17
CA ALA D 215 -30.80 11.52 -6.58
C ALA D 215 -31.98 10.74 -7.14
N VAL D 216 -33.06 10.75 -6.37
CA VAL D 216 -34.36 10.24 -6.80
C VAL D 216 -35.37 11.36 -6.59
N PRO D 217 -35.93 11.93 -7.66
CA PRO D 217 -36.93 12.97 -7.49
C PRO D 217 -38.17 12.42 -6.82
N PRO D 218 -39.07 13.28 -6.35
CA PRO D 218 -40.32 12.80 -5.77
C PRO D 218 -41.14 12.04 -6.80
N PHE D 219 -41.90 11.06 -6.31
CA PHE D 219 -42.82 10.30 -7.15
C PHE D 219 -42.08 9.65 -8.32
N THR D 220 -41.09 8.82 -7.97
CA THR D 220 -40.30 8.09 -8.96
C THR D 220 -40.43 6.60 -8.68
N ARG D 221 -40.43 5.81 -9.76
CA ARG D 221 -40.53 4.36 -9.62
C ARG D 221 -39.20 3.79 -9.18
N VAL D 222 -39.18 3.15 -8.02
CA VAL D 222 -38.01 2.45 -7.50
C VAL D 222 -38.42 1.02 -7.20
N GLU D 223 -37.84 0.07 -7.93
CA GLU D 223 -38.20 -1.33 -7.81
C GLU D 223 -36.97 -2.15 -7.47
N SER D 224 -37.04 -2.91 -6.39
CA SER D 224 -35.93 -3.76 -5.99
C SER D 224 -35.82 -4.95 -6.93
N LEU D 225 -34.59 -5.26 -7.36
CA LEU D 225 -34.39 -6.39 -8.25
C LEU D 225 -34.78 -7.69 -7.56
N ASP D 226 -35.36 -8.60 -8.32
CA ASP D 226 -35.79 -9.89 -7.79
C ASP D 226 -36.26 -10.74 -8.96
N PHE D 227 -36.64 -11.98 -8.66
CA PHE D 227 -37.21 -12.90 -9.63
C PHE D 227 -38.70 -13.05 -9.38
N ASP D 228 -39.41 -13.49 -10.42
CA ASP D 228 -40.85 -13.68 -10.31
C ASP D 228 -41.18 -14.76 -9.28
N ASP D 229 -40.43 -15.84 -9.26
CA ASP D 229 -40.68 -16.94 -8.33
C ASP D 229 -39.99 -16.75 -6.99
N HIS D 230 -39.14 -15.73 -6.86
CA HIS D 230 -38.49 -15.40 -5.59
C HIS D 230 -38.69 -13.91 -5.33
N PRO D 231 -39.90 -13.52 -4.97
CA PRO D 231 -40.20 -12.09 -4.86
C PRO D 231 -39.42 -11.42 -3.74
N PHE D 232 -39.20 -10.12 -3.92
CA PHE D 232 -38.50 -9.34 -2.92
C PHE D 232 -39.27 -9.35 -1.60
N THR D 233 -38.54 -9.58 -0.50
CA THR D 233 -39.15 -9.61 0.82
C THR D 233 -38.40 -8.66 1.75
N VAL D 234 -38.74 -8.66 3.04
CA VAL D 234 -38.14 -7.76 4.01
C VAL D 234 -37.84 -8.54 5.28
N GLN D 235 -37.11 -7.90 6.18
CA GLN D 235 -36.76 -8.52 7.45
C GLN D 235 -38.01 -8.76 8.29
N GLN D 236 -38.00 -9.87 9.03
CA GLN D 236 -39.10 -10.25 9.90
C GLN D 236 -38.57 -10.56 11.29
N TRP D 237 -39.34 -10.22 12.31
CA TRP D 237 -39.02 -10.57 13.68
C TRP D 237 -40.25 -11.16 14.35
N ASP D 238 -40.02 -12.13 15.24
CA ASP D 238 -41.12 -12.68 16.02
C ASP D 238 -41.52 -11.75 17.15
N GLU D 239 -40.59 -10.98 17.68
CA GLU D 239 -40.87 -10.13 18.83
C GLU D 239 -41.26 -8.73 18.38
N PRO D 240 -42.18 -8.07 19.07
CA PRO D 240 -42.44 -6.65 18.83
C PRO D 240 -41.42 -5.80 19.56
N CYS D 241 -41.49 -4.49 19.35
CA CYS D 241 -40.63 -3.58 20.09
C CYS D 241 -40.83 -3.78 21.60
N ALA D 242 -39.72 -3.87 22.32
CA ALA D 242 -39.77 -4.10 23.75
C ALA D 242 -40.26 -2.89 24.53
N ILE D 243 -40.41 -1.74 23.88
CA ILE D 243 -40.81 -0.51 24.56
C ILE D 243 -42.20 -0.09 24.08
N CYS D 244 -42.32 0.19 22.79
CA CYS D 244 -43.58 0.67 22.23
C CYS D 244 -44.47 -0.45 21.73
N GLY D 245 -43.99 -1.69 21.72
CA GLY D 245 -44.81 -2.80 21.26
C GLY D 245 -45.30 -2.65 19.83
N SER D 246 -44.47 -2.10 18.96
CA SER D 246 -44.82 -1.90 17.56
C SER D 246 -44.27 -3.05 16.72
N THR D 247 -45.09 -3.55 15.80
CA THR D 247 -44.71 -4.66 14.94
C THR D 247 -44.44 -4.23 13.51
N HIS D 248 -44.42 -2.93 13.22
CA HIS D 248 -44.25 -2.44 11.86
C HIS D 248 -43.00 -1.58 11.73
N SER D 249 -42.01 -1.82 12.59
CA SER D 249 -40.79 -1.02 12.61
C SER D 249 -39.58 -1.94 12.56
N TYR D 250 -38.51 -1.43 11.97
CA TYR D 250 -37.25 -2.16 11.91
C TYR D 250 -36.65 -2.24 13.31
N LEU D 251 -36.61 -3.43 13.87
CA LEU D 251 -36.08 -3.63 15.21
C LEU D 251 -34.58 -3.83 15.17
N ASP D 252 -33.94 -3.50 16.29
CA ASP D 252 -32.53 -3.77 16.49
C ASP D 252 -32.36 -4.48 17.82
N GLU D 253 -31.32 -5.29 17.92
CA GLU D 253 -31.14 -6.23 19.02
C GLU D 253 -30.22 -5.61 20.07
N VAL D 254 -30.63 -5.69 21.33
CA VAL D 254 -29.84 -5.19 22.45
C VAL D 254 -29.60 -6.36 23.39
N VAL D 255 -28.33 -6.68 23.61
CA VAL D 255 -27.94 -7.78 24.49
C VAL D 255 -27.86 -7.23 25.91
N LEU D 256 -28.77 -7.68 26.77
CA LEU D 256 -28.83 -7.15 28.12
C LEU D 256 -27.72 -7.71 29.00
N ASP D 257 -27.39 -8.99 28.85
CA ASP D 257 -26.39 -9.61 29.70
C ASP D 257 -25.83 -10.83 28.99
N ASP D 258 -24.70 -11.32 29.51
CA ASP D 258 -24.01 -12.44 28.89
C ASP D 258 -24.80 -13.74 28.97
N ALA D 259 -25.84 -13.80 29.81
CA ALA D 259 -26.64 -15.01 29.92
C ALA D 259 -27.44 -15.30 28.66
N GLY D 260 -27.51 -14.34 27.73
CA GLY D 260 -28.30 -14.49 26.53
C GLY D 260 -29.61 -13.75 26.52
N ASN D 261 -29.92 -13.00 27.58
CA ASN D 261 -31.14 -12.20 27.59
C ASN D 261 -30.99 -11.01 26.64
N ARG D 262 -32.00 -10.79 25.82
CA ARG D 262 -31.93 -9.78 24.77
C ARG D 262 -33.31 -9.14 24.63
N MET D 263 -33.31 -7.91 24.13
CA MET D 263 -34.55 -7.22 23.82
C MET D 263 -34.43 -6.54 22.46
N PHE D 264 -35.53 -6.54 21.72
CA PHE D 264 -35.60 -5.89 20.42
C PHE D 264 -36.33 -4.58 20.56
N VAL D 265 -35.72 -3.50 20.08
CA VAL D 265 -36.31 -2.17 20.19
C VAL D 265 -36.26 -1.48 18.84
N CYS D 266 -37.21 -0.57 18.63
CA CYS D 266 -37.30 0.11 17.35
C CYS D 266 -35.99 0.82 17.02
N SER D 267 -35.53 0.63 15.80
CA SER D 267 -34.33 1.35 15.36
C SER D 267 -34.60 2.84 15.25
N ASP D 268 -35.79 3.22 14.79
CA ASP D 268 -36.17 4.63 14.66
C ASP D 268 -36.60 5.13 16.03
N THR D 269 -35.70 5.84 16.71
CA THR D 269 -35.99 6.28 18.07
C THR D 269 -37.16 7.26 18.10
N ASP D 270 -37.23 8.16 17.12
CA ASP D 270 -38.34 9.11 17.09
C ASP D 270 -39.68 8.41 16.92
N TYR D 271 -39.73 7.41 16.02
CA TYR D 271 -40.96 6.67 15.84
C TYR D 271 -41.34 5.91 17.11
N CYS D 272 -40.35 5.33 17.79
CA CYS D 272 -40.63 4.67 19.06
C CYS D 272 -41.18 5.64 20.07
N ARG D 273 -40.60 6.83 20.17
CA ARG D 273 -41.10 7.84 21.10
C ARG D 273 -42.53 8.22 20.77
N GLN D 274 -42.82 8.42 19.49
CA GLN D 274 -44.17 8.78 19.09
C GLN D 274 -45.17 7.68 19.42
N GLN D 275 -44.78 6.42 19.19
CA GLN D 275 -45.70 5.32 19.46
C GLN D 275 -45.92 5.14 20.95
N SER D 276 -44.86 5.25 21.75
CA SER D 276 -45.00 5.00 23.18
C SER D 276 -45.90 6.02 23.85
N GLU D 277 -45.80 7.29 23.46
CA GLU D 277 -46.62 8.32 24.08
C GLU D 277 -48.08 8.23 23.69
N ALA D 278 -48.43 7.40 22.72
CA ALA D 278 -49.82 7.20 22.35
C ALA D 278 -50.50 6.26 23.34
N ALA E 3 -0.49 -23.13 48.91
CA ALA E 3 -0.81 -21.90 49.64
C ALA E 3 0.37 -20.95 49.62
N ASP E 4 1.56 -21.46 50.00
CA ASP E 4 2.74 -20.62 50.00
C ASP E 4 3.09 -20.17 48.59
N THR E 5 2.92 -21.04 47.60
CA THR E 5 3.18 -20.65 46.22
C THR E 5 2.27 -19.51 45.80
N ALA E 6 0.99 -19.57 46.20
CA ALA E 6 0.07 -18.50 45.83
C ALA E 6 0.49 -17.17 46.46
N THR E 7 0.90 -17.19 47.72
CA THR E 7 1.32 -15.95 48.37
C THR E 7 2.58 -15.41 47.73
N ARG E 8 3.52 -16.29 47.38
CA ARG E 8 4.74 -15.85 46.70
C ARG E 8 4.40 -15.22 45.36
N GLN E 9 3.54 -15.87 44.58
CA GLN E 9 3.10 -15.26 43.33
C GLN E 9 2.48 -13.91 43.58
N HIS E 10 1.71 -13.78 44.66
CA HIS E 10 1.04 -12.52 44.94
C HIS E 10 2.04 -11.41 45.21
N TRP E 11 3.00 -11.62 46.11
CA TRP E 11 3.89 -10.50 46.37
C TRP E 11 4.83 -10.25 45.21
N MET E 12 5.20 -11.30 44.46
CA MET E 12 6.03 -11.07 43.28
C MET E 12 5.30 -10.22 42.27
N SER E 13 4.00 -10.49 42.06
CA SER E 13 3.21 -9.66 41.17
C SER E 13 3.11 -8.23 41.69
N VAL E 14 2.90 -8.07 42.99
CA VAL E 14 2.79 -6.73 43.55
C VAL E 14 4.07 -5.95 43.30
N LEU E 15 5.22 -6.59 43.55
CA LEU E 15 6.49 -5.92 43.30
C LEU E 15 6.67 -5.59 41.82
N ALA E 16 6.32 -6.53 40.95
CA ALA E 16 6.51 -6.31 39.52
C ALA E 16 5.69 -5.14 39.02
N HIS E 17 4.45 -5.01 39.50
CA HIS E 17 3.58 -3.94 39.04
C HIS E 17 3.87 -2.60 39.70
N SER E 18 4.68 -2.57 40.76
CA SER E 18 4.92 -1.33 41.47
C SER E 18 5.79 -0.39 40.64
N GLN E 19 5.58 0.90 40.82
CA GLN E 19 6.41 1.89 40.16
C GLN E 19 7.79 1.93 40.80
N PRO E 20 8.87 1.98 40.02
CA PRO E 20 10.20 1.92 40.64
C PRO E 20 10.45 2.99 41.68
N ALA E 21 9.99 4.22 41.43
CA ALA E 21 10.23 5.30 42.39
C ALA E 21 9.54 5.03 43.71
N GLU E 22 8.27 4.60 43.65
CA GLU E 22 7.52 4.32 44.87
C GLU E 22 8.18 3.19 45.66
N LEU E 23 8.61 2.14 44.97
CA LEU E 23 9.25 1.03 45.65
C LEU E 23 10.55 1.47 46.31
N ALA E 24 11.35 2.26 45.60
CA ALA E 24 12.61 2.72 46.18
C ALA E 24 12.35 3.58 47.41
N ALA E 25 11.36 4.48 47.31
CA ALA E 25 11.02 5.31 48.47
C ALA E 25 10.59 4.47 49.65
N ARG E 26 9.78 3.45 49.41
CA ARG E 26 9.32 2.61 50.51
C ARG E 26 10.46 1.79 51.12
N LEU E 27 11.37 1.28 50.30
CA LEU E 27 12.56 0.62 50.84
C LEU E 27 13.35 1.55 51.72
N ASN E 28 13.62 2.77 51.24
CA ASN E 28 14.37 3.72 52.07
C ASN E 28 13.63 4.01 53.36
N ALA E 29 12.32 4.18 53.30
CA ALA E 29 11.54 4.46 54.50
C ALA E 29 11.65 3.32 55.50
N LEU E 30 11.55 2.08 55.03
CA LEU E 30 11.64 0.95 55.94
C LEU E 30 13.05 0.79 56.51
N ASN E 31 14.06 1.17 55.74
CA ASN E 31 15.46 1.07 56.19
C ASN E 31 15.77 -0.35 56.67
N ILE E 32 15.29 -1.33 55.90
CA ILE E 32 15.57 -2.73 56.22
C ILE E 32 16.98 -3.07 55.77
N THR E 33 17.76 -3.66 56.67
CA THR E 33 19.14 -4.00 56.40
C THR E 33 19.29 -5.51 56.31
N ALA E 34 19.94 -5.98 55.25
CA ALA E 34 20.17 -7.40 55.07
C ALA E 34 21.33 -7.59 54.10
N ASP E 35 22.23 -8.50 54.44
CA ASP E 35 23.38 -8.78 53.59
C ASP E 35 22.97 -9.76 52.50
N TYR E 36 23.14 -9.35 51.24
CA TYR E 36 22.80 -10.19 50.11
C TYR E 36 23.91 -10.10 49.07
N GLU E 37 24.12 -11.21 48.36
CA GLU E 37 25.06 -11.26 47.26
C GLU E 37 24.30 -11.47 45.97
N VAL E 38 24.63 -10.70 44.94
CA VAL E 38 23.93 -10.76 43.66
C VAL E 38 24.39 -12.02 42.94
N ILE E 39 23.51 -13.02 42.88
CA ILE E 39 23.85 -14.25 42.16
C ILE E 39 23.90 -13.99 40.67
N ARG E 40 22.93 -13.22 40.17
CA ARG E 40 22.84 -12.88 38.75
C ARG E 40 22.63 -11.38 38.64
N ALA E 41 23.62 -10.68 38.12
CA ALA E 41 23.49 -9.24 37.95
C ALA E 41 22.30 -8.93 37.08
N ALA E 42 21.51 -7.94 37.49
CA ALA E 42 20.29 -7.59 36.76
C ALA E 42 20.59 -7.43 35.28
N GLU E 43 19.97 -8.27 34.46
CA GLU E 43 20.16 -8.23 33.02
C GLU E 43 18.83 -7.96 32.33
N THR E 44 18.89 -7.18 31.26
CA THR E 44 17.73 -6.82 30.47
C THR E 44 17.74 -7.59 29.16
N GLY E 45 16.65 -8.27 28.86
CA GLY E 45 16.49 -8.98 27.61
C GLY E 45 15.06 -8.88 27.13
N LEU E 46 14.61 -9.83 26.33
CA LEU E 46 13.27 -9.81 25.75
C LEU E 46 12.45 -10.98 26.26
N VAL E 47 11.18 -10.71 26.52
CA VAL E 47 10.17 -11.73 26.76
C VAL E 47 9.29 -11.76 25.51
N GLN E 48 9.14 -12.94 24.92
CA GLN E 48 8.39 -13.07 23.68
C GLN E 48 6.90 -13.17 24.00
N ILE E 49 6.15 -12.15 23.61
CA ILE E 49 4.72 -12.15 23.87
C ILE E 49 4.05 -13.19 23.00
N GLN E 50 3.18 -13.99 23.60
CA GLN E 50 2.48 -15.07 22.92
C GLN E 50 0.98 -14.81 23.09
N ALA E 51 0.29 -14.57 21.99
CA ALA E 51 -1.13 -14.28 22.00
C ALA E 51 -1.90 -15.44 21.39
N ARG E 52 -3.22 -15.38 21.47
CA ARG E 52 -4.10 -16.43 20.95
C ARG E 52 -4.98 -15.85 19.85
N MET E 53 -5.10 -16.57 18.75
CA MET E 53 -5.98 -16.15 17.67
C MET E 53 -7.41 -16.06 18.18
N GLY E 54 -8.08 -14.96 17.85
CA GLY E 54 -9.44 -14.77 18.32
C GLY E 54 -9.55 -14.73 19.82
N GLY E 55 -8.45 -14.47 20.53
CA GLY E 55 -8.45 -14.44 21.97
C GLY E 55 -8.41 -15.79 22.64
N THR E 56 -8.85 -16.86 21.97
CA THR E 56 -8.93 -18.17 22.58
C THR E 56 -8.45 -19.29 21.66
N GLY E 57 -7.90 -18.98 20.50
CA GLY E 57 -7.54 -19.97 19.51
C GLY E 57 -6.10 -20.40 19.59
N GLU E 58 -5.53 -20.74 18.44
CA GLU E 58 -4.14 -21.16 18.38
C GLU E 58 -3.23 -20.04 18.86
N ARG E 59 -2.00 -20.39 19.18
CA ARG E 59 -1.02 -19.44 19.66
C ARG E 59 -0.23 -18.85 18.51
N PHE E 60 0.21 -17.61 18.69
CA PHE E 60 1.11 -16.95 17.74
C PHE E 60 1.93 -15.93 18.50
N PHE E 61 2.99 -15.46 17.87
CA PHE E 61 3.96 -14.58 18.54
C PHE E 61 3.64 -13.14 18.20
N ALA E 62 3.14 -12.40 19.19
CA ALA E 62 2.79 -11.00 19.01
C ALA E 62 3.89 -10.10 19.55
N GLY E 63 5.03 -10.12 18.85
CA GLY E 63 6.09 -9.21 19.22
C GLY E 63 6.80 -9.61 20.51
N ASP E 64 7.49 -8.62 21.08
CA ASP E 64 8.33 -8.84 22.25
C ASP E 64 8.17 -7.67 23.21
N ALA E 65 8.62 -7.86 24.44
CA ALA E 65 8.65 -6.80 25.43
C ALA E 65 9.97 -6.88 26.19
N THR E 66 10.40 -5.75 26.74
CA THR E 66 11.61 -5.75 27.54
C THR E 66 11.36 -6.37 28.90
N LEU E 67 12.32 -7.11 29.40
CA LEU E 67 12.20 -7.80 30.68
C LEU E 67 13.55 -7.79 31.38
N THR E 68 13.58 -7.26 32.59
CA THR E 68 14.79 -7.24 33.40
C THR E 68 14.66 -8.29 34.49
N ARG E 69 15.67 -9.13 34.62
CA ARG E 69 15.67 -10.19 35.62
C ARG E 69 16.89 -10.06 36.52
N ALA E 70 16.68 -10.33 37.81
CA ALA E 70 17.74 -10.27 38.80
C ALA E 70 17.54 -11.39 39.81
N ALA E 71 18.63 -11.77 40.47
CA ALA E 71 18.61 -12.82 41.48
C ALA E 71 19.65 -12.52 42.56
N VAL E 72 19.23 -12.64 43.81
CA VAL E 72 20.09 -12.40 44.96
C VAL E 72 20.00 -13.59 45.89
N ARG E 73 21.00 -13.73 46.75
CA ARG E 73 21.00 -14.74 47.80
C ARG E 73 21.37 -14.09 49.11
N LEU E 74 20.57 -14.34 50.14
CA LEU E 74 20.84 -13.79 51.47
C LEU E 74 21.91 -14.62 52.17
N THR E 75 22.34 -14.12 53.32
CA THR E 75 23.30 -14.87 54.13
C THR E 75 22.70 -16.21 54.56
N ASP E 76 21.43 -16.21 54.95
CA ASP E 76 20.76 -17.45 55.30
C ASP E 76 20.81 -18.45 54.15
N GLY E 77 20.81 -17.96 52.91
CA GLY E 77 20.83 -18.82 51.74
C GLY E 77 19.57 -18.74 50.91
N THR E 78 18.53 -18.07 51.39
CA THR E 78 17.31 -17.93 50.61
C THR E 78 17.62 -17.25 49.29
N LEU E 79 17.06 -17.79 48.21
CA LEU E 79 17.23 -17.23 46.88
C LEU E 79 16.03 -16.39 46.50
N GLY E 80 16.27 -15.12 46.20
CA GLY E 80 15.22 -14.22 45.74
C GLY E 80 15.41 -13.91 44.26
N TYR E 81 14.31 -13.93 43.53
CA TYR E 81 14.33 -13.70 42.09
C TYR E 81 13.35 -12.59 41.75
N SER E 82 13.56 -11.96 40.60
CA SER E 82 12.60 -10.97 40.12
C SER E 82 12.70 -10.86 38.61
N TRP E 83 11.55 -10.92 37.94
CA TRP E 83 11.42 -10.57 36.53
C TRP E 83 10.41 -9.44 36.45
N VAL E 84 10.84 -8.29 35.94
CA VAL E 84 9.98 -7.12 35.84
C VAL E 84 10.02 -6.61 34.41
N GLN E 85 8.85 -6.31 33.86
CA GLN E 85 8.75 -5.81 32.49
C GLN E 85 9.31 -4.39 32.46
N GLY E 86 10.52 -4.25 31.95
CA GLY E 86 11.16 -2.95 31.87
C GLY E 86 12.67 -3.10 31.86
N ARG E 87 13.33 -1.96 31.66
CA ARG E 87 14.78 -1.93 31.57
C ARG E 87 15.46 -1.45 32.85
N ASP E 88 14.71 -1.23 33.92
CA ASP E 88 15.29 -0.71 35.16
C ASP E 88 15.97 -1.83 35.92
N LYS E 89 17.24 -1.66 36.24
CA LYS E 89 18.01 -2.69 36.92
C LYS E 89 17.97 -2.54 38.43
N GLN E 90 18.03 -1.31 38.94
CA GLN E 90 17.90 -1.11 40.37
C GLN E 90 16.54 -1.62 40.86
N HIS E 91 15.49 -1.36 40.08
CA HIS E 91 14.17 -1.87 40.45
C HIS E 91 14.17 -3.39 40.51
N ALA E 92 14.81 -4.04 39.54
CA ALA E 92 14.86 -5.50 39.54
C ALA E 92 15.60 -6.01 40.78
N GLU E 93 16.70 -5.37 41.13
CA GLU E 93 17.44 -5.80 42.32
C GLU E 93 16.61 -5.61 43.58
N ARG E 94 15.89 -4.49 43.69
CA ARG E 94 15.04 -4.28 44.85
C ARG E 94 13.95 -5.34 44.91
N CYS E 95 13.33 -5.68 43.77
CA CYS E 95 12.30 -6.69 43.76
C CYS E 95 12.86 -8.04 44.19
N ALA E 96 14.05 -8.39 43.69
CA ALA E 96 14.66 -9.66 44.09
C ALA E 96 14.98 -9.67 45.57
N LEU E 97 15.47 -8.57 46.10
CA LEU E 97 15.77 -8.51 47.53
C LEU E 97 14.51 -8.67 48.35
N ILE E 98 13.42 -8.02 47.96
CA ILE E 98 12.19 -8.15 48.72
C ILE E 98 11.65 -9.56 48.62
N ASP E 99 11.78 -10.20 47.45
CA ASP E 99 11.35 -11.58 47.32
C ASP E 99 12.14 -12.48 48.24
N ALA E 100 13.46 -12.27 48.32
CA ALA E 100 14.28 -13.05 49.24
C ALA E 100 13.85 -12.83 50.68
N LEU E 101 13.63 -11.57 51.07
CA LEU E 101 13.28 -11.27 52.44
C LEU E 101 11.94 -11.87 52.82
N MET E 102 10.95 -11.77 51.93
CA MET E 102 9.61 -12.25 52.25
C MET E 102 9.60 -13.74 52.59
N GLN E 103 10.58 -14.50 52.11
CA GLN E 103 10.64 -15.91 52.43
C GLN E 103 11.18 -16.16 53.83
N GLN E 104 11.77 -15.16 54.46
CA GLN E 104 12.25 -15.30 55.83
C GLN E 104 11.14 -14.98 56.82
N SER E 105 11.01 -15.82 57.83
CA SER E 105 9.93 -15.64 58.80
C SER E 105 10.06 -14.32 59.55
N ARG E 106 11.30 -13.85 59.76
CA ARG E 106 11.49 -12.62 60.52
C ARG E 106 10.86 -11.43 59.82
N HIS E 107 11.01 -11.34 58.49
CA HIS E 107 10.56 -10.18 57.74
C HIS E 107 9.23 -10.39 57.03
N PHE E 108 8.73 -11.61 56.95
CA PHE E 108 7.57 -11.87 56.11
C PHE E 108 6.37 -11.02 56.55
N GLN E 109 6.02 -11.10 57.83
CA GLN E 109 4.83 -10.40 58.29
C GLN E 109 5.02 -8.88 58.22
N ASN E 110 6.18 -8.40 58.65
CA ASN E 110 6.41 -6.96 58.65
C ASN E 110 6.33 -6.39 57.24
N LEU E 111 6.99 -7.05 56.29
CA LEU E 111 6.95 -6.56 54.91
C LEU E 111 5.56 -6.70 54.32
N SER E 112 4.87 -7.80 54.61
CA SER E 112 3.53 -7.98 54.05
C SER E 112 2.58 -6.90 54.54
N GLU E 113 2.65 -6.54 55.82
CA GLU E 113 1.76 -5.52 56.35
C GLU E 113 2.20 -4.11 55.96
N THR E 114 3.51 -3.87 55.86
CA THR E 114 4.02 -2.51 55.69
C THR E 114 4.58 -2.23 54.30
N LEU E 115 4.84 -3.25 53.49
CA LEU E 115 5.36 -3.04 52.14
C LEU E 115 4.44 -3.57 51.06
N ILE E 116 4.05 -4.84 51.11
CA ILE E 116 3.28 -5.42 50.02
C ILE E 116 1.85 -4.90 50.03
N ALA E 117 1.20 -4.93 51.19
CA ALA E 117 -0.18 -4.47 51.27
C ALA E 117 -0.32 -3.00 50.92
N PRO E 118 0.50 -2.09 51.45
CA PRO E 118 0.41 -0.68 51.02
C PRO E 118 0.64 -0.49 49.53
N LEU E 119 1.59 -1.22 48.95
CA LEU E 119 1.85 -1.08 47.52
C LEU E 119 0.66 -1.53 46.70
N ASP E 120 0.07 -2.68 47.05
CA ASP E 120 -1.10 -3.14 46.34
C ASP E 120 -2.25 -2.18 46.50
N ALA E 121 -2.45 -1.64 47.71
CA ALA E 121 -3.52 -0.67 47.92
C ALA E 121 -3.31 0.57 47.07
N ASP E 122 -2.06 1.06 46.99
CA ASP E 122 -1.79 2.22 46.17
C ASP E 122 -2.09 1.95 44.70
N ARG E 123 -1.64 0.80 44.20
CA ARG E 123 -1.90 0.49 42.81
C ARG E 123 -3.40 0.34 42.54
N MET E 124 -4.13 -0.28 43.45
CA MET E 124 -5.56 -0.42 43.27
C MET E 124 -6.26 0.93 43.30
N ALA E 125 -5.81 1.84 44.18
CA ALA E 125 -6.38 3.18 44.19
C ALA E 125 -6.11 3.90 42.88
N ARG E 126 -4.90 3.79 42.35
CA ARG E 126 -4.59 4.41 41.07
C ARG E 126 -5.45 3.83 39.95
N ILE E 127 -5.60 2.52 39.94
CA ILE E 127 -6.44 1.87 38.93
C ILE E 127 -7.87 2.32 39.06
N ALA E 128 -8.37 2.44 40.29
CA ALA E 128 -9.75 2.88 40.50
C ALA E 128 -9.93 4.31 40.00
N ALA E 129 -8.96 5.18 40.26
CA ALA E 129 -9.07 6.55 39.78
C ALA E 129 -9.12 6.59 38.26
N ARG E 130 -8.21 5.86 37.61
CA ARG E 130 -8.22 5.84 36.15
C ARG E 130 -9.51 5.25 35.60
N GLN E 131 -10.02 4.20 36.25
CA GLN E 131 -11.26 3.59 35.80
C GLN E 131 -12.43 4.53 35.96
N ALA E 132 -12.45 5.31 37.05
CA ALA E 132 -13.51 6.30 37.22
C ALA E 132 -13.43 7.36 36.11
N GLU E 133 -12.22 7.80 35.78
CA GLU E 133 -12.08 8.76 34.69
C GLU E 133 -12.57 8.16 33.38
N VAL E 134 -12.21 6.91 33.10
CA VAL E 134 -12.56 6.30 31.82
C VAL E 134 -14.06 6.05 31.73
N ASN E 135 -14.70 5.68 32.84
CA ASN E 135 -16.11 5.32 32.80
C ASN E 135 -16.99 6.48 32.38
N ALA E 136 -16.50 7.72 32.45
CA ALA E 136 -17.29 8.85 32.03
C ALA E 136 -17.59 8.83 30.54
N SER E 137 -16.85 8.02 29.77
CA SER E 137 -17.03 7.92 28.33
C SER E 137 -17.90 6.75 27.92
N ARG E 138 -18.49 6.04 28.87
CA ARG E 138 -19.41 4.96 28.54
C ARG E 138 -20.70 5.54 27.97
N VAL E 139 -21.16 4.98 26.86
CA VAL E 139 -22.37 5.44 26.21
C VAL E 139 -23.57 4.74 26.85
N ASP E 140 -24.56 5.54 27.24
CA ASP E 140 -25.78 5.02 27.85
C ASP E 140 -26.91 5.08 26.85
N PHE E 141 -27.60 3.95 26.67
CA PHE E 141 -28.71 3.84 25.73
C PHE E 141 -30.05 3.66 26.41
N PHE E 142 -30.17 2.66 27.28
CA PHE E 142 -31.42 2.36 27.95
C PHE E 142 -31.18 2.22 29.45
N THR E 143 -32.20 2.58 30.22
CA THR E 143 -32.18 2.45 31.67
C THR E 143 -33.46 1.77 32.12
N MET E 144 -33.33 0.80 33.02
CA MET E 144 -34.51 0.13 33.55
C MET E 144 -35.37 1.11 34.32
N VAL E 145 -36.68 0.97 34.18
CA VAL E 145 -37.62 1.84 34.88
C VAL E 145 -37.67 1.44 36.35
N LEU F 3 30.11 -33.92 34.36
CA LEU F 3 30.13 -33.26 33.06
C LEU F 3 31.56 -33.08 32.57
N GLU F 4 31.70 -32.65 31.32
CA GLU F 4 33.00 -32.48 30.69
C GLU F 4 33.11 -31.08 30.12
N THR F 5 34.33 -30.57 30.11
CA THR F 5 34.57 -29.18 29.73
C THR F 5 34.47 -28.99 28.22
N ALA F 6 33.90 -27.86 27.83
CA ALA F 6 33.85 -27.44 26.43
C ALA F 6 35.08 -26.57 26.14
N PHE F 7 35.04 -25.84 25.03
CA PHE F 7 36.14 -24.94 24.68
C PHE F 7 36.50 -24.03 25.84
N MET F 8 37.80 -23.79 26.03
CA MET F 8 38.23 -22.82 27.03
C MET F 8 37.74 -21.41 26.68
N LEU F 9 37.82 -21.05 25.41
CA LEU F 9 37.33 -19.76 24.90
C LEU F 9 36.25 -20.08 23.87
N PRO F 10 34.99 -20.18 24.29
CA PRO F 10 33.96 -20.67 23.37
C PRO F 10 33.88 -19.92 22.05
N VAL F 11 33.97 -18.59 22.08
CA VAL F 11 33.79 -17.81 20.86
C VAL F 11 34.95 -18.04 19.92
N GLN F 12 36.17 -17.77 20.37
CA GLN F 12 37.34 -17.88 19.50
C GLN F 12 37.56 -19.32 19.07
N ASP F 13 37.43 -20.26 20.00
CA ASP F 13 37.63 -21.67 19.66
C ASP F 13 36.58 -22.16 18.69
N ALA F 14 35.32 -21.76 18.89
CA ALA F 14 34.28 -22.16 17.95
C ALA F 14 34.53 -21.60 16.57
N GLN F 15 34.95 -20.33 16.49
CA GLN F 15 35.25 -19.75 15.19
C GLN F 15 36.40 -20.48 14.52
N HIS F 16 37.45 -20.79 15.26
CA HIS F 16 38.59 -21.48 14.67
C HIS F 16 38.20 -22.87 14.18
N SER F 17 37.42 -23.60 14.99
CA SER F 17 36.98 -24.93 14.58
C SER F 17 36.10 -24.84 13.34
N PHE F 18 35.22 -23.84 13.29
CA PHE F 18 34.39 -23.69 12.10
C PHE F 18 35.23 -23.40 10.88
N ARG F 19 36.26 -22.58 11.02
CA ARG F 19 37.11 -22.28 9.86
C ARG F 19 37.82 -23.53 9.38
N ARG F 20 38.34 -24.35 10.30
CA ARG F 20 38.96 -25.60 9.88
C ARG F 20 37.95 -26.51 9.19
N LEU F 21 36.75 -26.61 9.74
CA LEU F 21 35.72 -27.47 9.14
C LEU F 21 35.32 -26.96 7.77
N LEU F 22 35.24 -25.63 7.60
CA LEU F 22 34.90 -25.05 6.31
C LEU F 22 36.01 -25.31 5.30
N LYS F 23 37.27 -25.23 5.73
CA LYS F 23 38.37 -25.59 4.83
C LYS F 23 38.25 -27.04 4.41
N ALA F 24 37.92 -27.93 5.34
CA ALA F 24 37.80 -29.34 5.00
C ALA F 24 36.62 -29.58 4.05
N MET F 25 35.49 -28.92 4.29
CA MET F 25 34.30 -29.19 3.50
C MET F 25 34.40 -28.58 2.11
N SER F 26 34.92 -27.36 2.01
CA SER F 26 35.05 -26.72 0.70
C SER F 26 36.12 -27.38 -0.15
N GLU F 27 37.08 -28.06 0.46
CA GLU F 27 38.14 -28.78 -0.25
C GLU F 27 38.06 -30.24 0.20
N PRO F 28 37.25 -31.05 -0.47
CA PRO F 28 36.89 -32.37 0.08
C PRO F 28 37.98 -33.42 0.00
N GLY F 29 38.81 -33.48 1.04
CA GLY F 29 39.83 -34.50 1.11
C GLY F 29 41.08 -34.01 1.82
N VAL F 30 41.22 -32.70 1.96
CA VAL F 30 42.29 -32.16 2.78
C VAL F 30 42.00 -32.46 4.24
N ILE F 31 43.01 -32.91 4.96
CA ILE F 31 42.87 -33.28 6.36
C ILE F 31 43.23 -32.07 7.22
N VAL F 32 42.30 -31.65 8.07
CA VAL F 32 42.50 -30.52 8.95
C VAL F 32 42.54 -31.02 10.38
N ALA F 33 43.12 -30.19 11.25
CA ALA F 33 43.26 -30.52 12.66
C ALA F 33 42.53 -29.48 13.50
N LEU F 34 41.80 -29.96 14.49
CA LEU F 34 41.07 -29.11 15.43
C LEU F 34 41.79 -29.18 16.77
N HIS F 35 42.71 -28.25 16.99
CA HIS F 35 43.57 -28.26 18.16
C HIS F 35 43.01 -27.46 19.34
N GLN F 36 41.87 -26.79 19.16
CA GLN F 36 41.39 -25.91 20.21
C GLN F 36 41.02 -26.67 21.48
N LEU F 37 40.44 -27.86 21.32
CA LEU F 37 40.04 -28.68 22.46
C LEU F 37 41.11 -29.73 22.72
N LYS F 38 41.57 -29.81 23.98
CA LYS F 38 42.69 -30.67 24.33
C LYS F 38 42.26 -32.07 24.74
N ARG F 39 40.97 -32.33 24.92
CA ARG F 39 40.52 -33.64 25.38
C ARG F 39 39.08 -33.84 24.94
N GLY F 40 38.83 -34.90 24.17
CA GLY F 40 37.51 -35.19 23.71
C GLY F 40 36.64 -35.85 24.77
N TRP F 41 35.34 -35.84 24.50
CA TRP F 41 34.36 -36.48 25.39
C TRP F 41 34.30 -37.95 25.05
N GLN F 42 35.05 -38.77 25.77
CA GLN F 42 35.12 -40.18 25.44
C GLN F 42 33.72 -40.78 25.45
N PRO F 43 33.38 -41.64 24.48
CA PRO F 43 34.25 -42.17 23.42
C PRO F 43 34.39 -41.26 22.21
N LEU F 44 33.81 -40.06 22.22
CA LEU F 44 33.99 -39.13 21.12
C LEU F 44 35.44 -38.64 21.10
N ASN F 45 36.00 -38.56 19.91
CA ASN F 45 37.35 -38.01 19.77
C ASN F 45 37.29 -36.49 19.81
N ILE F 46 38.46 -35.86 19.75
CA ILE F 46 38.53 -34.41 19.87
C ILE F 46 37.79 -33.75 18.71
N ALA F 47 37.99 -34.25 17.49
CA ALA F 47 37.37 -33.62 16.33
C ALA F 47 35.85 -33.70 16.39
N THR F 48 35.32 -34.85 16.79
CA THR F 48 33.87 -35.02 16.83
C THR F 48 33.24 -34.05 17.81
N THR F 49 33.78 -33.99 19.04
CA THR F 49 33.22 -33.08 20.03
C THR F 49 33.43 -31.63 19.62
N SER F 50 34.55 -31.32 18.98
CA SER F 50 34.75 -29.96 18.49
C SER F 50 33.69 -29.57 17.47
N VAL F 51 33.40 -30.48 16.54
CA VAL F 51 32.36 -30.21 15.55
C VAL F 51 31.01 -30.02 16.22
N LEU F 52 30.69 -30.89 17.18
CA LEU F 52 29.41 -30.79 17.86
C LEU F 52 29.28 -29.48 18.62
N LEU F 53 30.34 -29.07 19.33
CA LEU F 53 30.30 -27.80 20.04
C LEU F 53 30.19 -26.64 19.07
N THR F 54 30.89 -26.72 17.93
CA THR F 54 30.87 -25.62 16.98
C THR F 54 29.50 -25.44 16.34
N LEU F 55 28.82 -26.53 16.03
CA LEU F 55 27.60 -26.48 15.23
C LEU F 55 26.34 -26.84 16.00
N ALA F 56 26.36 -27.91 16.80
CA ALA F 56 25.14 -28.38 17.44
C ALA F 56 24.60 -27.36 18.41
N ASP F 57 23.28 -27.22 18.44
CA ASP F 57 22.60 -26.36 19.40
C ASP F 57 21.16 -26.85 19.52
N ASN F 58 20.31 -26.02 20.15
CA ASN F 58 18.96 -26.46 20.47
C ASN F 58 18.15 -26.81 19.23
N ASP F 59 18.47 -26.20 18.09
CA ASP F 59 17.69 -26.41 16.88
C ASP F 59 18.06 -27.66 16.10
N THR F 60 19.16 -28.33 16.47
CA THR F 60 19.69 -29.43 15.68
C THR F 60 19.67 -30.73 16.50
N PRO F 61 18.69 -31.60 16.29
CA PRO F 61 18.71 -32.90 16.98
C PRO F 61 19.97 -33.67 16.63
N VAL F 62 20.51 -34.37 17.64
CA VAL F 62 21.74 -35.14 17.52
C VAL F 62 21.42 -36.57 17.89
N TRP F 63 21.89 -37.51 17.07
CA TRP F 63 21.69 -38.94 17.32
C TRP F 63 23.05 -39.58 17.55
N LEU F 64 23.22 -40.14 18.74
CA LEU F 64 24.45 -40.85 19.10
C LEU F 64 24.22 -42.36 18.95
N SER F 65 25.06 -43.01 18.16
CA SER F 65 24.97 -44.46 18.05
C SER F 65 25.34 -45.11 19.37
N THR F 66 24.75 -46.28 19.62
CA THR F 66 24.93 -46.93 20.91
C THR F 66 26.39 -47.13 21.29
N PRO F 67 27.31 -47.50 20.39
CA PRO F 67 28.69 -47.71 20.83
C PRO F 67 29.30 -46.49 21.50
N LEU F 68 28.89 -45.30 21.08
CA LEU F 68 29.42 -44.03 21.57
C LEU F 68 28.32 -43.17 22.18
N ASN F 69 27.46 -43.79 22.99
CA ASN F 69 26.34 -43.09 23.61
C ASN F 69 26.43 -43.14 25.13
N ASN F 70 27.61 -42.84 25.67
CA ASN F 70 27.78 -42.80 27.12
C ASN F 70 26.83 -41.78 27.74
N ASP F 71 26.46 -42.04 29.00
CA ASP F 71 25.54 -41.15 29.69
C ASP F 71 26.19 -39.81 30.00
N ILE F 72 27.46 -39.81 30.40
CA ILE F 72 28.16 -38.56 30.65
C ILE F 72 28.22 -37.73 29.38
N VAL F 73 28.39 -38.38 28.23
CA VAL F 73 28.39 -37.66 26.97
C VAL F 73 27.04 -37.01 26.72
N ASN F 74 25.97 -37.74 27.00
CA ASN F 74 24.63 -37.18 26.84
C ASN F 74 24.45 -35.95 27.72
N GLN F 75 24.86 -36.05 28.99
CA GLN F 75 24.71 -34.92 29.89
C GLN F 75 25.54 -33.73 29.42
N SER F 76 26.77 -33.98 28.96
CA SER F 76 27.62 -32.90 28.50
C SER F 76 27.01 -32.21 27.28
N LEU F 77 26.48 -32.99 26.33
CA LEU F 77 25.84 -32.39 25.17
C LEU F 77 24.64 -31.56 25.58
N ARG F 78 23.79 -32.11 26.46
CA ARG F 78 22.60 -31.38 26.85
C ARG F 78 22.93 -30.14 27.66
N PHE F 79 24.08 -30.11 28.33
CA PHE F 79 24.44 -28.95 29.14
C PHE F 79 25.12 -27.87 28.31
N HIS F 80 26.16 -28.23 27.55
CA HIS F 80 26.92 -27.22 26.81
C HIS F 80 26.18 -26.81 25.54
N THR F 81 25.96 -27.74 24.62
CA THR F 81 25.30 -27.40 23.37
C THR F 81 23.80 -27.20 23.56
N ASN F 82 23.18 -27.99 24.44
CA ASN F 82 21.74 -27.96 24.68
C ASN F 82 20.95 -28.57 23.53
N ALA F 83 21.61 -29.32 22.65
CA ALA F 83 20.92 -29.90 21.52
C ALA F 83 20.03 -31.05 21.96
N PRO F 84 18.85 -31.22 21.36
CA PRO F 84 18.04 -32.39 21.66
C PRO F 84 18.77 -33.67 21.27
N LEU F 85 18.58 -34.71 22.07
CA LEU F 85 19.18 -36.02 21.82
C LEU F 85 18.06 -36.96 21.40
N VAL F 86 17.95 -37.22 20.11
CA VAL F 86 16.93 -38.11 19.59
C VAL F 86 17.48 -39.53 19.57
N SER F 87 16.57 -40.50 19.56
CA SER F 87 16.96 -41.90 19.64
C SER F 87 17.04 -42.57 18.28
N GLN F 88 16.29 -42.08 17.29
CA GLN F 88 16.28 -42.71 15.98
C GLN F 88 17.04 -41.86 14.96
N PRO F 89 17.85 -42.48 14.10
CA PRO F 89 18.61 -41.68 13.13
C PRO F 89 17.76 -40.88 12.18
N GLU F 90 16.56 -41.37 11.84
CA GLU F 90 15.74 -40.70 10.83
C GLU F 90 15.35 -39.28 11.25
N GLN F 91 15.44 -38.97 12.54
CA GLN F 91 15.03 -37.66 13.05
C GLN F 91 16.21 -36.89 13.63
N ALA F 92 17.37 -37.05 13.02
CA ALA F 92 18.60 -36.45 13.52
C ALA F 92 19.18 -35.50 12.47
N THR F 93 19.68 -34.36 12.95
CA THR F 93 20.39 -33.43 12.09
C THR F 93 21.88 -33.71 12.06
N PHE F 94 22.45 -34.14 13.18
CA PHE F 94 23.86 -34.49 13.29
C PHE F 94 23.94 -35.94 13.75
N ALA F 95 23.97 -36.86 12.80
CA ALA F 95 24.20 -38.25 13.14
C ALA F 95 25.69 -38.51 13.27
N VAL F 96 26.09 -39.07 14.41
CA VAL F 96 27.48 -39.36 14.69
C VAL F 96 27.59 -40.81 15.12
N THR F 97 28.54 -41.53 14.52
CA THR F 97 28.67 -42.96 14.76
C THR F 97 30.13 -43.35 14.61
N ASP F 98 30.42 -44.60 14.92
CA ASP F 98 31.74 -45.18 14.84
C ASP F 98 31.81 -46.12 13.64
N GLU F 99 32.91 -46.87 13.53
CA GLU F 99 33.10 -47.75 12.40
C GLU F 99 32.35 -49.06 12.60
N ALA F 100 31.07 -48.95 12.95
CA ALA F 100 30.20 -50.12 13.08
C ALA F 100 28.80 -49.84 12.56
N ILE F 101 28.56 -48.67 11.96
CA ILE F 101 27.22 -48.32 11.51
C ILE F 101 26.74 -49.36 10.51
N SER F 102 25.50 -49.81 10.68
CA SER F 102 24.89 -50.76 9.78
C SER F 102 24.24 -50.04 8.61
N SER F 103 24.04 -50.78 7.52
CA SER F 103 23.44 -50.17 6.33
C SER F 103 22.04 -49.66 6.61
N GLU F 104 21.29 -50.34 7.48
CA GLU F 104 19.95 -49.87 7.82
C GLU F 104 20.00 -48.50 8.48
N GLN F 105 20.91 -48.31 9.44
CA GLN F 105 21.04 -47.00 10.06
C GLN F 105 21.42 -45.93 9.06
N LEU F 106 22.35 -46.26 8.16
CA LEU F 106 22.75 -45.30 7.14
C LEU F 106 21.56 -44.89 6.28
N ASN F 107 20.81 -45.88 5.78
CA ASN F 107 19.67 -45.57 4.93
C ASN F 107 18.57 -44.85 5.70
N ALA F 108 18.53 -44.98 7.02
CA ALA F 108 17.50 -44.29 7.80
C ALA F 108 17.76 -42.80 7.89
N LEU F 109 19.00 -42.36 7.72
CA LEU F 109 19.33 -40.95 7.85
C LEU F 109 18.58 -40.11 6.83
N SER F 110 18.15 -38.93 7.26
CA SER F 110 17.40 -38.04 6.37
C SER F 110 18.35 -37.42 5.34
N THR F 111 18.07 -37.68 4.07
CA THR F 111 18.87 -37.15 2.98
C THR F 111 18.36 -35.83 2.45
N GLY F 112 17.29 -35.28 3.02
CA GLY F 112 16.69 -34.08 2.50
C GLY F 112 15.72 -34.37 1.37
N THR F 113 15.18 -33.29 0.83
CA THR F 113 14.22 -33.35 -0.25
C THR F 113 14.74 -32.55 -1.44
N ALA F 114 14.24 -32.90 -2.63
CA ALA F 114 14.67 -32.20 -3.83
C ALA F 114 14.39 -30.71 -3.73
N VAL F 115 13.37 -30.33 -2.97
CA VAL F 115 13.03 -28.92 -2.84
C VAL F 115 13.76 -28.26 -1.68
N ALA F 116 14.11 -29.01 -0.64
CA ALA F 116 14.85 -28.50 0.51
C ALA F 116 15.99 -29.47 0.83
N PRO F 117 16.98 -29.56 -0.06
CA PRO F 117 18.08 -30.52 0.18
C PRO F 117 18.89 -30.23 1.43
N GLU F 118 18.79 -29.04 2.02
CA GLU F 118 19.52 -28.74 3.23
C GLU F 118 18.81 -29.24 4.48
N ALA F 119 17.64 -29.85 4.35
CA ALA F 119 16.88 -30.35 5.49
C ALA F 119 17.33 -31.74 5.91
N GLY F 120 18.32 -32.33 5.24
CA GLY F 120 18.80 -33.63 5.59
C GLY F 120 19.77 -33.61 6.74
N ALA F 121 20.38 -34.76 7.00
CA ALA F 121 21.31 -34.95 8.09
C ALA F 121 22.73 -34.98 7.56
N THR F 122 23.67 -34.70 8.45
CA THR F 122 25.10 -34.80 8.15
C THR F 122 25.72 -35.83 9.08
N LEU F 123 26.38 -36.82 8.51
CA LEU F 123 26.96 -37.91 9.27
C LEU F 123 28.36 -37.56 9.73
N ILE F 124 28.63 -37.82 11.01
CA ILE F 124 29.95 -37.66 11.57
C ILE F 124 30.49 -39.03 11.96
N LEU F 125 31.23 -39.65 11.07
CA LEU F 125 31.74 -40.99 11.31
C LEU F 125 33.12 -40.91 11.94
N GLN F 126 33.36 -41.79 12.91
CA GLN F 126 34.63 -41.83 13.63
C GLN F 126 35.43 -43.02 13.12
N VAL F 127 36.30 -42.77 12.15
CA VAL F 127 37.09 -43.85 11.56
C VAL F 127 38.24 -44.21 12.49
N ALA F 128 38.71 -45.45 12.36
CA ALA F 128 39.87 -45.88 13.13
C ALA F 128 41.10 -45.07 12.77
N SER F 129 41.31 -44.83 11.47
CA SER F 129 42.41 -44.00 11.01
C SER F 129 42.03 -43.36 9.68
N LEU F 130 42.70 -42.26 9.37
CA LEU F 130 42.48 -41.58 8.10
C LEU F 130 43.47 -42.03 7.02
N SER F 131 44.30 -43.01 7.31
CA SER F 131 45.26 -43.53 6.35
C SER F 131 45.26 -45.05 6.44
N GLY F 132 45.95 -45.69 5.50
CA GLY F 132 46.05 -47.12 5.50
C GLY F 132 44.74 -47.84 5.25
N GLY F 133 43.96 -47.37 4.29
CA GLY F 133 42.73 -48.04 3.91
C GLY F 133 42.59 -48.14 2.41
N ARG F 134 41.40 -48.46 1.92
CA ARG F 134 41.18 -48.52 0.48
C ARG F 134 41.51 -47.18 -0.15
N MET F 135 42.23 -47.22 -1.27
CA MET F 135 42.58 -46.00 -1.96
C MET F 135 41.37 -45.44 -2.69
N LEU F 136 41.07 -44.18 -2.44
CA LEU F 136 39.92 -43.49 -3.01
C LEU F 136 40.39 -42.27 -3.78
N ARG F 137 39.82 -42.10 -4.97
CA ARG F 137 40.10 -40.98 -5.86
C ARG F 137 38.88 -40.08 -5.85
N LEU F 138 39.04 -38.88 -5.31
CA LEU F 138 37.98 -37.89 -5.24
C LEU F 138 38.13 -36.87 -6.36
N THR F 139 37.00 -36.54 -6.99
CA THR F 139 36.99 -35.56 -8.05
C THR F 139 35.64 -34.88 -8.06
N GLY F 140 35.64 -33.59 -8.33
CA GLY F 140 34.43 -32.80 -8.37
C GLY F 140 34.67 -31.42 -7.81
N ALA F 141 33.59 -30.78 -7.37
CA ALA F 141 33.70 -29.44 -6.80
C ALA F 141 34.62 -29.47 -5.58
N GLY F 142 35.47 -28.45 -5.49
CA GLY F 142 36.44 -28.37 -4.42
C GLY F 142 37.78 -29.00 -4.72
N ILE F 143 37.91 -29.68 -5.86
CA ILE F 143 39.13 -30.40 -6.22
C ILE F 143 39.60 -29.90 -7.57
N ALA F 144 40.88 -29.55 -7.66
CA ALA F 144 41.44 -29.05 -8.92
C ALA F 144 41.37 -30.11 -10.00
N GLU F 145 42.12 -31.20 -9.82
CA GLU F 145 42.04 -32.35 -10.73
C GLU F 145 41.53 -33.59 -10.02
N GLU F 146 42.18 -34.02 -8.95
CA GLU F 146 41.81 -35.22 -8.23
C GLU F 146 42.61 -35.27 -6.95
N ARG F 147 42.04 -35.89 -5.92
CA ARG F 147 42.72 -36.08 -4.66
C ARG F 147 42.70 -37.55 -4.28
N MET F 148 43.81 -38.05 -3.76
CA MET F 148 43.92 -39.44 -3.35
C MET F 148 43.92 -39.50 -1.82
N ILE F 149 42.98 -40.25 -1.26
CA ILE F 149 42.90 -40.43 0.18
C ILE F 149 42.72 -41.90 0.48
N ALA F 150 43.14 -42.32 1.67
CA ALA F 150 43.05 -43.72 2.09
C ALA F 150 42.47 -43.82 3.50
N PRO F 151 41.23 -43.40 3.69
CA PRO F 151 40.58 -43.59 4.99
C PRO F 151 39.91 -44.95 5.07
N ARG F 152 40.13 -45.67 6.17
CA ARG F 152 39.53 -46.98 6.33
C ARG F 152 38.08 -46.81 6.76
N LEU F 153 37.15 -47.11 5.85
CA LEU F 153 35.74 -46.84 6.04
C LEU F 153 34.95 -48.13 6.13
N PRO F 154 33.80 -48.10 6.81
CA PRO F 154 32.90 -49.26 6.77
C PRO F 154 32.44 -49.54 5.35
N GLU F 155 32.12 -50.80 5.09
CA GLU F 155 31.71 -51.18 3.74
C GLU F 155 30.47 -50.42 3.29
N CYS F 156 29.49 -50.28 4.18
CA CYS F 156 28.26 -49.58 3.80
C CYS F 156 28.54 -48.13 3.43
N ILE F 157 29.38 -47.45 4.22
CA ILE F 157 29.70 -46.06 3.93
C ILE F 157 30.40 -45.93 2.59
N LEU F 158 31.38 -46.80 2.34
CA LEU F 158 32.10 -46.73 1.07
C LEU F 158 31.18 -47.02 -0.11
N HIS F 159 30.29 -48.01 0.03
CA HIS F 159 29.34 -48.30 -1.03
C HIS F 159 28.42 -47.13 -1.29
N GLU F 160 27.91 -46.48 -0.24
CA GLU F 160 27.04 -45.33 -0.42
C GLU F 160 27.78 -44.17 -1.06
N LEU F 161 29.05 -43.97 -0.71
CA LEU F 161 29.83 -42.93 -1.35
C LEU F 161 30.05 -43.20 -2.83
N THR F 162 30.40 -44.45 -3.18
CA THR F 162 30.70 -44.74 -4.58
C THR F 162 29.45 -44.73 -5.44
N GLU F 163 28.39 -45.39 -4.97
CA GLU F 163 27.20 -45.53 -5.80
C GLU F 163 26.31 -44.31 -5.75
N ARG F 164 26.23 -43.64 -4.60
CA ARG F 164 25.35 -42.49 -4.44
C ARG F 164 23.92 -42.90 -4.76
N PRO F 165 23.29 -43.73 -3.91
CA PRO F 165 21.93 -44.16 -4.21
C PRO F 165 20.94 -43.02 -4.36
N HIS F 166 21.10 -41.95 -3.58
CA HIS F 166 20.22 -40.80 -3.69
C HIS F 166 20.82 -39.78 -4.65
N PRO F 167 20.13 -39.44 -5.74
CA PRO F 167 20.73 -38.51 -6.70
C PRO F 167 20.91 -37.12 -6.11
N PHE F 168 21.94 -36.43 -6.58
CA PHE F 168 22.12 -35.04 -6.20
C PHE F 168 20.88 -34.25 -6.57
N PRO F 169 20.43 -33.31 -5.73
CA PRO F 169 21.02 -32.76 -4.51
C PRO F 169 20.78 -33.56 -3.24
N LEU F 170 20.01 -34.64 -3.30
CA LEU F 170 19.82 -35.47 -2.13
C LEU F 170 21.14 -36.15 -1.76
N GLY F 171 21.33 -36.37 -0.47
CA GLY F 171 22.52 -37.04 0.02
C GLY F 171 22.85 -36.57 1.41
N ILE F 172 23.88 -37.20 1.98
CA ILE F 172 24.35 -36.90 3.32
C ILE F 172 25.80 -36.46 3.24
N ASP F 173 26.13 -35.40 3.96
CA ASP F 173 27.50 -34.91 4.02
C ASP F 173 28.27 -35.73 5.05
N LEU F 174 29.42 -36.23 4.67
CA LEU F 174 30.18 -37.15 5.52
C LEU F 174 31.38 -36.42 6.12
N ILE F 175 31.58 -36.59 7.42
CA ILE F 175 32.72 -36.01 8.12
C ILE F 175 33.41 -37.13 8.88
N LEU F 176 34.59 -37.52 8.41
CA LEU F 176 35.39 -38.54 9.06
C LEU F 176 36.28 -37.87 10.10
N THR F 177 36.35 -38.46 11.29
CA THR F 177 37.15 -37.91 12.37
C THR F 177 38.12 -38.97 12.88
N CYS F 178 39.29 -38.51 13.32
CA CYS F 178 40.28 -39.41 13.91
C CYS F 178 41.13 -38.56 14.84
N GLY F 179 40.92 -38.71 16.15
CA GLY F 179 41.61 -37.85 17.09
C GLY F 179 41.26 -36.41 16.82
N GLU F 180 42.29 -35.58 16.70
CA GLU F 180 42.06 -34.17 16.39
C GLU F 180 41.88 -33.92 14.90
N ARG F 181 42.22 -34.89 14.06
CA ARG F 181 42.20 -34.68 12.63
C ARG F 181 40.81 -34.99 12.04
N LEU F 182 40.51 -34.32 10.94
CA LEU F 182 39.19 -34.36 10.35
C LEU F 182 39.30 -34.32 8.83
N LEU F 183 38.39 -35.03 8.17
CA LEU F 183 38.30 -35.08 6.72
C LEU F 183 36.83 -34.96 6.35
N ALA F 184 36.54 -34.38 5.19
CA ALA F 184 35.16 -34.13 4.80
C ALA F 184 34.93 -34.58 3.37
N ILE F 185 33.72 -35.09 3.13
CA ILE F 185 33.28 -35.51 1.81
C ILE F 185 31.82 -35.11 1.66
N PRO F 186 31.52 -34.00 0.97
CA PRO F 186 30.12 -33.61 0.80
C PRO F 186 29.40 -34.44 -0.24
N ARG F 187 28.11 -34.17 -0.45
CA ARG F 187 27.31 -34.98 -1.35
C ARG F 187 27.68 -34.77 -2.81
N THR F 188 28.48 -33.76 -3.12
CA THR F 188 28.84 -33.49 -4.51
C THR F 188 30.07 -34.24 -4.97
N THR F 189 30.92 -34.67 -4.06
CA THR F 189 32.17 -35.31 -4.44
C THR F 189 31.89 -36.62 -5.14
N HIS F 190 32.65 -36.88 -6.21
CA HIS F 190 32.60 -38.15 -6.93
C HIS F 190 33.78 -38.99 -6.47
N VAL F 191 33.50 -40.19 -5.96
CA VAL F 191 34.48 -41.06 -5.35
C VAL F 191 34.62 -42.31 -6.20
N GLU F 192 35.86 -42.66 -6.54
CA GLU F 192 36.18 -43.91 -7.22
C GLU F 192 37.12 -44.71 -6.34
N VAL F 193 37.00 -46.04 -6.40
CA VAL F 193 37.87 -46.92 -5.63
C VAL F 193 39.02 -47.35 -6.51
N CYS F 194 40.24 -47.02 -6.10
CA CYS F 194 41.43 -47.36 -6.87
C CYS F 194 42.18 -48.51 -6.22
N MET G 1 46.44 14.92 -15.97
CA MET G 1 46.74 13.71 -15.17
C MET G 1 46.02 13.77 -13.83
N TYR G 2 45.19 12.78 -13.56
CA TYR G 2 44.41 12.72 -12.33
C TYR G 2 45.01 11.72 -11.36
N VAL G 3 44.67 11.90 -10.09
CA VAL G 3 45.11 11.00 -9.02
C VAL G 3 43.94 10.78 -8.08
N ALA G 4 43.74 9.54 -7.67
CA ALA G 4 42.60 9.19 -6.83
C ALA G 4 42.88 9.59 -5.39
N VAL G 5 42.10 10.54 -4.88
CA VAL G 5 42.19 10.93 -3.48
C VAL G 5 41.21 10.08 -2.67
N LYS G 6 41.43 10.07 -1.36
CA LYS G 6 40.65 9.26 -0.43
C LYS G 6 39.80 10.20 0.42
N GLY G 7 38.53 10.34 0.04
CA GLY G 7 37.66 11.30 0.69
C GLY G 7 36.28 10.77 1.01
N GLY G 8 36.17 9.48 1.32
CA GLY G 8 34.87 8.92 1.67
C GLY G 8 34.54 9.09 3.14
N GLU G 9 35.48 8.72 4.01
CA GLU G 9 35.19 8.75 5.44
C GLU G 9 34.92 10.16 5.93
N LYS G 10 35.69 11.15 5.47
CA LYS G 10 35.47 12.51 5.90
C LYS G 10 34.10 13.01 5.47
N ALA G 11 33.69 12.69 4.24
CA ALA G 11 32.37 13.07 3.79
C ALA G 11 31.29 12.41 4.63
N ILE G 12 31.46 11.14 4.97
CA ILE G 12 30.48 10.44 5.80
C ILE G 12 30.36 11.13 7.15
N ASP G 13 31.50 11.44 7.76
CA ASP G 13 31.48 12.08 9.06
C ASP G 13 30.82 13.45 9.00
N ALA G 14 31.13 14.23 7.98
CA ALA G 14 30.51 15.55 7.85
C ALA G 14 29.00 15.42 7.66
N ALA G 15 28.56 14.46 6.85
CA ALA G 15 27.14 14.27 6.62
C ALA G 15 26.43 13.89 7.91
N HIS G 16 27.03 13.01 8.70
CA HIS G 16 26.40 12.60 9.95
C HIS G 16 26.37 13.74 10.95
N ALA G 17 27.43 14.54 11.00
CA ALA G 17 27.42 15.71 11.88
C ALA G 17 26.33 16.68 11.46
N LEU G 18 26.17 16.90 10.16
CA LEU G 18 25.11 17.78 9.67
C LEU G 18 23.74 17.23 10.06
N GLN G 19 23.54 15.93 9.90
CA GLN G 19 22.25 15.35 10.26
C GLN G 19 21.97 15.50 11.73
N GLU G 20 22.97 15.28 12.58
CA GLU G 20 22.77 15.44 14.02
C GLU G 20 22.48 16.89 14.39
N SER G 21 23.19 17.85 13.79
CA SER G 21 22.89 19.24 14.05
C SER G 21 21.48 19.61 13.61
N ARG G 22 21.06 19.12 12.45
CA ARG G 22 19.70 19.38 11.98
C ARG G 22 18.67 18.75 12.90
N ARG G 23 18.94 17.55 13.41
CA ARG G 23 18.05 16.92 14.37
C ARG G 23 17.93 17.75 15.63
N ARG G 24 19.04 18.28 16.14
CA ARG G 24 18.96 19.15 17.31
C ARG G 24 18.20 20.43 16.99
N GLY G 25 18.26 20.89 15.76
CA GLY G 25 17.54 22.09 15.40
C GLY G 25 18.14 23.33 16.05
N ASP G 26 17.34 24.39 16.09
CA ASP G 26 17.77 25.62 16.73
C ASP G 26 18.09 25.39 18.19
N THR G 27 19.26 25.85 18.62
CA THR G 27 19.69 25.65 20.00
C THR G 27 18.97 26.54 20.99
N ASP G 28 18.23 27.55 20.52
CA ASP G 28 17.44 28.36 21.43
C ASP G 28 16.33 27.54 22.07
N LEU G 29 15.68 26.69 21.29
CA LEU G 29 14.64 25.83 21.83
C LEU G 29 15.26 24.72 22.67
N PRO G 30 14.72 24.43 23.85
CA PRO G 30 15.27 23.33 24.64
C PRO G 30 15.11 22.01 23.92
N GLU G 31 16.11 21.14 24.06
CA GLU G 31 16.04 19.84 23.43
C GLU G 31 14.93 19.02 24.06
N LEU G 32 14.00 18.56 23.23
CA LEU G 32 12.84 17.83 23.76
C LEU G 32 13.29 16.48 24.33
N SER G 33 12.67 16.10 25.44
CA SER G 33 13.04 14.90 26.15
C SER G 33 12.43 13.68 25.49
N VAL G 34 13.02 12.51 25.77
CA VAL G 34 12.41 11.26 25.35
C VAL G 34 11.12 11.02 26.11
N ALA G 35 11.07 11.43 27.38
CA ALA G 35 9.84 11.31 28.15
C ALA G 35 8.73 12.15 27.52
N GLN G 36 9.07 13.34 27.02
CA GLN G 36 8.07 14.18 26.37
C GLN G 36 7.49 13.48 25.15
N ILE G 37 8.33 12.87 24.32
CA ILE G 37 7.82 12.15 23.16
C ILE G 37 6.96 10.99 23.61
N GLU G 38 7.42 10.23 24.61
CA GLU G 38 6.68 9.06 25.06
C GLU G 38 5.31 9.45 25.58
N GLN G 39 5.19 10.60 26.21
CA GLN G 39 3.94 11.00 26.82
C GLN G 39 3.01 11.73 25.86
N GLN G 40 3.55 12.62 25.02
CA GLN G 40 2.74 13.52 24.24
C GLN G 40 2.67 13.17 22.76
N LEU G 41 3.52 12.28 22.27
CA LEU G 41 3.44 11.74 20.92
C LEU G 41 3.15 10.26 20.98
N ASN G 42 2.20 9.89 21.84
CA ASN G 42 2.01 8.50 22.22
C ASN G 42 1.56 7.63 21.05
N LEU G 43 0.89 8.20 20.06
CA LEU G 43 0.41 7.38 18.94
C LEU G 43 1.56 6.98 18.01
N ALA G 44 2.48 7.91 17.75
CA ALA G 44 3.68 7.55 17.00
C ALA G 44 4.48 6.50 17.74
N VAL G 45 4.58 6.63 19.05
CA VAL G 45 5.28 5.65 19.86
C VAL G 45 4.60 4.30 19.75
N ASP G 46 3.27 4.29 19.75
CA ASP G 46 2.54 3.03 19.63
C ASP G 46 2.85 2.35 18.30
N ARG G 47 2.81 3.11 17.20
CA ARG G 47 3.11 2.53 15.91
C ARG G 47 4.55 1.98 15.88
N VAL G 48 5.49 2.74 16.44
CA VAL G 48 6.88 2.31 16.42
C VAL G 48 7.06 1.03 17.22
N MET G 49 6.43 0.94 18.40
CA MET G 49 6.53 -0.28 19.18
C MET G 49 5.95 -1.46 18.41
N THR G 50 4.77 -1.26 17.83
CA THR G 50 4.11 -2.37 17.16
C THR G 50 4.96 -2.91 16.01
N GLU G 51 5.44 -2.02 15.15
CA GLU G 51 6.17 -2.47 13.97
C GLU G 51 7.65 -2.70 14.22
N GLY G 52 8.16 -2.33 15.40
CA GLY G 52 9.56 -2.57 15.72
C GLY G 52 9.75 -3.88 16.45
N GLY G 53 8.71 -4.32 17.15
CA GLY G 53 8.72 -5.61 17.81
C GLY G 53 8.95 -5.56 19.31
N ILE G 54 9.30 -4.41 19.87
CA ILE G 54 9.51 -4.26 21.29
C ILE G 54 8.41 -3.39 21.86
N ALA G 55 7.73 -3.88 22.88
CA ALA G 55 6.67 -3.12 23.54
C ALA G 55 7.23 -2.31 24.72
N ASP G 56 8.26 -1.53 24.45
CA ASP G 56 8.85 -0.63 25.44
C ASP G 56 8.62 0.80 24.96
N ARG G 57 7.81 1.55 25.71
CA ARG G 57 7.46 2.90 25.29
C ARG G 57 8.69 3.81 25.27
N GLU G 58 9.55 3.70 26.29
CA GLU G 58 10.72 4.56 26.35
C GLU G 58 11.66 4.30 25.19
N LEU G 59 11.89 3.03 24.86
CA LEU G 59 12.77 2.71 23.75
C LEU G 59 12.21 3.22 22.43
N ALA G 60 10.91 3.09 22.23
CA ALA G 60 10.30 3.58 21.01
C ALA G 60 10.40 5.10 20.91
N ALA G 61 10.17 5.79 22.03
CA ALA G 61 10.31 7.25 22.03
C ALA G 61 11.76 7.64 21.74
N LEU G 62 12.71 6.92 22.31
CA LEU G 62 14.11 7.20 22.03
C LEU G 62 14.43 7.01 20.56
N ALA G 63 13.89 5.94 19.97
CA ALA G 63 14.10 5.71 18.54
C ALA G 63 13.50 6.83 17.71
N LEU G 64 12.31 7.30 18.09
CA LEU G 64 11.70 8.43 17.39
C LEU G 64 12.57 9.66 17.47
N LYS G 65 13.08 9.96 18.67
CA LYS G 65 13.94 11.14 18.83
C LYS G 65 15.20 11.01 18.00
N GLN G 66 15.83 9.83 18.02
CA GLN G 66 17.05 9.65 17.26
C GLN G 66 16.80 9.71 15.76
N ALA G 67 15.61 9.34 15.31
CA ALA G 67 15.28 9.31 13.90
C ALA G 67 14.71 10.62 13.40
N SER G 68 14.65 11.66 14.24
CA SER G 68 14.09 12.95 13.86
C SER G 68 12.62 12.83 13.51
N GLY G 69 11.94 11.86 14.12
CA GLY G 69 10.52 11.68 13.91
C GLY G 69 10.16 10.77 12.75
N ASP G 70 11.13 10.34 11.96
CA ASP G 70 10.83 9.45 10.85
C ASP G 70 10.40 8.09 11.37
N ASN G 71 9.16 7.71 11.08
CA ASN G 71 8.63 6.46 11.62
C ASN G 71 9.38 5.25 11.09
N VAL G 72 9.75 5.27 9.81
CA VAL G 72 10.45 4.14 9.22
C VAL G 72 11.82 3.97 9.86
N GLU G 73 12.56 5.08 9.99
CA GLU G 73 13.89 5.01 10.60
C GLU G 73 13.80 4.57 12.06
N ALA G 74 12.83 5.08 12.81
CA ALA G 74 12.67 4.67 14.20
C ALA G 74 12.32 3.20 14.30
N ILE G 75 11.45 2.72 13.42
CA ILE G 75 11.09 1.31 13.41
C ILE G 75 12.33 0.47 13.16
N PHE G 76 13.16 0.88 12.20
CA PHE G 76 14.37 0.11 11.93
C PHE G 76 15.33 0.15 13.10
N LEU G 77 15.44 1.30 13.77
CA LEU G 77 16.31 1.38 14.94
C LEU G 77 15.87 0.39 16.00
N LEU G 78 14.57 0.34 16.28
CA LEU G 78 14.05 -0.57 17.30
C LEU G 78 14.25 -2.03 16.87
N ARG G 79 14.00 -2.33 15.59
CA ARG G 79 14.18 -3.70 15.12
C ARG G 79 15.63 -4.13 15.22
N ALA G 80 16.56 -3.24 14.88
CA ALA G 80 17.97 -3.57 15.01
C ALA G 80 18.34 -3.77 16.46
N TYR G 81 17.79 -2.94 17.35
CA TYR G 81 18.05 -3.12 18.78
C TYR G 81 17.56 -4.48 19.27
N ARG G 82 16.44 -4.96 18.72
CA ARG G 82 15.95 -6.28 19.10
C ARG G 82 17.03 -7.33 18.97
N THR G 83 17.86 -7.23 17.92
CA THR G 83 18.86 -8.26 17.68
C THR G 83 19.84 -8.38 18.83
N THR G 84 20.29 -7.25 19.37
CA THR G 84 21.29 -7.29 20.43
C THR G 84 20.75 -7.96 21.69
N LEU G 85 19.49 -7.67 22.04
CA LEU G 85 18.93 -8.18 23.28
C LEU G 85 18.75 -9.69 23.24
N ALA G 86 18.88 -10.32 24.40
CA ALA G 86 18.73 -11.76 24.53
C ALA G 86 17.31 -12.08 25.00
N LYS G 87 16.78 -13.21 24.51
CA LYS G 87 15.44 -13.65 24.88
C LYS G 87 15.50 -14.37 26.22
N LEU G 88 14.91 -13.76 27.25
CA LEU G 88 14.95 -14.34 28.59
C LEU G 88 13.86 -15.37 28.82
N ALA G 89 12.67 -15.15 28.26
CA ALA G 89 11.56 -16.05 28.51
C ALA G 89 10.53 -15.88 27.41
N VAL G 90 9.58 -16.82 27.36
CA VAL G 90 8.43 -16.75 26.46
C VAL G 90 7.19 -16.67 27.34
N SER G 91 6.40 -15.62 27.14
CA SER G 91 5.25 -15.40 27.99
C SER G 91 4.20 -16.48 27.80
N GLU G 92 3.44 -16.74 28.86
CA GLU G 92 2.29 -17.60 28.72
C GLU G 92 1.26 -16.91 27.83
N PRO G 93 0.43 -17.68 27.13
CA PRO G 93 -0.50 -17.07 26.17
C PRO G 93 -1.33 -15.98 26.81
N LEU G 94 -1.42 -14.84 26.14
CA LEU G 94 -2.16 -13.71 26.69
C LEU G 94 -3.63 -14.06 26.82
N ASP G 95 -4.22 -13.67 27.94
CA ASP G 95 -5.64 -13.84 28.19
C ASP G 95 -6.29 -12.47 28.06
N THR G 96 -6.74 -12.14 26.86
CA THR G 96 -7.31 -10.84 26.60
C THR G 96 -8.64 -10.61 27.31
N THR G 97 -9.24 -11.66 27.88
CA THR G 97 -10.48 -11.47 28.64
C THR G 97 -10.24 -10.73 29.94
N GLY G 98 -9.03 -10.79 30.49
CA GLY G 98 -8.68 -10.08 31.70
C GLY G 98 -8.21 -8.66 31.47
N MET G 99 -8.30 -8.16 30.25
CA MET G 99 -7.83 -6.81 29.94
C MET G 99 -8.55 -5.79 30.82
N ARG G 100 -7.78 -4.85 31.37
CA ARG G 100 -8.33 -3.73 32.11
C ARG G 100 -8.68 -2.64 31.09
N LEU G 101 -9.94 -2.63 30.66
CA LEU G 101 -10.33 -1.87 29.49
C LEU G 101 -10.17 -0.37 29.71
N GLU G 102 -9.60 0.29 28.70
CA GLU G 102 -9.77 1.73 28.53
C GLU G 102 -10.70 2.08 27.38
N ARG G 103 -10.97 1.14 26.49
CA ARG G 103 -11.84 1.44 25.35
C ARG G 103 -12.43 0.13 24.85
N ARG G 104 -13.75 0.07 24.71
CA ARG G 104 -14.42 -1.13 24.21
C ARG G 104 -15.62 -0.67 23.40
N ILE G 105 -15.60 -0.93 22.10
CA ILE G 105 -16.70 -0.55 21.23
C ILE G 105 -17.05 -1.72 20.31
N SER G 106 -18.33 -2.01 20.20
CA SER G 106 -18.83 -3.01 19.27
C SER G 106 -19.72 -2.32 18.25
N ALA G 107 -19.46 -2.57 16.97
CA ALA G 107 -20.23 -1.99 15.89
C ALA G 107 -21.37 -2.88 15.43
N VAL G 108 -21.54 -4.06 16.03
CA VAL G 108 -22.53 -5.01 15.56
C VAL G 108 -23.81 -4.99 16.38
N TYR G 109 -23.79 -4.41 17.58
CA TYR G 109 -24.97 -4.30 18.42
C TYR G 109 -25.07 -2.87 18.92
N LYS G 110 -26.29 -2.39 19.11
CA LYS G 110 -26.47 -1.05 19.65
C LYS G 110 -25.86 -0.95 21.03
N ASP G 111 -26.14 -1.94 21.89
CA ASP G 111 -25.57 -1.98 23.23
C ASP G 111 -25.16 -3.41 23.54
N ILE G 112 -24.18 -3.55 24.43
CA ILE G 112 -23.60 -4.85 24.75
C ILE G 112 -23.41 -4.93 26.25
N PRO G 113 -23.25 -6.14 26.80
CA PRO G 113 -22.90 -6.27 28.21
C PRO G 113 -21.56 -5.61 28.49
N GLY G 114 -21.57 -4.61 29.37
CA GLY G 114 -20.41 -3.80 29.67
C GLY G 114 -20.45 -2.43 29.01
N GLY G 115 -21.32 -2.24 28.03
CA GLY G 115 -21.53 -0.94 27.42
C GLY G 115 -20.51 -0.61 26.35
N GLN G 116 -20.76 0.50 25.68
CA GLN G 116 -19.87 1.03 24.65
C GLN G 116 -18.92 2.02 25.34
N LEU G 117 -17.76 1.54 25.74
CA LEU G 117 -16.78 2.37 26.44
C LEU G 117 -15.90 3.06 25.41
N LEU G 118 -16.23 4.31 25.08
CA LEU G 118 -15.49 5.00 24.04
C LEU G 118 -14.03 5.20 24.44
N GLY G 119 -13.77 5.57 25.68
CA GLY G 119 -12.42 5.81 26.14
C GLY G 119 -11.76 6.90 25.33
N PRO G 120 -10.47 7.15 25.58
CA PRO G 120 -9.77 8.17 24.81
C PRO G 120 -9.81 7.83 23.32
N THR G 121 -10.11 8.84 22.50
CA THR G 121 -10.24 8.61 21.08
C THR G 121 -10.39 9.95 20.37
N TYR G 122 -9.91 9.99 19.13
CA TYR G 122 -10.13 11.14 18.26
C TYR G 122 -11.42 11.02 17.47
N ASP G 123 -12.11 9.89 17.56
CA ASP G 123 -13.35 9.70 16.81
C ASP G 123 -14.40 10.72 17.24
N TYR G 124 -15.19 11.17 16.29
CA TYR G 124 -16.26 12.15 16.50
C TYR G 124 -15.72 13.53 16.81
N THR G 125 -14.42 13.77 16.61
CA THR G 125 -13.85 15.10 16.73
C THR G 125 -13.88 15.78 15.38
N HIS G 126 -14.18 17.07 15.38
CA HIS G 126 -14.09 17.88 14.17
C HIS G 126 -12.61 18.19 13.95
N ARG G 127 -12.05 17.66 12.86
CA ARG G 127 -10.62 17.82 12.59
C ARG G 127 -10.38 19.22 12.07
N LEU G 128 -10.43 20.18 12.99
CA LEU G 128 -10.07 21.56 12.73
C LEU G 128 -8.78 21.87 13.47
N LEU G 129 -7.77 22.38 12.75
CA LEU G 129 -6.50 22.68 13.38
C LEU G 129 -6.70 23.61 14.55
N ASP G 130 -6.26 23.17 15.73
CA ASP G 130 -6.44 23.93 16.97
C ASP G 130 -5.23 24.82 17.17
N PHE G 131 -5.40 26.11 16.87
CA PHE G 131 -4.29 27.05 16.96
C PHE G 131 -4.00 27.50 18.38
N THR G 132 -4.86 27.15 19.35
CA THR G 132 -4.53 27.42 20.73
C THR G 132 -3.39 26.53 21.22
N LEU G 133 -3.05 25.48 20.48
CA LEU G 133 -1.92 24.63 20.82
C LEU G 133 -0.59 25.28 20.46
N LEU G 134 -0.59 26.37 19.71
CA LEU G 134 0.65 27.07 19.44
C LEU G 134 1.28 27.59 20.72
N ALA G 135 0.47 28.11 21.63
CA ALA G 135 0.91 28.53 22.95
C ALA G 135 0.33 27.58 23.98
N ASN G 136 1.19 27.02 24.82
CA ASN G 136 0.74 26.00 25.75
C ASN G 136 -0.33 26.55 26.69
N GLY G 137 -1.34 25.73 26.95
CA GLY G 137 -2.41 26.09 27.85
C GLY G 137 -2.49 25.15 29.04
N GLU G 138 -3.69 24.67 29.35
CA GLU G 138 -3.87 23.73 30.44
C GLU G 138 -5.03 22.80 30.10
N ALA G 139 -4.80 21.50 30.25
CA ALA G 139 -5.83 20.52 29.93
C ALA G 139 -6.99 20.62 30.92
N PRO G 140 -8.22 20.42 30.48
CA PRO G 140 -9.36 20.49 31.41
C PRO G 140 -9.40 19.29 32.34
N THR G 141 -9.95 19.52 33.54
CA THR G 141 -10.10 18.44 34.50
C THR G 141 -11.08 17.40 33.99
N LEU G 142 -10.79 16.13 34.25
CA LEU G 142 -11.60 15.04 33.77
C LEU G 142 -12.76 14.78 34.73
N THR G 143 -13.97 14.66 34.18
CA THR G 143 -15.10 14.23 34.98
C THR G 143 -14.99 12.74 35.27
N THR G 144 -15.64 12.32 36.35
CA THR G 144 -15.56 10.94 36.83
C THR G 144 -16.95 10.33 36.88
N ALA G 145 -16.96 9.01 37.13
CA ALA G 145 -18.18 8.25 37.28
C ALA G 145 -17.87 7.10 38.25
N ASP G 146 -18.74 6.09 38.28
CA ASP G 146 -18.46 4.92 39.11
C ASP G 146 -17.17 4.27 38.65
N SER G 147 -16.36 3.84 39.61
CA SER G 147 -15.01 3.34 39.36
C SER G 147 -14.96 1.83 39.32
N GLU G 148 -16.01 1.18 38.81
CA GLU G 148 -16.08 -0.27 38.73
C GLU G 148 -16.27 -0.68 37.28
N GLN G 149 -15.54 -1.72 36.88
CA GLN G 149 -15.63 -2.27 35.53
C GLN G 149 -16.55 -3.47 35.56
N GLN G 150 -17.77 -3.30 35.05
CA GLN G 150 -18.70 -4.41 34.97
C GLN G 150 -18.22 -5.41 33.91
N PRO G 151 -18.68 -6.66 33.99
CA PRO G 151 -18.14 -7.69 33.10
C PRO G 151 -18.29 -7.29 31.63
N SER G 152 -17.24 -7.57 30.86
CA SER G 152 -17.16 -7.18 29.45
C SER G 152 -16.81 -8.40 28.63
N PRO G 153 -17.77 -9.30 28.40
CA PRO G 153 -17.49 -10.48 27.58
C PRO G 153 -17.22 -10.09 26.14
N HIS G 154 -16.43 -10.93 25.47
CA HIS G 154 -16.19 -10.74 24.06
C HIS G 154 -17.48 -10.93 23.26
N VAL G 155 -17.68 -10.07 22.26
CA VAL G 155 -18.87 -10.19 21.43
C VAL G 155 -18.91 -11.52 20.70
N PHE G 156 -17.76 -12.06 20.29
CA PHE G 156 -17.82 -13.34 19.60
C PHE G 156 -18.16 -14.48 20.54
N SER G 157 -17.91 -14.34 21.84
CA SER G 157 -18.47 -15.31 22.76
C SER G 157 -19.99 -15.31 22.70
N LEU G 158 -20.60 -14.12 22.66
CA LEU G 158 -22.04 -14.03 22.52
C LEU G 158 -22.50 -14.64 21.20
N LEU G 159 -21.81 -14.34 20.10
CA LEU G 159 -22.22 -14.88 18.82
C LEU G 159 -22.07 -16.40 18.78
N ALA G 160 -20.96 -16.92 19.29
CA ALA G 160 -20.74 -18.36 19.27
C ALA G 160 -21.75 -19.09 20.14
N ARG G 161 -22.07 -18.54 21.31
CA ARG G 161 -23.07 -19.19 22.15
C ARG G 161 -24.41 -19.26 21.43
N GLN G 162 -24.70 -18.30 20.56
CA GLN G 162 -25.89 -18.37 19.71
C GLN G 162 -25.72 -19.33 18.55
N GLY G 163 -24.51 -19.81 18.30
CA GLY G 163 -24.26 -20.66 17.15
C GLY G 163 -24.00 -19.90 15.86
N LEU G 164 -24.01 -18.57 15.90
CA LEU G 164 -23.81 -17.78 14.69
C LEU G 164 -22.35 -17.72 14.26
N ALA G 165 -21.42 -18.00 15.17
CA ALA G 165 -20.00 -18.05 14.85
C ALA G 165 -19.43 -19.29 15.51
N LYS G 166 -18.13 -19.51 15.31
CA LYS G 166 -17.44 -20.67 15.83
C LYS G 166 -16.32 -20.23 16.76
N PHE G 167 -16.23 -20.90 17.91
CA PHE G 167 -15.12 -20.65 18.83
C PHE G 167 -13.81 -21.01 18.14
N GLU G 168 -12.77 -20.23 18.44
CA GLU G 168 -11.43 -20.54 17.95
C GLU G 168 -10.83 -21.59 18.88
N GLU G 169 -10.72 -22.82 18.39
CA GLU G 169 -10.22 -23.92 19.20
C GLU G 169 -8.70 -23.93 19.18
N ASP G 170 -8.11 -24.29 20.32
CA ASP G 170 -6.66 -24.42 20.44
C ASP G 170 -6.30 -25.89 20.26
N SER G 171 -5.65 -26.21 19.14
CA SER G 171 -5.26 -27.57 18.83
C SER G 171 -3.88 -27.93 19.37
N GLY G 172 -3.21 -27.00 20.04
CA GLY G 172 -1.90 -27.27 20.57
C GLY G 172 -0.77 -27.14 19.56
N ALA G 173 -1.06 -26.69 18.34
CA ALA G 173 -0.02 -26.54 17.34
C ALA G 173 1.02 -25.53 17.81
N GLN G 174 2.28 -25.84 17.57
CA GLN G 174 3.35 -24.94 17.97
C GLN G 174 3.35 -23.71 17.06
N PRO G 175 3.31 -22.50 17.61
CA PRO G 175 3.33 -21.31 16.75
C PRO G 175 4.61 -21.24 15.93
N ASP G 176 4.47 -20.77 14.70
CA ASP G 176 5.62 -20.51 13.85
C ASP G 176 6.28 -19.20 14.27
N ASP G 177 7.60 -19.15 14.11
CA ASP G 177 8.39 -17.97 14.48
C ASP G 177 9.23 -17.57 13.29
N ILE G 178 8.77 -16.56 12.54
CA ILE G 178 9.53 -16.08 11.40
C ILE G 178 10.86 -15.49 11.85
N THR G 179 10.91 -14.93 13.06
CA THR G 179 12.15 -14.37 13.55
C THR G 179 13.24 -15.43 13.71
N ARG G 180 12.88 -16.70 13.79
CA ARG G 180 13.83 -17.80 13.91
C ARG G 180 14.18 -18.42 12.57
N THR G 181 13.20 -18.62 11.69
CA THR G 181 13.42 -19.19 10.38
C THR G 181 12.76 -18.32 9.33
N PRO G 182 13.31 -18.25 8.13
CA PRO G 182 12.72 -17.40 7.10
C PRO G 182 11.34 -17.91 6.72
N PRO G 183 10.43 -17.02 6.33
CA PRO G 183 9.09 -17.46 5.96
C PRO G 183 9.13 -18.41 4.76
N VAL G 184 8.23 -19.37 4.78
CA VAL G 184 8.07 -20.33 3.68
C VAL G 184 6.60 -20.35 3.31
N TYR G 185 6.31 -20.07 2.04
CA TYR G 185 4.92 -20.03 1.59
C TYR G 185 4.50 -21.39 1.06
N PRO G 186 3.26 -21.85 1.32
CA PRO G 186 2.22 -21.17 2.09
C PRO G 186 2.54 -21.13 3.58
N CYS G 187 1.97 -20.17 4.28
CA CYS G 187 2.30 -19.90 5.67
C CYS G 187 1.11 -20.26 6.57
N SER G 188 1.41 -20.84 7.72
CA SER G 188 0.37 -21.09 8.70
C SER G 188 -0.18 -19.78 9.24
N ARG G 189 -1.41 -19.83 9.77
CA ARG G 189 -2.04 -18.60 10.21
C ARG G 189 -1.25 -17.93 11.32
N SER G 190 -0.52 -18.69 12.12
CA SER G 190 0.30 -18.08 13.16
C SER G 190 1.42 -17.24 12.56
N SER G 191 2.13 -17.78 11.57
CA SER G 191 3.17 -17.02 10.91
C SER G 191 2.59 -15.85 10.14
N ARG G 192 1.44 -16.03 9.51
CA ARG G 192 0.79 -14.93 8.82
C ARG G 192 0.45 -13.80 9.78
N LEU G 193 -0.09 -14.14 10.94
CA LEU G 193 -0.43 -13.10 11.92
C LEU G 193 0.82 -12.42 12.44
N GLN G 194 1.88 -13.18 12.71
CA GLN G 194 3.12 -12.58 13.17
C GLN G 194 3.67 -11.60 12.14
N GLN G 195 3.64 -11.99 10.86
CA GLN G 195 4.13 -11.11 9.81
C GLN G 195 3.25 -9.88 9.68
N LEU G 196 1.93 -10.06 9.77
CA LEU G 196 1.02 -8.92 9.64
C LEU G 196 1.25 -7.91 10.76
N MET G 197 1.45 -8.39 11.99
CA MET G 197 1.65 -7.47 13.10
C MET G 197 2.89 -6.62 12.89
N ARG G 198 3.93 -7.19 12.29
CA ARG G 198 5.14 -6.44 11.97
C ARG G 198 5.02 -5.68 10.66
N GLY G 199 3.92 -5.84 9.93
CA GLY G 199 3.79 -5.18 8.64
C GLY G 199 3.52 -3.70 8.77
N ASP G 200 3.77 -2.99 7.67
CA ASP G 200 3.59 -1.54 7.65
C ASP G 200 2.11 -1.18 7.76
N GLU G 201 1.82 -0.15 8.55
CA GLU G 201 0.43 0.26 8.74
C GLU G 201 -0.17 0.73 7.42
N GLY G 202 0.56 1.53 6.65
CA GLY G 202 0.01 2.06 5.42
C GLY G 202 -0.31 0.98 4.40
N TYR G 203 0.60 0.03 4.23
CA TYR G 203 0.40 -1.04 3.26
C TYR G 203 -0.81 -1.89 3.62
N LEU G 204 -0.89 -2.31 4.89
CA LEU G 204 -2.02 -3.12 5.32
C LEU G 204 -3.31 -2.34 5.22
N LEU G 205 -3.28 -1.05 5.55
CA LEU G 205 -4.48 -0.23 5.42
C LEU G 205 -4.93 -0.17 3.97
N ALA G 206 -4.00 0.02 3.03
CA ALA G 206 -4.37 0.06 1.64
C ALA G 206 -4.96 -1.26 1.18
N LEU G 207 -4.37 -2.38 1.62
CA LEU G 207 -4.91 -3.68 1.22
C LEU G 207 -6.31 -3.90 1.80
N ALA G 208 -6.52 -3.55 3.06
CA ALA G 208 -7.85 -3.68 3.64
C ALA G 208 -8.86 -2.79 2.93
N TYR G 209 -8.43 -1.59 2.56
CA TYR G 209 -9.30 -0.70 1.80
C TYR G 209 -9.67 -1.32 0.47
N SER G 210 -8.70 -1.91 -0.22
CA SER G 210 -8.98 -2.57 -1.49
C SER G 210 -9.97 -3.70 -1.31
N THR G 211 -9.81 -4.51 -0.26
CA THR G 211 -10.79 -5.56 -0.01
C THR G 211 -12.17 -4.98 0.24
N GLN G 212 -12.28 -3.86 0.94
CA GLN G 212 -13.56 -3.23 1.29
C GLN G 212 -14.16 -2.58 0.04
N ARG G 213 -13.36 -2.34 -1.01
CA ARG G 213 -13.89 -1.75 -2.24
C ARG G 213 -14.18 -2.80 -3.31
N GLY G 214 -14.14 -4.08 -2.97
CA GLY G 214 -14.56 -5.14 -3.86
C GLY G 214 -13.45 -6.04 -4.37
N TYR G 215 -12.19 -5.68 -4.17
CA TYR G 215 -11.08 -6.52 -4.61
C TYR G 215 -10.94 -7.69 -3.64
N GLY G 216 -11.86 -8.63 -3.77
CA GLY G 216 -11.91 -9.75 -2.85
C GLY G 216 -12.55 -9.39 -1.53
N ARG G 217 -13.83 -9.02 -1.57
CA ARG G 217 -14.51 -8.58 -0.36
C ARG G 217 -14.57 -9.71 0.66
N ASN G 218 -14.64 -9.32 1.94
CA ASN G 218 -14.89 -10.27 3.02
C ASN G 218 -16.02 -9.78 3.91
N HIS G 219 -16.67 -8.68 3.54
CA HIS G 219 -17.87 -8.20 4.22
C HIS G 219 -17.61 -8.01 5.71
N PRO G 220 -16.75 -7.09 6.10
CA PRO G 220 -16.32 -6.99 7.50
C PRO G 220 -17.27 -6.17 8.36
N PHE G 221 -17.37 -6.57 9.62
CA PHE G 221 -18.03 -5.79 10.66
C PHE G 221 -17.10 -5.73 11.86
N ALA G 222 -16.97 -4.55 12.46
CA ALA G 222 -16.11 -4.38 13.63
C ALA G 222 -16.80 -5.03 14.82
N GLY G 223 -16.60 -6.35 14.92
CA GLY G 223 -17.27 -7.10 15.98
C GLY G 223 -16.97 -6.55 17.35
N GLU G 224 -15.72 -6.20 17.62
CA GLU G 224 -15.35 -5.60 18.88
C GLU G 224 -13.94 -5.04 18.80
N ILE G 225 -13.75 -3.85 19.36
CA ILE G 225 -12.44 -3.23 19.49
C ILE G 225 -12.22 -3.00 20.98
N ARG G 226 -11.11 -3.54 21.48
CA ARG G 226 -10.74 -3.42 22.89
C ARG G 226 -9.32 -2.85 22.99
N SER G 227 -9.16 -1.84 23.82
CA SER G 227 -7.85 -1.33 24.21
C SER G 227 -7.78 -1.28 25.73
N GLY G 228 -6.73 -1.85 26.28
CA GLY G 228 -6.58 -1.90 27.72
C GLY G 228 -5.28 -2.59 28.08
N TYR G 229 -5.12 -2.84 29.38
CA TYR G 229 -3.89 -3.41 29.91
C TYR G 229 -4.07 -4.91 30.12
N ILE G 230 -3.18 -5.69 29.52
CA ILE G 230 -3.17 -7.14 29.66
C ILE G 230 -1.97 -7.54 30.50
N ASP G 231 -2.20 -8.37 31.51
CA ASP G 231 -1.11 -8.86 32.32
C ASP G 231 -0.24 -9.84 31.53
N VAL G 232 1.05 -9.79 31.78
CA VAL G 232 2.02 -10.68 31.15
C VAL G 232 2.58 -11.60 32.24
N SER G 233 2.63 -12.89 31.96
CA SER G 233 3.14 -13.87 32.90
C SER G 233 4.15 -14.78 32.20
N ILE G 234 5.14 -15.22 32.96
CA ILE G 234 6.13 -16.17 32.46
C ILE G 234 6.34 -17.25 33.51
N VAL G 235 6.81 -18.41 33.06
CA VAL G 235 7.11 -19.51 33.96
C VAL G 235 8.61 -19.73 33.94
N PRO G 236 9.37 -19.18 34.87
CA PRO G 236 10.83 -19.35 34.84
C PRO G 236 11.22 -20.79 35.11
N GLU G 237 12.43 -21.14 34.68
CA GLU G 237 12.93 -22.48 34.93
C GLU G 237 13.16 -22.73 36.41
N GLU G 238 13.70 -21.74 37.13
CA GLU G 238 14.05 -21.92 38.52
C GLU G 238 12.85 -21.84 39.46
N LEU G 239 11.70 -21.38 38.98
CA LEU G 239 10.46 -21.42 39.73
C LEU G 239 9.44 -22.23 38.97
N GLY G 240 8.75 -23.12 39.66
CA GLY G 240 7.82 -23.99 38.99
C GLY G 240 6.48 -23.38 38.68
N PHE G 241 6.28 -22.11 38.99
CA PHE G 241 4.97 -21.48 38.87
C PHE G 241 5.08 -20.21 38.04
N ALA G 242 3.94 -19.82 37.47
CA ALA G 242 3.89 -18.60 36.67
C ALA G 242 4.01 -17.37 37.56
N VAL G 243 4.73 -16.36 37.07
CA VAL G 243 4.93 -15.11 37.77
C VAL G 243 4.49 -13.98 36.85
N ASN G 244 3.80 -13.00 37.41
CA ASN G 244 3.28 -11.86 36.66
C ASN G 244 4.35 -10.78 36.61
N VAL G 245 4.84 -10.48 35.41
CA VAL G 245 5.98 -9.59 35.24
C VAL G 245 5.59 -8.16 34.89
N GLY G 246 4.31 -7.90 34.63
CA GLY G 246 3.88 -6.56 34.28
C GLY G 246 2.65 -6.62 33.43
N GLU G 247 2.31 -5.47 32.84
CA GLU G 247 1.14 -5.38 31.97
C GLU G 247 1.47 -4.49 30.78
N LEU G 248 0.89 -4.83 29.64
CA LEU G 248 1.10 -4.11 28.40
C LEU G 248 -0.20 -3.47 27.95
N LEU G 249 -0.12 -2.26 27.41
CA LEU G 249 -1.27 -1.61 26.81
C LEU G 249 -1.40 -2.10 25.38
N MET G 250 -2.45 -2.85 25.10
CA MET G 250 -2.65 -3.48 23.80
C MET G 250 -4.04 -3.17 23.28
N THR G 251 -4.17 -3.22 21.96
CA THR G 251 -5.44 -3.04 21.27
C THR G 251 -5.77 -4.31 20.51
N GLU G 252 -6.99 -4.80 20.69
CA GLU G 252 -7.45 -6.03 20.07
C GLU G 252 -8.71 -5.74 19.25
N CYS G 253 -8.69 -6.13 17.99
CA CYS G 253 -9.83 -5.96 17.10
C CYS G 253 -10.27 -7.32 16.59
N GLU G 254 -11.55 -7.62 16.73
CA GLU G 254 -12.13 -8.86 16.23
C GLU G 254 -13.23 -8.51 15.26
N MET G 255 -13.10 -8.97 14.02
CA MET G 255 -13.97 -8.58 12.93
C MET G 255 -14.86 -9.74 12.53
N VAL G 256 -16.16 -9.46 12.40
CA VAL G 256 -17.11 -10.41 11.82
C VAL G 256 -17.01 -10.25 10.31
N ASN G 257 -16.88 -11.36 9.61
CA ASN G 257 -16.79 -11.33 8.15
C ASN G 257 -17.93 -12.15 7.56
N GLY G 258 -17.97 -12.19 6.23
CA GLY G 258 -19.08 -12.83 5.55
C GLY G 258 -19.22 -14.28 5.97
N PHE G 259 -20.46 -14.71 6.15
CA PHE G 259 -20.71 -16.06 6.61
C PHE G 259 -20.57 -17.06 5.47
N ILE G 260 -20.19 -18.28 5.83
CA ILE G 260 -20.08 -19.38 4.88
C ILE G 260 -21.12 -20.43 5.23
N ASP G 261 -21.28 -21.40 4.34
CA ASP G 261 -22.22 -22.51 4.52
C ASP G 261 -21.45 -23.80 4.35
N PRO G 262 -20.79 -24.30 5.40
CA PRO G 262 -20.05 -25.54 5.27
C PRO G 262 -20.97 -26.67 4.89
N PRO G 263 -20.46 -27.66 4.15
CA PRO G 263 -21.36 -28.71 3.64
C PRO G 263 -22.09 -29.48 4.73
N GLY G 264 -21.49 -29.67 5.89
CA GLY G 264 -22.08 -30.53 6.90
C GLY G 264 -22.37 -29.88 8.23
N GLU G 265 -22.69 -28.59 8.23
CA GLU G 265 -23.06 -27.90 9.47
C GLU G 265 -23.73 -26.58 9.10
N PRO G 266 -24.36 -25.92 10.07
CA PRO G 266 -25.10 -24.71 9.76
C PRO G 266 -24.16 -23.59 9.33
N PRO G 267 -24.63 -22.65 8.53
CA PRO G 267 -23.78 -21.52 8.15
C PRO G 267 -23.45 -20.64 9.36
N HIS G 268 -22.28 -20.01 9.30
CA HIS G 268 -21.78 -19.23 10.41
C HIS G 268 -20.91 -18.11 9.88
N PHE G 269 -20.71 -17.10 10.73
CA PHE G 269 -19.84 -16.00 10.36
C PHE G 269 -18.39 -16.43 10.40
N THR G 270 -17.61 -15.96 9.44
CA THR G 270 -16.16 -16.05 9.51
C THR G 270 -15.62 -14.85 10.27
N ARG G 271 -14.40 -14.98 10.79
CA ARG G 271 -13.87 -13.97 11.69
C ARG G 271 -12.42 -13.65 11.33
N GLY G 272 -12.02 -12.44 11.70
CA GLY G 272 -10.64 -12.02 11.56
C GLY G 272 -10.15 -11.39 12.85
N TYR G 273 -8.84 -11.43 13.05
CA TYR G 273 -8.23 -11.03 14.31
C TYR G 273 -7.08 -10.07 14.06
N GLY G 274 -6.97 -9.06 14.91
CA GLY G 274 -5.85 -8.14 14.87
C GLY G 274 -5.45 -7.72 16.27
N LEU G 275 -4.15 -7.63 16.53
CA LEU G 275 -3.67 -7.33 17.88
C LEU G 275 -2.41 -6.48 17.75
N VAL G 276 -2.40 -5.32 18.39
CA VAL G 276 -1.26 -4.41 18.33
C VAL G 276 -0.98 -3.86 19.70
N PHE G 277 0.17 -3.20 19.84
CA PHE G 277 0.51 -2.50 21.07
C PHE G 277 -0.02 -1.07 21.02
N GLY G 278 -0.28 -0.52 22.19
CA GLY G 278 -0.78 0.83 22.27
C GLY G 278 -2.25 0.93 21.91
N MET G 279 -2.67 2.16 21.63
CA MET G 279 -4.07 2.47 21.36
C MET G 279 -4.27 2.94 19.93
N SER G 280 -3.62 2.27 18.98
CA SER G 280 -3.77 2.56 17.55
C SER G 280 -4.71 1.52 16.96
N GLU G 281 -6.00 1.88 16.82
CA GLU G 281 -6.99 0.91 16.36
C GLU G 281 -6.75 0.54 14.91
N ARG G 282 -6.58 1.54 14.03
CA ARG G 282 -6.66 1.27 12.61
C ARG G 282 -5.66 0.21 12.17
N LYS G 283 -4.48 0.17 12.80
CA LYS G 283 -3.54 -0.91 12.48
C LYS G 283 -4.13 -2.26 12.81
N ALA G 284 -4.77 -2.39 13.97
CA ALA G 284 -5.39 -3.66 14.34
C ALA G 284 -6.53 -4.01 13.38
N MET G 285 -7.31 -3.02 12.98
CA MET G 285 -8.41 -3.29 12.05
C MET G 285 -7.88 -3.76 10.70
N ALA G 286 -6.86 -3.09 10.17
CA ALA G 286 -6.28 -3.54 8.92
C ALA G 286 -5.68 -4.92 9.06
N MET G 287 -5.04 -5.19 10.20
CA MET G 287 -4.51 -6.52 10.47
C MET G 287 -5.61 -7.57 10.40
N ALA G 288 -6.75 -7.30 11.04
CA ALA G 288 -7.84 -8.25 11.04
C ALA G 288 -8.40 -8.47 9.64
N LEU G 289 -8.60 -7.38 8.90
CA LEU G 289 -9.15 -7.52 7.55
C LEU G 289 -8.20 -8.30 6.64
N VAL G 290 -6.91 -7.99 6.69
CA VAL G 290 -5.96 -8.71 5.84
C VAL G 290 -5.81 -10.14 6.31
N ASP G 291 -5.95 -10.39 7.62
CA ASP G 291 -5.92 -11.76 8.12
C ASP G 291 -7.07 -12.57 7.54
N ARG G 292 -8.27 -12.00 7.53
CA ARG G 292 -9.39 -12.69 6.91
C ARG G 292 -9.14 -12.89 5.42
N ALA G 293 -8.61 -11.86 4.76
CA ALA G 293 -8.36 -11.97 3.33
C ALA G 293 -7.41 -13.12 3.02
N LEU G 294 -6.34 -13.25 3.81
CA LEU G 294 -5.35 -14.29 3.59
C LEU G 294 -5.84 -15.67 4.01
N GLN G 295 -7.00 -15.77 4.63
CA GLN G 295 -7.59 -17.06 4.97
C GLN G 295 -8.27 -17.72 3.78
N ALA G 296 -8.16 -17.15 2.59
CA ALA G 296 -8.83 -17.71 1.42
C ALA G 296 -8.54 -19.18 1.18
N PRO G 297 -7.29 -19.65 1.20
CA PRO G 297 -7.06 -21.07 0.96
C PRO G 297 -7.76 -21.98 1.96
N GLU G 298 -7.86 -21.56 3.22
CA GLU G 298 -8.52 -22.38 4.22
C GLU G 298 -10.00 -22.57 3.89
N TYR G 299 -10.64 -21.54 3.34
CA TYR G 299 -12.03 -21.60 2.92
C TYR G 299 -12.20 -21.95 1.45
N GLY G 300 -11.10 -22.25 0.77
CA GLY G 300 -11.17 -22.60 -0.64
C GLY G 300 -11.71 -21.48 -1.51
N GLU G 301 -11.34 -20.24 -1.20
CA GLU G 301 -11.78 -19.09 -1.97
C GLU G 301 -10.73 -18.75 -3.03
N HIS G 302 -11.22 -18.25 -4.16
CA HIS G 302 -10.32 -17.84 -5.23
C HIS G 302 -9.74 -16.47 -4.90
N ALA G 303 -8.43 -16.31 -5.14
CA ALA G 303 -7.76 -15.05 -4.89
C ALA G 303 -8.15 -14.02 -5.95
N THR G 304 -9.16 -13.20 -5.65
CA THR G 304 -9.60 -12.21 -6.63
C THR G 304 -8.69 -10.99 -6.63
N GLY G 305 -8.50 -10.37 -5.46
CA GLY G 305 -7.71 -9.16 -5.37
C GLY G 305 -6.31 -9.44 -4.87
N PRO G 306 -5.41 -8.46 -5.02
CA PRO G 306 -4.04 -8.65 -4.51
C PRO G 306 -3.98 -8.91 -3.03
N ALA G 307 -4.89 -8.36 -2.23
CA ALA G 307 -4.88 -8.58 -0.79
C ALA G 307 -5.09 -10.04 -0.41
N GLN G 308 -5.67 -10.84 -1.30
CA GLN G 308 -5.86 -12.26 -1.05
C GLN G 308 -4.65 -13.09 -1.45
N ASP G 309 -3.68 -12.49 -2.14
CA ASP G 309 -2.48 -13.20 -2.56
C ASP G 309 -1.49 -13.22 -1.41
N GLU G 310 -1.26 -14.40 -0.83
CA GLU G 310 -0.44 -14.49 0.37
C GLU G 310 1.00 -14.09 0.12
N GLU G 311 1.63 -14.63 -0.93
CA GLU G 311 3.03 -14.31 -1.17
C GLU G 311 3.21 -12.82 -1.46
N PHE G 312 2.37 -12.26 -2.32
CA PHE G 312 2.49 -10.84 -2.62
C PHE G 312 2.28 -9.98 -1.39
N VAL G 313 1.27 -10.32 -0.59
CA VAL G 313 0.93 -9.49 0.56
C VAL G 313 2.05 -9.53 1.60
N LEU G 314 2.53 -10.74 1.90
CA LEU G 314 3.48 -10.89 3.01
C LEU G 314 4.91 -10.61 2.61
N ALA G 315 5.27 -10.77 1.33
CA ALA G 315 6.65 -10.51 0.92
C ALA G 315 6.97 -9.03 0.97
N HIS G 316 5.95 -8.17 0.89
CA HIS G 316 6.14 -6.72 0.86
C HIS G 316 5.54 -6.05 2.09
N ALA G 317 5.07 -6.81 3.07
CA ALA G 317 4.48 -6.22 4.26
C ALA G 317 5.54 -5.62 5.17
N ASP G 318 6.68 -6.29 5.30
CA ASP G 318 7.70 -5.87 6.25
C ASP G 318 8.21 -4.48 5.92
N ASN G 319 7.94 -3.52 6.81
CA ASN G 319 8.34 -2.14 6.55
C ASN G 319 9.85 -2.01 6.47
N VAL G 320 10.58 -2.71 7.34
CA VAL G 320 12.03 -2.57 7.38
C VAL G 320 12.64 -3.00 6.05
N GLU G 321 12.27 -4.19 5.57
CA GLU G 321 12.82 -4.68 4.32
C GLU G 321 12.45 -3.77 3.16
N VAL G 322 11.19 -3.37 3.10
CA VAL G 322 10.72 -2.53 1.99
C VAL G 322 11.50 -1.23 1.94
N ALA G 323 11.58 -0.55 3.08
CA ALA G 323 12.27 0.73 3.11
C ALA G 323 13.74 0.58 2.77
N GLY G 324 14.41 -0.43 3.36
CA GLY G 324 15.82 -0.60 3.10
C GLY G 324 16.10 -0.88 1.64
N PHE G 325 15.31 -1.76 1.02
CA PHE G 325 15.55 -2.07 -0.37
C PHE G 325 15.24 -0.90 -1.30
N VAL G 326 14.15 -0.18 -1.05
CA VAL G 326 13.87 0.99 -1.88
C VAL G 326 15.00 2.00 -1.74
N SER G 327 15.58 2.10 -0.55
CA SER G 327 16.61 3.07 -0.29
C SER G 327 17.98 2.68 -0.83
N HIS G 328 18.20 1.38 -1.07
CA HIS G 328 19.50 0.84 -1.55
C HIS G 328 19.87 1.48 -2.86
N LEU G 329 18.93 2.07 -3.57
CA LEU G 329 19.21 2.66 -4.89
C LEU G 329 20.07 3.93 -4.68
N LYS G 330 20.09 4.58 -3.51
CA LYS G 330 20.97 5.72 -3.25
C LYS G 330 22.42 5.31 -3.23
N LEU G 331 22.71 4.03 -3.01
CA LEU G 331 24.08 3.56 -3.03
C LEU G 331 24.64 3.64 -4.43
N PRO G 332 25.95 3.79 -4.58
CA PRO G 332 26.54 3.79 -5.92
C PRO G 332 26.21 2.51 -6.67
N HIS G 333 25.82 2.63 -7.92
CA HIS G 333 25.49 1.50 -8.80
C HIS G 333 26.15 1.83 -10.13
N TYR G 334 27.31 2.49 -10.18
CA TYR G 334 27.90 2.91 -11.45
C TYR G 334 28.58 1.77 -12.20
N VAL G 335 28.86 0.64 -11.54
CA VAL G 335 29.38 -0.52 -12.26
C VAL G 335 28.27 -1.15 -13.09
N ASP G 336 27.12 -1.42 -12.47
CA ASP G 336 25.99 -1.96 -13.21
C ASP G 336 25.51 -1.00 -14.27
N PHE G 337 25.43 0.29 -13.95
CA PHE G 337 25.03 1.26 -14.95
C PHE G 337 26.06 1.41 -16.06
N GLN G 338 27.35 1.22 -15.75
CA GLN G 338 28.35 1.21 -16.82
C GLN G 338 28.14 0.04 -17.74
N ALA G 339 27.81 -1.13 -17.19
CA ALA G 339 27.48 -2.28 -18.04
C ALA G 339 26.28 -1.98 -18.92
N GLU G 340 25.23 -1.39 -18.34
CA GLU G 340 24.06 -1.03 -19.13
C GLU G 340 24.39 0.00 -20.21
N LEU G 341 25.21 0.99 -19.88
CA LEU G 341 25.61 1.98 -20.87
C LEU G 341 26.40 1.33 -22.00
N GLU G 342 27.29 0.41 -21.66
CA GLU G 342 28.04 -0.29 -22.71
C GLU G 342 27.09 -1.00 -23.66
N LEU G 343 26.13 -1.74 -23.11
CA LEU G 343 25.17 -2.43 -23.96
C LEU G 343 24.36 -1.44 -24.80
N LEU G 344 23.89 -0.36 -24.19
CA LEU G 344 23.05 0.59 -24.90
C LEU G 344 23.82 1.28 -26.02
N LYS G 345 25.06 1.69 -25.76
CA LYS G 345 25.85 2.44 -26.74
C LYS G 345 26.07 1.56 -27.96
N ARG G 346 26.25 0.27 -27.76
CA ARG G 346 26.44 -0.69 -28.86
C ARG G 346 25.15 -0.84 -29.64
N LEU G 347 24.04 -1.00 -28.96
CA LEU G 347 22.71 -1.17 -29.61
C LEU G 347 22.42 0.06 -30.45
N GLN G 348 22.75 1.26 -29.97
CA GLN G 348 22.51 2.51 -30.70
C GLN G 348 23.39 2.52 -31.94
N GLN G 349 24.66 2.17 -31.79
CA GLN G 349 25.63 2.22 -32.91
C GLN G 349 25.29 1.19 -33.98
N GLU G 350 24.68 0.08 -33.61
CA GLU G 350 24.31 -1.00 -34.56
C GLU G 350 23.25 -0.46 -35.51
N GLN G 351 22.34 0.38 -35.02
CA GLN G 351 21.21 0.88 -35.83
C GLN G 351 21.45 2.33 -36.25
N ASN G 352 22.68 2.83 -36.14
CA ASN G 352 23.04 4.19 -36.59
C ASN G 352 23.31 4.12 -38.08
N HIS G 353 22.53 4.81 -38.91
CA HIS G 353 22.68 4.85 -40.39
C HIS G 353 22.77 6.31 -40.82
N LEU H 4 36.06 -4.54 22.09
CA LEU H 4 35.93 -3.67 23.26
C LEU H 4 34.82 -2.64 23.06
N SER H 5 33.91 -2.92 22.14
CA SER H 5 32.83 -1.99 21.81
C SER H 5 31.59 -2.20 22.66
N GLY H 6 31.60 -3.18 23.57
CA GLY H 6 30.44 -3.50 24.37
C GLY H 6 29.51 -4.52 23.76
N TYR H 7 29.73 -4.90 22.51
CA TYR H 7 28.98 -5.95 21.85
C TYR H 7 29.78 -7.24 21.84
N ASN H 8 29.10 -8.34 21.55
CA ASN H 8 29.79 -9.59 21.34
C ASN H 8 30.70 -9.47 20.11
N PHE H 9 31.79 -10.24 20.12
CA PHE H 9 32.70 -10.20 18.99
C PHE H 9 31.94 -10.42 17.70
N ALA H 10 32.15 -9.54 16.74
CA ALA H 10 31.45 -9.53 15.46
C ALA H 10 29.98 -9.15 15.59
N TYR H 11 29.56 -8.68 16.77
CA TYR H 11 28.25 -8.07 16.98
C TYR H 11 27.11 -9.09 16.98
N LEU H 12 27.39 -10.33 16.62
CA LEU H 12 26.35 -11.35 16.49
C LEU H 12 26.42 -12.31 17.67
N ASP H 13 25.27 -12.63 18.23
CA ASP H 13 25.23 -13.60 19.31
C ASP H 13 25.63 -14.98 18.80
N GLU H 14 25.99 -15.84 19.74
CA GLU H 14 26.58 -17.12 19.36
C GLU H 14 25.62 -17.99 18.56
N GLN H 15 24.34 -18.02 18.95
CA GLN H 15 23.42 -18.92 18.26
C GLN H 15 23.19 -18.47 16.83
N THR H 16 23.14 -17.16 16.60
CA THR H 16 23.04 -16.67 15.23
C THR H 16 24.24 -17.07 14.41
N LYS H 17 25.44 -16.96 15.00
CA LYS H 17 26.64 -17.39 14.29
C LYS H 17 26.59 -18.88 13.97
N ARG H 18 26.13 -19.70 14.92
CA ARG H 18 26.02 -21.12 14.67
C ARG H 18 25.04 -21.42 13.54
N MET H 19 23.90 -20.74 13.54
CA MET H 19 22.92 -20.94 12.48
C MET H 19 23.50 -20.56 11.12
N ILE H 20 24.18 -19.42 11.05
CA ILE H 20 24.78 -19.00 9.79
C ILE H 20 25.87 -19.97 9.37
N ARG H 21 26.62 -20.53 10.33
CA ARG H 21 27.70 -21.45 9.97
C ARG H 21 27.15 -22.77 9.46
N ARG H 22 26.07 -23.25 10.06
CA ARG H 22 25.42 -24.45 9.53
C ARG H 22 24.88 -24.19 8.13
N ALA H 23 24.31 -23.01 7.91
CA ALA H 23 23.86 -22.66 6.57
C ALA H 23 25.04 -22.62 5.59
N ILE H 24 26.17 -22.07 6.02
CA ILE H 24 27.34 -22.01 5.14
C ILE H 24 27.81 -23.41 4.78
N LEU H 25 27.87 -24.30 5.77
CA LEU H 25 28.32 -25.66 5.48
C LEU H 25 27.37 -26.35 4.52
N LYS H 26 26.06 -26.20 4.74
CA LYS H 26 25.10 -26.79 3.82
C LYS H 26 25.26 -26.23 2.41
N ALA H 27 25.46 -24.91 2.31
CA ALA H 27 25.62 -24.30 1.00
C ALA H 27 26.86 -24.81 0.29
N VAL H 28 27.96 -24.95 1.02
CA VAL H 28 29.18 -25.46 0.42
C VAL H 28 28.98 -26.90 -0.03
N ALA H 29 28.20 -27.66 0.72
CA ALA H 29 27.92 -29.04 0.33
C ALA H 29 27.01 -29.13 -0.89
N ILE H 30 26.31 -28.05 -1.23
CA ILE H 30 25.38 -28.05 -2.35
C ILE H 30 25.68 -26.82 -3.21
N PRO H 31 26.77 -26.81 -3.98
CA PRO H 31 27.17 -25.60 -4.68
C PRO H 31 26.05 -25.05 -5.56
N GLY H 32 25.68 -23.80 -5.31
CA GLY H 32 24.70 -23.10 -6.10
C GLY H 32 23.30 -23.05 -5.51
N TYR H 33 22.99 -23.88 -4.52
CA TYR H 33 21.66 -23.91 -3.92
C TYR H 33 21.54 -22.78 -2.91
N GLN H 34 20.41 -22.09 -2.95
CA GLN H 34 20.14 -21.01 -2.01
C GLN H 34 19.61 -21.61 -0.73
N VAL H 35 20.41 -21.58 0.32
CA VAL H 35 20.06 -22.19 1.60
C VAL H 35 19.33 -21.13 2.43
N PRO H 36 18.06 -21.34 2.77
CA PRO H 36 17.39 -20.40 3.67
C PRO H 36 18.08 -20.36 5.02
N PHE H 37 18.15 -19.17 5.61
CA PHE H 37 18.74 -18.98 6.91
C PHE H 37 18.03 -17.84 7.62
N GLY H 38 17.85 -17.98 8.91
CA GLY H 38 17.10 -17.00 9.68
C GLY H 38 17.91 -15.77 10.03
N GLY H 39 18.20 -14.94 9.02
CA GLY H 39 19.00 -13.76 9.27
C GLY H 39 18.31 -12.76 10.17
N ARG H 40 19.12 -12.01 10.92
CA ARG H 40 18.63 -10.99 11.82
C ARG H 40 18.77 -9.62 11.15
N GLU H 41 18.28 -8.59 11.85
CA GLU H 41 18.40 -7.22 11.38
C GLU H 41 19.68 -6.62 11.91
N MET H 42 20.55 -6.19 11.01
CA MET H 42 21.85 -5.65 11.35
C MET H 42 21.80 -4.14 11.38
N PRO H 43 22.82 -3.48 11.94
CA PRO H 43 22.81 -2.02 11.98
C PRO H 43 22.73 -1.38 10.60
N MET H 44 23.20 -2.04 9.58
CA MET H 44 22.97 -1.55 8.23
C MET H 44 21.55 -1.90 7.78
N PRO H 45 20.93 -1.05 6.96
CA PRO H 45 19.57 -1.37 6.49
C PRO H 45 19.59 -2.57 5.56
N TYR H 46 18.43 -3.24 5.49
CA TYR H 46 18.27 -4.32 4.53
C TYR H 46 18.49 -3.78 3.13
N GLY H 47 19.21 -4.55 2.32
CA GLY H 47 19.57 -4.14 0.98
C GLY H 47 20.86 -3.37 0.89
N TRP H 48 21.46 -3.02 2.02
CA TRP H 48 22.73 -2.31 2.07
C TRP H 48 23.88 -3.24 2.40
N GLY H 49 23.67 -4.54 2.31
CA GLY H 49 24.72 -5.51 2.55
C GLY H 49 24.61 -6.27 3.85
N THR H 50 23.41 -6.43 4.39
CA THR H 50 23.28 -7.13 5.67
C THR H 50 23.71 -8.59 5.55
N GLY H 51 23.38 -9.23 4.44
CA GLY H 51 23.76 -10.63 4.28
C GLY H 51 25.27 -10.82 4.27
N GLY H 52 25.97 -9.99 3.49
CA GLY H 52 27.42 -10.06 3.49
C GLY H 52 28.00 -9.77 4.86
N ILE H 53 27.43 -8.80 5.57
CA ILE H 53 27.91 -8.48 6.91
C ILE H 53 27.75 -9.68 7.83
N GLN H 54 26.60 -10.34 7.77
CA GLN H 54 26.36 -11.50 8.62
C GLN H 54 27.33 -12.63 8.28
N LEU H 55 27.55 -12.88 6.99
CA LEU H 55 28.48 -13.92 6.61
C LEU H 55 29.89 -13.61 7.10
N THR H 56 30.32 -12.36 6.93
CA THR H 56 31.66 -11.99 7.39
C THR H 56 31.76 -12.14 8.90
N ALA H 57 30.74 -11.71 9.64
CA ALA H 57 30.75 -11.88 11.09
C ALA H 57 30.83 -13.34 11.47
N SER H 58 30.18 -14.22 10.69
CA SER H 58 30.20 -15.63 11.01
C SER H 58 31.55 -16.28 10.70
N VAL H 59 32.26 -15.78 9.68
CA VAL H 59 33.52 -16.41 9.29
C VAL H 59 34.76 -15.67 9.79
N ILE H 60 34.65 -14.38 10.11
CA ILE H 60 35.85 -13.60 10.43
C ILE H 60 36.39 -14.00 11.79
N GLY H 61 37.72 -13.99 11.92
CA GLY H 61 38.39 -14.27 13.17
C GLY H 61 39.36 -13.16 13.53
N GLU H 62 40.01 -13.34 14.68
CA GLU H 62 40.95 -12.32 15.16
C GLU H 62 42.14 -12.16 14.23
N SER H 63 42.67 -13.27 13.71
CA SER H 63 43.87 -13.23 12.89
C SER H 63 43.59 -12.93 11.43
N ASP H 64 42.32 -12.78 11.05
CA ASP H 64 41.99 -12.52 9.65
C ASP H 64 42.29 -11.07 9.28
N VAL H 65 42.63 -10.87 8.03
CA VAL H 65 42.81 -9.54 7.45
C VAL H 65 41.66 -9.31 6.49
N LEU H 66 40.87 -8.27 6.75
CA LEU H 66 39.62 -8.03 6.04
C LEU H 66 39.80 -6.94 5.00
N LYS H 67 39.22 -7.16 3.82
CA LYS H 67 39.19 -6.15 2.77
C LYS H 67 37.75 -5.97 2.33
N VAL H 68 37.20 -4.80 2.57
CA VAL H 68 35.83 -4.46 2.17
C VAL H 68 35.92 -3.51 0.99
N ILE H 69 35.31 -3.89 -0.13
CA ILE H 69 35.32 -3.08 -1.34
C ILE H 69 33.89 -2.94 -1.84
N ASP H 70 33.57 -1.75 -2.32
CA ASP H 70 32.28 -1.47 -2.94
C ASP H 70 32.52 -0.91 -4.32
N GLN H 71 31.84 -1.46 -5.32
CA GLN H 71 32.06 -1.07 -6.71
C GLN H 71 33.52 -1.29 -7.11
N GLY H 72 34.23 -2.13 -6.37
CA GLY H 72 35.64 -2.36 -6.59
C GLY H 72 36.55 -1.41 -5.87
N ALA H 73 36.02 -0.39 -5.20
CA ALA H 73 36.84 0.61 -4.51
C ALA H 73 36.71 0.45 -3.01
N ASP H 74 37.84 0.55 -2.32
CA ASP H 74 37.86 0.44 -0.87
C ASP H 74 37.32 1.68 -0.18
N ASP H 75 37.38 2.84 -0.83
CA ASP H 75 37.00 4.11 -0.21
C ASP H 75 35.56 4.49 -0.49
N THR H 76 34.78 3.64 -1.14
CA THR H 76 33.38 3.94 -1.38
C THR H 76 32.66 4.08 -0.05
N THR H 77 31.61 4.92 -0.03
CA THR H 77 30.95 5.25 1.21
C THR H 77 30.47 4.00 1.94
N ASN H 78 29.78 3.11 1.24
CA ASN H 78 29.26 1.91 1.90
C ASN H 78 30.40 1.02 2.38
N ALA H 79 31.45 0.88 1.57
CA ALA H 79 32.60 0.09 2.00
C ALA H 79 33.22 0.69 3.25
N VAL H 80 33.35 2.02 3.29
CA VAL H 80 33.92 2.67 4.45
C VAL H 80 33.07 2.40 5.69
N SER H 81 31.75 2.52 5.54
CA SER H 81 30.86 2.29 6.68
C SER H 81 30.99 0.87 7.20
N ILE H 82 30.96 -0.10 6.29
CA ILE H 82 31.04 -1.51 6.71
C ILE H 82 32.39 -1.79 7.35
N ARG H 83 33.47 -1.29 6.76
CA ARG H 83 34.79 -1.52 7.32
C ARG H 83 34.93 -0.91 8.70
N ASN H 84 34.39 0.30 8.89
CA ASN H 84 34.45 0.92 10.20
C ASN H 84 33.64 0.13 11.21
N PHE H 85 32.46 -0.37 10.81
CA PHE H 85 31.67 -1.19 11.71
C PHE H 85 32.44 -2.43 12.14
N PHE H 86 33.08 -3.10 11.19
CA PHE H 86 33.82 -4.30 11.53
C PHE H 86 35.05 -4.00 12.37
N LYS H 87 35.73 -2.88 12.12
CA LYS H 87 36.84 -2.49 12.98
C LYS H 87 36.36 -2.23 14.40
N ARG H 88 35.20 -1.60 14.55
CA ARG H 88 34.69 -1.32 15.88
C ARG H 88 34.33 -2.61 16.61
N VAL H 89 33.62 -3.52 15.95
CA VAL H 89 33.08 -4.69 16.65
C VAL H 89 34.04 -5.87 16.68
N THR H 90 35.14 -5.83 15.95
CA THR H 90 36.11 -6.91 15.98
C THR H 90 37.52 -6.42 16.23
N GLY H 91 37.89 -5.26 15.69
CA GLY H 91 39.26 -4.81 15.80
C GLY H 91 40.23 -5.53 14.91
N VAL H 92 39.73 -6.27 13.91
CA VAL H 92 40.62 -7.01 13.02
C VAL H 92 41.42 -6.04 12.16
N ASN H 93 42.49 -6.54 11.58
CA ASN H 93 43.29 -5.76 10.65
C ASN H 93 42.57 -5.68 9.30
N THR H 94 42.62 -4.51 8.70
CA THR H 94 42.02 -4.27 7.39
C THR H 94 43.10 -3.88 6.40
N THR H 95 42.89 -4.27 5.14
CA THR H 95 43.83 -3.98 4.08
C THR H 95 43.07 -3.55 2.84
N GLU H 96 43.76 -2.83 1.97
CA GLU H 96 43.22 -2.48 0.66
C GLU H 96 43.86 -3.28 -0.46
N ARG H 97 44.76 -4.21 -0.14
CA ARG H 97 45.45 -5.01 -1.14
C ARG H 97 44.83 -6.40 -1.19
N THR H 98 44.46 -6.84 -2.39
CA THR H 98 43.75 -8.10 -2.53
C THR H 98 44.62 -9.28 -2.07
N ASP H 99 45.90 -9.26 -2.41
CA ASP H 99 46.76 -10.38 -2.07
C ASP H 99 47.02 -10.47 -0.57
N ASP H 100 46.86 -9.38 0.16
CA ASP H 100 47.10 -9.36 1.60
C ASP H 100 45.85 -9.67 2.43
N ALA H 101 44.71 -9.84 1.78
CA ALA H 101 43.44 -10.03 2.49
C ALA H 101 43.11 -11.53 2.54
N THR H 102 42.73 -11.99 3.73
CA THR H 102 42.27 -13.36 3.90
C THR H 102 40.77 -13.49 3.69
N VAL H 103 40.01 -12.44 4.01
CA VAL H 103 38.58 -12.40 3.77
C VAL H 103 38.28 -11.12 3.01
N ILE H 104 37.53 -11.23 1.91
CA ILE H 104 37.17 -10.10 1.08
C ILE H 104 35.65 -10.03 1.03
N GLN H 105 35.09 -8.88 1.39
CA GLN H 105 33.67 -8.62 1.24
C GLN H 105 33.49 -7.60 0.14
N THR H 106 32.82 -8.01 -0.94
CA THR H 106 32.66 -7.20 -2.12
C THR H 106 31.18 -7.07 -2.45
N ARG H 107 30.80 -5.91 -3.01
CA ARG H 107 29.40 -5.65 -3.36
C ARG H 107 29.18 -5.87 -4.83
N HIS H 108 29.85 -5.29 -5.82
CA HIS H 108 29.49 -5.56 -7.24
C HIS H 108 30.73 -5.81 -8.10
N ARG H 109 31.82 -6.36 -7.58
CA ARG H 109 33.03 -6.59 -8.36
C ARG H 109 33.78 -7.78 -7.79
N ILE H 110 34.50 -8.47 -8.68
CA ILE H 110 35.51 -9.46 -8.32
C ILE H 110 36.86 -8.81 -8.58
N PRO H 111 37.76 -8.74 -7.60
CA PRO H 111 38.99 -7.98 -7.81
C PRO H 111 39.77 -8.49 -9.01
N GLU H 112 40.38 -7.55 -9.73
CA GLU H 112 41.18 -7.93 -10.90
C GLU H 112 42.31 -8.85 -10.49
N THR H 113 42.89 -8.62 -9.33
CA THR H 113 43.96 -9.48 -8.85
C THR H 113 43.42 -10.89 -8.59
N PRO H 114 44.00 -11.92 -9.19
CA PRO H 114 43.50 -13.28 -8.94
C PRO H 114 43.58 -13.63 -7.46
N LEU H 115 42.57 -14.37 -6.99
CA LEU H 115 42.53 -14.82 -5.61
C LEU H 115 43.28 -16.15 -5.48
N THR H 116 43.87 -16.36 -4.31
CA THR H 116 44.69 -17.53 -4.04
C THR H 116 43.99 -18.43 -3.04
N GLU H 117 44.64 -19.55 -2.73
CA GLU H 117 44.05 -20.53 -1.83
C GLU H 117 43.90 -19.93 -0.43
N ASP H 118 42.93 -20.46 0.32
CA ASP H 118 42.61 -20.08 1.68
C ASP H 118 41.97 -18.71 1.78
N GLN H 119 41.71 -18.04 0.67
CA GLN H 119 41.00 -16.78 0.68
C GLN H 119 39.51 -17.04 0.55
N ILE H 120 38.71 -16.21 1.22
CA ILE H 120 37.26 -16.28 1.17
C ILE H 120 36.75 -14.93 0.70
N ILE H 121 35.89 -14.95 -0.31
CA ILE H 121 35.29 -13.73 -0.84
C ILE H 121 33.79 -13.79 -0.59
N ILE H 122 33.27 -12.80 0.14
CA ILE H 122 31.86 -12.72 0.46
C ILE H 122 31.20 -11.77 -0.51
N PHE H 123 30.14 -12.23 -1.16
CA PHE H 123 29.39 -11.41 -2.11
C PHE H 123 28.10 -10.93 -1.48
N GLN H 124 27.75 -9.68 -1.75
CA GLN H 124 26.49 -9.11 -1.31
C GLN H 124 25.50 -9.17 -2.47
N VAL H 125 24.38 -9.84 -2.26
CA VAL H 125 23.42 -10.15 -3.31
C VAL H 125 22.09 -9.49 -2.97
N PRO H 126 21.56 -8.61 -3.82
CA PRO H 126 20.21 -8.10 -3.58
C PRO H 126 19.14 -9.15 -3.85
N ILE H 127 19.21 -9.79 -5.01
CA ILE H 127 18.23 -10.79 -5.42
C ILE H 127 18.95 -12.12 -5.64
N PRO H 128 18.89 -13.07 -4.70
CA PRO H 128 19.62 -14.33 -4.84
C PRO H 128 18.88 -15.38 -5.65
N GLU H 129 18.34 -14.97 -6.79
CA GLU H 129 17.51 -15.85 -7.59
C GLU H 129 17.59 -15.48 -9.06
N PRO H 130 18.26 -16.29 -9.90
CA PRO H 130 18.36 -15.93 -11.32
C PRO H 130 17.03 -15.89 -12.04
N LEU H 131 16.00 -16.56 -11.53
CA LEU H 131 14.71 -16.61 -12.18
C LEU H 131 13.72 -15.61 -11.62
N ARG H 132 14.14 -14.77 -10.68
CA ARG H 132 13.18 -13.92 -9.97
C ARG H 132 12.51 -12.93 -10.91
N PHE H 133 13.26 -12.33 -11.83
CA PHE H 133 12.67 -11.40 -12.77
C PHE H 133 11.88 -12.08 -13.87
N ILE H 134 11.98 -13.41 -13.99
CA ILE H 134 11.15 -14.17 -14.91
C ILE H 134 9.88 -14.57 -14.18
N GLU H 135 10.03 -15.31 -13.09
CA GLU H 135 8.92 -15.78 -12.27
C GLU H 135 9.01 -15.12 -10.90
N PRO H 136 8.22 -14.09 -10.62
CA PRO H 136 8.35 -13.40 -9.33
C PRO H 136 8.02 -14.27 -8.13
N ARG H 137 7.27 -15.35 -8.32
CA ARG H 137 6.86 -16.18 -7.20
C ARG H 137 8.02 -17.04 -6.71
N GLU H 138 8.30 -16.97 -5.41
CA GLU H 138 9.24 -17.89 -4.81
C GLU H 138 8.71 -19.32 -4.78
N THR H 139 7.40 -19.48 -4.58
CA THR H 139 6.81 -20.81 -4.58
C THR H 139 7.04 -21.54 -5.89
N GLU H 140 7.19 -20.80 -6.99
CA GLU H 140 7.40 -21.39 -8.30
C GLU H 140 8.88 -21.59 -8.63
N THR H 141 9.70 -20.56 -8.37
CA THR H 141 11.12 -20.71 -8.63
C THR H 141 11.74 -21.82 -7.77
N ARG H 142 11.21 -22.01 -6.57
CA ARG H 142 11.74 -23.07 -5.71
C ARG H 142 11.56 -24.44 -6.36
N THR H 143 10.36 -24.71 -6.89
CA THR H 143 10.15 -25.98 -7.58
C THR H 143 10.91 -26.04 -8.89
N MET H 144 11.07 -24.91 -9.57
CA MET H 144 11.88 -24.90 -10.79
C MET H 144 13.30 -25.37 -10.48
N HIS H 145 13.87 -24.86 -9.40
CA HIS H 145 15.20 -25.31 -8.99
C HIS H 145 15.18 -26.77 -8.58
N ALA H 146 14.13 -27.19 -7.86
CA ALA H 146 14.07 -28.57 -7.39
C ALA H 146 14.08 -29.54 -8.58
N LEU H 147 13.28 -29.27 -9.59
CA LEU H 147 13.20 -30.12 -10.77
C LEU H 147 14.24 -29.78 -11.83
N GLU H 148 14.95 -28.67 -11.68
CA GLU H 148 15.94 -28.25 -12.66
C GLU H 148 15.28 -27.95 -14.01
N GLU H 149 14.17 -27.21 -13.96
CA GLU H 149 13.46 -26.80 -15.16
C GLU H 149 13.82 -25.35 -15.45
N TYR H 150 14.95 -25.17 -16.14
CA TYR H 150 15.48 -23.85 -16.45
C TYR H 150 15.17 -23.41 -17.88
N GLY H 151 14.25 -24.10 -18.55
CA GLY H 151 13.94 -23.74 -19.93
C GLY H 151 13.46 -22.32 -20.07
N VAL H 152 12.82 -21.78 -19.03
CA VAL H 152 12.30 -20.43 -19.12
C VAL H 152 13.43 -19.41 -19.21
N MET H 153 14.58 -19.70 -18.58
CA MET H 153 15.73 -18.83 -18.73
C MET H 153 16.18 -18.77 -20.19
N GLN H 154 16.25 -19.93 -20.84
CA GLN H 154 16.59 -19.95 -22.27
C GLN H 154 15.56 -19.19 -23.07
N VAL H 155 14.28 -19.32 -22.70
CA VAL H 155 13.23 -18.60 -23.41
C VAL H 155 13.46 -17.10 -23.31
N LYS H 156 13.77 -16.62 -22.11
CA LYS H 156 14.01 -15.19 -21.94
C LYS H 156 15.24 -14.73 -22.71
N LEU H 157 16.30 -15.53 -22.71
CA LEU H 157 17.49 -15.16 -23.47
C LEU H 157 17.17 -15.06 -24.96
N TYR H 158 16.41 -16.02 -25.49
CA TYR H 158 16.03 -15.98 -26.89
C TYR H 158 15.15 -14.77 -27.19
N GLU H 159 14.23 -14.44 -26.29
CA GLU H 159 13.40 -13.26 -26.49
C GLU H 159 14.25 -12.00 -26.52
N ASP H 160 15.25 -11.92 -25.64
CA ASP H 160 16.15 -10.78 -25.66
C ASP H 160 16.90 -10.70 -26.98
N ILE H 161 17.39 -11.85 -27.47
CA ILE H 161 18.09 -11.85 -28.74
C ILE H 161 17.18 -11.38 -29.86
N ALA H 162 15.93 -11.84 -29.85
CA ALA H 162 14.98 -11.44 -30.89
C ALA H 162 14.72 -9.93 -30.84
N ARG H 163 14.53 -9.39 -29.64
CA ARG H 163 14.15 -7.98 -29.53
C ARG H 163 15.32 -7.06 -29.83
N PHE H 164 16.52 -7.40 -29.36
CA PHE H 164 17.68 -6.53 -29.52
C PHE H 164 18.80 -7.12 -30.36
N GLY H 165 18.81 -8.43 -30.58
CA GLY H 165 19.96 -9.06 -31.20
C GLY H 165 21.07 -9.38 -30.24
N HIS H 166 20.86 -9.17 -28.95
CA HIS H 166 21.91 -9.37 -27.93
C HIS H 166 21.24 -9.72 -26.61
N ILE H 167 21.93 -10.40 -25.71
CA ILE H 167 21.40 -10.68 -24.38
C ILE H 167 21.29 -9.37 -23.62
N ALA H 168 20.06 -8.98 -23.29
CA ALA H 168 19.85 -7.72 -22.60
C ALA H 168 20.53 -7.71 -21.24
N THR H 169 20.71 -8.87 -20.62
CA THR H 169 21.37 -8.93 -19.33
C THR H 169 22.84 -8.61 -19.48
N THR H 170 23.34 -7.73 -18.60
CA THR H 170 24.74 -7.33 -18.61
C THR H 170 25.42 -7.49 -17.26
N TYR H 171 24.67 -7.58 -16.17
CA TYR H 171 25.22 -7.85 -14.86
C TYR H 171 24.28 -8.81 -14.16
N ALA H 172 24.78 -9.48 -13.13
CA ALA H 172 24.04 -10.57 -12.50
C ALA H 172 23.68 -11.63 -13.52
N TYR H 173 24.59 -11.85 -14.46
CA TYR H 173 24.35 -12.80 -15.53
C TYR H 173 24.29 -14.21 -14.97
N PRO H 174 23.23 -14.98 -15.25
CA PRO H 174 23.12 -16.31 -14.63
C PRO H 174 24.24 -17.22 -15.05
N VAL H 175 24.65 -18.10 -14.15
CA VAL H 175 25.73 -19.05 -14.39
C VAL H 175 25.34 -20.41 -13.85
N LYS H 176 25.71 -21.45 -14.58
CA LYS H 176 25.49 -22.83 -14.17
C LYS H 176 26.71 -23.28 -13.37
N VAL H 177 26.45 -23.76 -12.16
CA VAL H 177 27.46 -24.19 -11.21
C VAL H 177 27.43 -25.70 -11.14
N ASN H 178 28.61 -26.30 -11.22
CA ASN H 178 28.84 -27.74 -11.10
C ASN H 178 27.94 -28.51 -12.05
N GLY H 179 27.54 -27.87 -13.15
CA GLY H 179 26.71 -28.49 -14.16
C GLY H 179 25.27 -28.70 -13.77
N ARG H 180 24.86 -28.26 -12.57
CA ARG H 180 23.51 -28.52 -12.10
C ARG H 180 22.73 -27.25 -11.79
N TYR H 181 23.26 -26.33 -10.97
CA TYR H 181 22.47 -25.18 -10.52
C TYR H 181 22.73 -23.90 -11.28
N VAL H 182 21.68 -23.33 -11.83
CA VAL H 182 21.71 -21.97 -12.35
C VAL H 182 21.53 -21.02 -11.18
N MET H 183 22.55 -20.22 -10.89
CA MET H 183 22.45 -19.20 -9.87
C MET H 183 22.83 -17.86 -10.48
N ASP H 184 22.37 -16.78 -9.87
CA ASP H 184 22.98 -15.54 -10.29
C ASP H 184 24.09 -15.16 -9.31
N PRO H 185 25.24 -14.72 -9.77
CA PRO H 185 26.23 -14.19 -8.84
C PRO H 185 25.77 -12.84 -8.31
N SER H 186 26.60 -12.16 -7.53
CA SER H 186 26.27 -10.80 -7.16
C SER H 186 26.00 -10.00 -8.43
N PRO H 187 25.41 -8.82 -8.32
CA PRO H 187 25.21 -8.02 -9.53
C PRO H 187 26.53 -7.53 -10.10
N ILE H 188 27.40 -8.48 -10.46
CA ILE H 188 28.71 -8.17 -11.03
C ILE H 188 28.55 -8.13 -12.54
N PRO H 189 29.40 -7.41 -13.26
CA PRO H 189 29.29 -7.37 -14.71
C PRO H 189 29.59 -8.72 -15.33
N LYS H 190 29.20 -8.88 -16.59
CA LYS H 190 29.64 -10.03 -17.35
C LYS H 190 31.16 -10.10 -17.39
N PHE H 191 31.81 -8.95 -17.26
CA PHE H 191 33.27 -8.91 -17.25
C PHE H 191 33.84 -9.82 -16.17
N ASP H 192 33.18 -9.91 -15.02
CA ASP H 192 33.71 -10.64 -13.88
C ASP H 192 33.32 -12.11 -13.88
N ASN H 193 32.32 -12.51 -14.66
CA ASN H 193 31.87 -13.90 -14.65
C ASN H 193 32.99 -14.89 -14.91
N PRO H 194 33.86 -14.69 -15.90
CA PRO H 194 34.94 -15.66 -16.13
C PRO H 194 35.81 -15.89 -14.91
N LYS H 195 36.00 -14.87 -14.07
CA LYS H 195 36.86 -15.04 -12.90
C LYS H 195 36.33 -16.07 -11.92
N MET H 196 35.04 -16.40 -12.00
CA MET H 196 34.46 -17.34 -11.06
C MET H 196 34.77 -18.79 -11.40
N ASP H 197 35.22 -19.07 -12.61
CA ASP H 197 35.40 -20.46 -13.03
C ASP H 197 36.72 -21.00 -12.51
N MET H 198 36.66 -22.12 -11.80
CA MET H 198 37.82 -22.79 -11.26
C MET H 198 38.67 -21.83 -10.44
N MET H 199 38.02 -21.01 -9.64
CA MET H 199 38.71 -20.10 -8.76
C MET H 199 39.33 -20.88 -7.60
N PRO H 200 40.52 -20.49 -7.11
CA PRO H 200 41.10 -21.18 -5.96
C PRO H 200 40.54 -20.75 -4.62
N ALA H 201 39.60 -19.81 -4.59
CA ALA H 201 39.07 -19.26 -3.36
C ALA H 201 37.60 -19.59 -3.21
N LEU H 202 37.20 -19.95 -2.00
CA LEU H 202 35.80 -20.19 -1.70
C LEU H 202 35.00 -18.91 -1.91
N GLN H 203 33.84 -19.04 -2.54
CA GLN H 203 32.97 -17.90 -2.81
C GLN H 203 31.70 -18.06 -1.99
N LEU H 204 31.35 -17.05 -1.22
CA LEU H 204 30.12 -17.04 -0.43
C LEU H 204 29.24 -15.89 -0.89
N PHE H 205 27.96 -16.18 -1.09
CA PHE H 205 26.96 -15.22 -1.48
C PHE H 205 25.88 -15.19 -0.42
N GLY H 206 25.58 -14.00 0.09
CA GLY H 206 24.58 -13.85 1.12
C GLY H 206 23.59 -12.75 0.80
N ALA H 207 22.30 -13.04 0.97
CA ALA H 207 21.22 -12.10 0.77
C ALA H 207 20.45 -12.02 2.09
N GLY H 208 20.76 -11.01 2.88
CA GLY H 208 20.12 -10.86 4.17
C GLY H 208 18.64 -10.55 4.05
N ARG H 209 18.29 -9.63 3.15
CA ARG H 209 16.88 -9.28 2.99
C ARG H 209 16.08 -10.47 2.49
N GLU H 210 16.59 -11.18 1.50
CA GLU H 210 15.94 -12.38 1.00
C GLU H 210 16.28 -13.61 1.81
N LYS H 211 17.24 -13.51 2.73
CA LYS H 211 17.57 -14.59 3.66
C LYS H 211 17.95 -15.87 2.91
N ARG H 212 19.03 -15.77 2.14
CA ARG H 212 19.54 -16.91 1.41
C ARG H 212 21.06 -16.88 1.41
N ILE H 213 21.66 -18.04 1.62
CA ILE H 213 23.10 -18.20 1.56
C ILE H 213 23.42 -19.29 0.55
N TYR H 214 24.35 -19.01 -0.35
CA TYR H 214 24.82 -20.03 -1.26
C TYR H 214 26.31 -19.82 -1.50
N ALA H 215 26.96 -20.80 -2.12
CA ALA H 215 28.41 -20.77 -2.18
C ALA H 215 28.91 -21.56 -3.37
N VAL H 216 30.14 -21.27 -3.75
CA VAL H 216 30.87 -22.01 -4.76
C VAL H 216 32.19 -22.45 -4.14
N PRO H 217 32.44 -23.75 -3.96
CA PRO H 217 33.72 -24.20 -3.43
C PRO H 217 34.85 -23.85 -4.38
N PRO H 218 36.09 -23.87 -3.91
CA PRO H 218 37.21 -23.64 -4.81
C PRO H 218 37.26 -24.66 -5.93
N PHE H 219 37.74 -24.25 -7.10
CA PHE H 219 37.90 -25.16 -8.23
C PHE H 219 36.58 -25.83 -8.59
N THR H 220 35.59 -25.00 -8.91
CA THR H 220 34.28 -25.46 -9.33
C THR H 220 33.97 -24.88 -10.70
N ARG H 221 33.23 -25.63 -11.50
CA ARG H 221 32.86 -25.16 -12.83
C ARG H 221 31.73 -24.16 -12.72
N VAL H 222 31.95 -22.94 -13.21
CA VAL H 222 30.94 -21.90 -13.24
C VAL H 222 30.89 -21.39 -14.68
N GLU H 223 29.87 -21.81 -15.43
CA GLU H 223 29.76 -21.55 -16.85
C GLU H 223 28.59 -20.61 -17.10
N SER H 224 28.85 -19.46 -17.70
CA SER H 224 27.77 -18.52 -17.99
C SER H 224 26.87 -19.09 -19.08
N LEU H 225 25.56 -18.89 -18.92
CA LEU H 225 24.60 -19.38 -19.89
C LEU H 225 24.72 -18.62 -21.20
N ASP H 226 24.80 -19.34 -22.30
CA ASP H 226 24.92 -18.72 -23.61
C ASP H 226 24.56 -19.76 -24.67
N PHE H 227 24.76 -19.40 -25.94
CA PHE H 227 24.46 -20.26 -27.07
C PHE H 227 25.64 -20.28 -28.02
N ASP H 228 25.70 -21.33 -28.84
CA ASP H 228 26.77 -21.43 -29.82
C ASP H 228 26.73 -20.25 -30.80
N ASP H 229 25.53 -19.89 -31.25
CA ASP H 229 25.39 -18.77 -32.19
C ASP H 229 25.69 -17.44 -31.53
N HIS H 230 25.57 -17.34 -30.21
CA HIS H 230 25.80 -16.09 -29.47
C HIS H 230 26.76 -16.38 -28.32
N PRO H 231 28.06 -16.44 -28.59
CA PRO H 231 29.01 -16.75 -27.53
C PRO H 231 29.03 -15.67 -26.47
N PHE H 232 29.37 -16.07 -25.24
CA PHE H 232 29.42 -15.13 -24.13
C PHE H 232 30.45 -14.04 -24.39
N THR H 233 30.00 -12.79 -24.39
CA THR H 233 30.85 -11.64 -24.61
C THR H 233 31.11 -10.94 -23.27
N VAL H 234 32.01 -9.96 -23.31
CA VAL H 234 32.37 -9.18 -22.12
C VAL H 234 32.36 -7.70 -22.49
N GLN H 235 32.15 -6.86 -21.48
CA GLN H 235 32.17 -5.42 -21.69
C GLN H 235 33.51 -5.00 -22.28
N GLN H 236 33.46 -4.11 -23.25
CA GLN H 236 34.64 -3.63 -23.95
C GLN H 236 34.64 -2.11 -23.99
N TRP H 237 35.83 -1.53 -23.94
CA TRP H 237 36.02 -0.09 -24.08
C TRP H 237 37.11 0.17 -25.09
N ASP H 238 37.01 1.31 -25.77
CA ASP H 238 38.04 1.75 -26.70
C ASP H 238 39.09 2.62 -26.02
N GLU H 239 38.94 2.90 -24.73
CA GLU H 239 39.86 3.72 -23.99
C GLU H 239 40.60 2.88 -22.93
N PRO H 240 41.83 3.25 -22.59
CA PRO H 240 42.48 2.67 -21.41
C PRO H 240 42.20 3.51 -20.18
N CYS H 241 42.58 2.97 -19.02
CA CYS H 241 42.43 3.71 -17.78
C CYS H 241 43.19 5.02 -17.87
N ALA H 242 42.51 6.12 -17.53
CA ALA H 242 43.12 7.44 -17.61
C ALA H 242 44.20 7.66 -16.59
N ILE H 243 44.35 6.77 -15.60
CA ILE H 243 45.36 6.92 -14.56
C ILE H 243 46.47 5.92 -14.78
N CYS H 244 46.14 4.63 -14.71
CA CYS H 244 47.14 3.58 -14.82
C CYS H 244 47.37 3.10 -16.24
N GLY H 245 46.48 3.43 -17.18
CA GLY H 245 46.66 3.02 -18.55
C GLY H 245 46.41 1.56 -18.82
N SER H 246 45.76 0.85 -17.91
CA SER H 246 45.48 -0.56 -18.09
C SER H 246 44.34 -0.76 -19.08
N THR H 247 44.45 -1.78 -19.92
CA THR H 247 43.43 -2.13 -20.89
C THR H 247 42.76 -3.46 -20.58
N HIS H 248 42.99 -4.03 -19.40
CA HIS H 248 42.43 -5.33 -19.03
C HIS H 248 41.58 -5.25 -17.76
N SER H 249 41.13 -4.05 -17.40
CA SER H 249 40.35 -3.84 -16.18
C SER H 249 38.99 -3.27 -16.53
N TYR H 250 38.02 -3.54 -15.66
CA TYR H 250 36.69 -2.98 -15.81
C TYR H 250 36.74 -1.49 -15.53
N LEU H 251 36.52 -0.68 -16.56
CA LEU H 251 36.58 0.77 -16.42
C LEU H 251 35.22 1.32 -16.01
N ASP H 252 35.26 2.45 -15.32
CA ASP H 252 34.07 3.20 -14.96
C ASP H 252 34.22 4.62 -15.46
N GLU H 253 33.08 5.26 -15.75
CA GLU H 253 33.06 6.55 -16.41
C GLU H 253 32.92 7.65 -15.37
N VAL H 254 33.73 8.69 -15.52
CA VAL H 254 33.71 9.85 -14.64
C VAL H 254 33.49 11.08 -15.51
N VAL H 255 32.39 11.78 -15.28
CA VAL H 255 32.06 12.97 -16.04
C VAL H 255 32.70 14.16 -15.36
N LEU H 256 33.56 14.87 -16.07
CA LEU H 256 34.35 15.95 -15.49
C LEU H 256 33.62 17.27 -15.51
N ASP H 257 32.86 17.56 -16.56
CA ASP H 257 32.19 18.84 -16.69
C ASP H 257 30.93 18.67 -17.53
N ASP H 258 30.05 19.65 -17.44
CA ASP H 258 28.80 19.61 -18.19
C ASP H 258 29.03 19.63 -19.70
N ALA H 259 30.18 20.14 -20.15
CA ALA H 259 30.45 20.20 -21.58
C ALA H 259 30.44 18.82 -22.23
N GLY H 260 30.67 17.76 -21.44
CA GLY H 260 30.71 16.41 -21.97
C GLY H 260 32.05 15.72 -21.83
N ASN H 261 33.07 16.38 -21.29
CA ASN H 261 34.35 15.72 -21.08
C ASN H 261 34.22 14.63 -20.03
N ARG H 262 34.83 13.48 -20.31
CA ARG H 262 34.75 12.35 -19.40
C ARG H 262 36.05 11.57 -19.47
N MET H 263 36.32 10.82 -18.41
CA MET H 263 37.50 9.98 -18.32
C MET H 263 37.11 8.62 -17.77
N PHE H 264 37.78 7.59 -18.27
CA PHE H 264 37.52 6.23 -17.84
C PHE H 264 38.66 5.78 -16.94
N VAL H 265 38.31 5.28 -15.76
CA VAL H 265 39.32 4.87 -14.78
C VAL H 265 38.96 3.49 -14.25
N CYS H 266 39.98 2.71 -13.87
CA CYS H 266 39.74 1.37 -13.36
C CYS H 266 38.78 1.41 -12.18
N SER H 267 37.77 0.53 -12.22
CA SER H 267 36.87 0.40 -11.09
C SER H 267 37.58 -0.17 -9.88
N ASP H 268 38.47 -1.14 -10.09
CA ASP H 268 39.24 -1.75 -9.01
C ASP H 268 40.37 -0.80 -8.64
N THR H 269 40.17 -0.02 -7.58
CA THR H 269 41.14 0.99 -7.21
C THR H 269 42.47 0.39 -6.77
N ASP H 270 42.43 -0.75 -6.07
CA ASP H 270 43.68 -1.39 -5.67
C ASP H 270 44.47 -1.86 -6.88
N TYR H 271 43.81 -2.46 -7.85
CA TYR H 271 44.50 -2.87 -9.07
C TYR H 271 45.03 -1.66 -9.82
N CYS H 272 44.27 -0.56 -9.83
CA CYS H 272 44.77 0.66 -10.47
C CYS H 272 46.02 1.17 -9.78
N ARG H 273 46.03 1.16 -8.45
CA ARG H 273 47.20 1.61 -7.71
C ARG H 273 48.40 0.71 -8.01
N GLN H 274 48.17 -0.60 -8.03
CA GLN H 274 49.25 -1.53 -8.34
C GLN H 274 49.82 -1.28 -9.73
N GLN H 275 48.94 -1.07 -10.71
CA GLN H 275 49.41 -0.82 -12.07
C GLN H 275 50.15 0.51 -12.16
N SER H 276 49.63 1.54 -11.50
CA SER H 276 50.28 2.85 -11.58
C SER H 276 51.65 2.82 -10.94
N GLU H 277 51.79 2.17 -9.79
CA GLU H 277 53.10 2.12 -9.15
C GLU H 277 54.10 1.29 -9.94
N ALA H 278 53.65 0.54 -10.94
CA ALA H 278 54.55 -0.23 -11.79
C ALA H 278 55.02 0.60 -12.97
N GLN I 3 -29.10 -14.13 -48.67
CA GLN I 3 -27.75 -13.63 -49.03
C GLN I 3 -26.78 -14.05 -47.93
N PRO I 4 -25.45 -14.18 -48.17
CA PRO I 4 -24.54 -14.67 -47.14
C PRO I 4 -24.63 -13.96 -45.78
N LEU I 5 -24.67 -14.72 -44.68
CA LEU I 5 -24.80 -14.21 -43.30
C LEU I 5 -23.57 -13.45 -42.82
N LEU I 6 -22.35 -13.69 -43.31
CA LEU I 6 -21.20 -12.85 -42.86
C LEU I 6 -20.30 -12.57 -44.05
N SER I 7 -20.42 -11.37 -44.64
CA SER I 7 -19.62 -11.02 -45.80
C SER I 7 -18.39 -10.25 -45.34
N VAL I 8 -17.21 -10.76 -45.68
CA VAL I 8 -15.94 -10.12 -45.37
C VAL I 8 -15.35 -9.62 -46.68
N ASN I 9 -15.02 -8.33 -46.73
CA ASN I 9 -14.52 -7.71 -47.95
C ASN I 9 -13.21 -6.99 -47.64
N ASN I 10 -12.09 -7.58 -48.09
CA ASN I 10 -10.79 -6.94 -48.08
C ASN I 10 -10.46 -6.36 -46.71
N LEU I 11 -10.46 -7.23 -45.71
CA LEU I 11 -10.11 -6.85 -44.35
C LEU I 11 -8.60 -6.94 -44.19
N THR I 12 -7.99 -5.85 -43.73
CA THR I 12 -6.56 -5.80 -43.50
C THR I 12 -6.28 -5.14 -42.16
N HIS I 13 -5.31 -5.69 -41.43
CA HIS I 13 -4.84 -5.10 -40.19
C HIS I 13 -3.50 -5.71 -39.86
N LEU I 14 -2.48 -4.86 -39.70
CA LEU I 14 -1.11 -5.31 -39.42
C LEU I 14 -0.57 -4.44 -38.29
N TYR I 15 -0.74 -4.91 -37.05
CA TYR I 15 -0.26 -4.15 -35.91
C TYR I 15 1.25 -3.99 -35.94
N ALA I 16 1.96 -5.03 -36.37
CA ALA I 16 3.41 -5.00 -36.51
C ALA I 16 3.78 -5.45 -37.92
N PRO I 17 4.95 -5.02 -38.42
CA PRO I 17 5.32 -5.33 -39.80
C PRO I 17 5.16 -6.82 -40.13
N GLY I 18 4.26 -7.12 -41.03
CA GLY I 18 3.94 -8.49 -41.39
C GLY I 18 2.90 -9.12 -40.49
N LYS I 19 3.09 -9.01 -39.17
CA LYS I 19 2.14 -9.59 -38.23
C LYS I 19 0.76 -8.98 -38.44
N GLY I 20 -0.25 -9.84 -38.44
CA GLY I 20 -1.61 -9.43 -38.75
C GLY I 20 -2.10 -10.10 -40.02
N PHE I 21 -3.04 -9.47 -40.71
CA PHE I 21 -3.58 -10.01 -41.95
C PHE I 21 -3.92 -8.87 -42.89
N SER I 22 -4.00 -9.20 -44.18
CA SER I 22 -4.26 -8.20 -45.21
C SER I 22 -5.11 -8.81 -46.30
N ASP I 23 -5.86 -7.94 -46.98
CA ASP I 23 -6.65 -8.28 -48.17
C ASP I 23 -7.34 -9.63 -48.01
N VAL I 24 -8.15 -9.73 -46.96
CA VAL I 24 -8.94 -10.92 -46.68
C VAL I 24 -10.38 -10.65 -47.08
N SER I 25 -10.92 -11.52 -47.92
CA SER I 25 -12.29 -11.37 -48.40
C SER I 25 -12.93 -12.75 -48.53
N PHE I 26 -14.19 -12.86 -48.12
CA PHE I 26 -14.95 -14.08 -48.29
C PHE I 26 -16.37 -13.82 -47.79
N ASP I 27 -17.24 -14.80 -47.98
CA ASP I 27 -18.61 -14.75 -47.53
C ASP I 27 -18.98 -16.06 -46.86
N LEU I 28 -19.97 -16.00 -45.97
CA LEU I 28 -20.44 -17.15 -45.23
C LEU I 28 -21.95 -17.25 -45.30
N TRP I 29 -22.44 -18.46 -45.54
CA TRP I 29 -23.87 -18.74 -45.62
C TRP I 29 -24.33 -19.48 -44.38
N PRO I 30 -25.61 -19.40 -44.03
CA PRO I 30 -26.08 -20.08 -42.82
C PRO I 30 -25.87 -21.60 -42.90
N GLY I 31 -25.53 -22.18 -41.76
CA GLY I 31 -25.47 -23.62 -41.61
C GLY I 31 -24.22 -24.28 -42.14
N GLU I 32 -23.26 -23.53 -42.68
CA GLU I 32 -22.02 -24.10 -43.17
C GLU I 32 -20.89 -23.77 -42.23
N VAL I 33 -20.02 -24.74 -41.98
CA VAL I 33 -18.87 -24.56 -41.12
C VAL I 33 -17.68 -24.18 -41.99
N LEU I 34 -17.09 -23.02 -41.69
CA LEU I 34 -15.91 -22.53 -42.39
C LEU I 34 -14.72 -22.64 -41.45
N GLY I 35 -13.71 -23.38 -41.86
CA GLY I 35 -12.50 -23.55 -41.07
C GLY I 35 -11.38 -22.67 -41.60
N ILE I 36 -10.47 -22.32 -40.70
CA ILE I 36 -9.30 -21.51 -41.03
C ILE I 36 -8.06 -22.28 -40.60
N VAL I 37 -7.14 -22.50 -41.53
CA VAL I 37 -5.91 -23.24 -41.25
C VAL I 37 -4.72 -22.40 -41.66
N GLY I 38 -3.70 -22.38 -40.83
CA GLY I 38 -2.48 -21.65 -41.15
C GLY I 38 -1.48 -21.80 -40.03
N GLU I 39 -0.27 -21.33 -40.31
CA GLU I 39 0.79 -21.34 -39.32
C GLU I 39 0.49 -20.35 -38.20
N SER I 40 1.14 -20.55 -37.06
CA SER I 40 0.91 -19.69 -35.90
C SER I 40 1.09 -18.23 -36.27
N GLY I 41 2.07 -17.93 -37.11
CA GLY I 41 2.29 -16.57 -37.58
C GLY I 41 1.40 -16.12 -38.71
N SER I 42 0.51 -17.00 -39.18
CA SER I 42 -0.36 -16.66 -40.29
C SER I 42 -1.27 -15.47 -39.97
N GLY I 43 -1.48 -15.17 -38.70
CA GLY I 43 -2.39 -14.11 -38.32
C GLY I 43 -3.84 -14.50 -38.34
N LYS I 44 -4.15 -15.79 -38.53
CA LYS I 44 -5.54 -16.21 -38.56
C LYS I 44 -6.29 -15.79 -37.30
N THR I 45 -5.61 -15.85 -36.16
CA THR I 45 -6.26 -15.51 -34.90
C THR I 45 -6.65 -14.02 -34.88
N THR I 46 -5.78 -13.17 -35.42
CA THR I 46 -6.13 -11.76 -35.55
C THR I 46 -7.33 -11.57 -36.45
N LEU I 47 -7.40 -12.34 -37.55
CA LEU I 47 -8.62 -12.33 -38.36
C LEU I 47 -9.83 -12.69 -37.52
N LEU I 48 -9.70 -13.69 -36.66
CA LEU I 48 -10.85 -14.12 -35.87
C LEU I 48 -11.30 -13.00 -34.94
N LYS I 49 -10.37 -12.34 -34.26
CA LYS I 49 -10.78 -11.20 -33.43
C LYS I 49 -11.42 -10.10 -34.28
N SER I 50 -10.84 -9.81 -35.45
CA SER I 50 -11.38 -8.71 -36.26
C SER I 50 -12.81 -9.00 -36.70
N ILE I 51 -13.07 -10.23 -37.16
CA ILE I 51 -14.42 -10.56 -37.60
C ILE I 51 -15.37 -10.67 -36.41
N SER I 52 -14.89 -11.13 -35.27
CA SER I 52 -15.73 -11.30 -34.09
C SER I 52 -15.85 -10.00 -33.30
N ALA I 53 -16.18 -8.91 -34.01
CA ALA I 53 -16.51 -7.63 -33.41
C ALA I 53 -15.65 -7.30 -32.20
N ARG I 54 -14.36 -7.57 -32.27
CA ARG I 54 -13.45 -7.30 -31.17
C ARG I 54 -12.30 -6.38 -31.54
N LEU I 55 -11.73 -6.56 -32.73
CA LEU I 55 -10.60 -5.75 -33.19
C LEU I 55 -11.05 -4.95 -34.41
N THR I 56 -10.85 -3.64 -34.35
CA THR I 56 -11.24 -2.78 -35.46
C THR I 56 -10.23 -2.89 -36.59
N PRO I 57 -10.64 -3.24 -37.81
CA PRO I 57 -9.69 -3.35 -38.90
C PRO I 57 -9.14 -1.99 -39.31
N GLN I 58 -7.90 -1.99 -39.80
CA GLN I 58 -7.34 -0.78 -40.39
C GLN I 58 -8.09 -0.41 -41.66
N GLN I 59 -8.47 -1.39 -42.47
CA GLN I 59 -9.21 -1.16 -43.69
C GLN I 59 -9.93 -2.44 -44.09
N GLY I 60 -11.09 -2.28 -44.70
CA GLY I 60 -11.95 -3.38 -45.08
C GLY I 60 -13.38 -3.15 -44.65
N GLU I 61 -14.22 -4.15 -44.90
CA GLU I 61 -15.63 -4.02 -44.53
C GLU I 61 -16.20 -5.38 -44.15
N ILE I 62 -16.81 -5.45 -42.97
CA ILE I 62 -17.61 -6.59 -42.56
C ILE I 62 -19.07 -6.20 -42.69
N HIS I 63 -19.93 -7.14 -43.14
CA HIS I 63 -21.38 -6.91 -43.35
C HIS I 63 -22.21 -8.05 -42.76
N TYR I 64 -22.40 -8.09 -41.45
CA TYR I 64 -23.29 -9.12 -40.82
C TYR I 64 -24.70 -8.88 -41.33
N GLU I 65 -25.41 -9.93 -41.77
CA GLU I 65 -26.75 -9.79 -42.40
C GLU I 65 -26.55 -8.74 -43.47
N ASN I 66 -27.34 -7.66 -43.51
CA ASN I 66 -27.13 -6.54 -44.46
C ASN I 66 -26.90 -5.30 -43.58
N ARG I 67 -25.84 -5.32 -42.77
CA ARG I 67 -25.50 -4.21 -41.85
C ARG I 67 -24.00 -4.23 -41.60
N SER I 68 -23.30 -3.13 -41.89
CA SER I 68 -21.86 -3.08 -41.67
C SER I 68 -21.57 -3.31 -40.20
N LEU I 69 -20.66 -4.26 -39.92
CA LEU I 69 -20.42 -4.66 -38.54
C LEU I 69 -19.97 -3.48 -37.69
N TYR I 70 -18.94 -2.77 -38.16
CA TYR I 70 -18.37 -1.69 -37.36
C TYR I 70 -19.14 -0.39 -37.51
N ALA I 71 -20.08 -0.31 -38.45
CA ALA I 71 -20.97 0.84 -38.49
C ALA I 71 -21.94 0.83 -37.31
N MET I 72 -22.17 -0.33 -36.71
CA MET I 72 -23.08 -0.44 -35.58
C MET I 72 -22.50 0.30 -34.38
N SER I 73 -23.39 0.84 -33.56
CA SER I 73 -22.99 1.48 -32.32
C SER I 73 -22.41 0.45 -31.35
N GLU I 74 -21.57 0.93 -30.44
CA GLU I 74 -20.95 0.03 -29.48
C GLU I 74 -21.99 -0.79 -28.73
N ALA I 75 -23.10 -0.16 -28.36
CA ALA I 75 -24.17 -0.90 -27.69
C ALA I 75 -24.75 -1.98 -28.60
N ASP I 76 -24.95 -1.67 -29.88
CA ASP I 76 -25.55 -2.64 -30.79
C ASP I 76 -24.66 -3.87 -30.95
N ARG I 77 -23.36 -3.67 -31.18
CA ARG I 77 -22.47 -4.81 -31.34
C ARG I 77 -22.26 -5.54 -30.02
N ARG I 78 -22.26 -4.83 -28.90
CA ARG I 78 -22.17 -5.49 -27.61
C ARG I 78 -23.37 -6.40 -27.38
N ARG I 79 -24.57 -5.93 -27.74
CA ARG I 79 -25.74 -6.77 -27.65
C ARG I 79 -25.64 -7.96 -28.59
N LEU I 80 -25.13 -7.73 -29.81
CA LEU I 80 -25.02 -8.80 -30.78
C LEU I 80 -24.10 -9.90 -30.27
N LEU I 81 -22.98 -9.52 -29.66
CA LEU I 81 -22.02 -10.51 -29.19
C LEU I 81 -22.56 -11.37 -28.05
N ARG I 82 -23.70 -11.02 -27.46
CA ARG I 82 -24.24 -11.76 -26.33
C ARG I 82 -25.66 -12.28 -26.57
N THR I 83 -26.28 -11.94 -27.68
CA THR I 83 -27.63 -12.43 -27.93
C THR I 83 -27.73 -13.32 -29.17
N GLU I 84 -27.03 -13.00 -30.27
CA GLU I 84 -27.15 -13.74 -31.56
C GLU I 84 -25.81 -14.29 -32.02
N TRP I 85 -24.70 -13.80 -31.48
CA TRP I 85 -23.39 -14.31 -31.85
C TRP I 85 -22.77 -15.04 -30.68
N GLY I 86 -21.85 -15.94 -30.98
CA GLY I 86 -21.14 -16.65 -29.95
C GLY I 86 -19.65 -16.65 -30.18
N VAL I 87 -18.86 -16.67 -29.12
CA VAL I 87 -17.40 -16.74 -29.22
C VAL I 87 -16.92 -17.79 -28.22
N VAL I 88 -16.19 -18.77 -28.72
CA VAL I 88 -15.66 -19.86 -27.89
C VAL I 88 -14.15 -19.72 -27.88
N HIS I 89 -13.63 -19.17 -26.79
CA HIS I 89 -12.19 -18.98 -26.64
C HIS I 89 -11.49 -20.32 -26.43
N GLN I 90 -10.19 -20.33 -26.71
CA GLN I 90 -9.41 -21.54 -26.48
C GLN I 90 -9.37 -21.88 -24.99
N HIS I 91 -9.14 -20.88 -24.15
CA HIS I 91 -9.07 -21.10 -22.71
C HIS I 91 -10.46 -20.89 -22.12
N PRO I 92 -11.11 -21.92 -21.58
CA PRO I 92 -12.49 -21.72 -21.11
C PRO I 92 -12.63 -20.61 -20.09
N LEU I 93 -11.65 -20.46 -19.21
CA LEU I 93 -11.74 -19.43 -18.19
C LEU I 93 -11.84 -18.03 -18.78
N ASP I 94 -11.45 -17.86 -20.04
CA ASP I 94 -11.58 -16.56 -20.68
C ASP I 94 -13.02 -16.26 -21.07
N GLY I 95 -13.79 -17.28 -21.44
CA GLY I 95 -15.17 -17.09 -21.83
C GLY I 95 -16.16 -17.45 -20.74
N LEU I 96 -15.65 -17.95 -19.61
CA LEU I 96 -16.48 -18.37 -18.49
C LEU I 96 -16.20 -17.50 -17.28
N ARG I 97 -17.26 -17.17 -16.55
CA ARG I 97 -17.12 -16.43 -15.30
C ARG I 97 -16.72 -17.41 -14.22
N ARG I 98 -15.50 -17.26 -13.68
CA ARG I 98 -14.93 -18.29 -12.84
C ARG I 98 -15.67 -18.40 -11.51
N GLN I 99 -16.08 -17.27 -10.93
CA GLN I 99 -16.70 -17.29 -9.62
C GLN I 99 -18.18 -17.64 -9.67
N VAL I 100 -18.73 -17.90 -10.86
CA VAL I 100 -20.15 -18.17 -11.03
C VAL I 100 -20.33 -19.65 -11.34
N SER I 101 -21.26 -20.30 -10.65
CA SER I 101 -21.53 -21.71 -10.89
C SER I 101 -21.87 -21.95 -12.35
N ALA I 102 -21.83 -23.22 -12.75
CA ALA I 102 -22.09 -23.57 -14.15
C ALA I 102 -23.49 -23.13 -14.57
N GLY I 103 -24.48 -23.35 -13.70
CA GLY I 103 -25.82 -22.89 -14.01
C GLY I 103 -25.86 -21.38 -14.22
N GLY I 104 -25.18 -20.64 -13.36
CA GLY I 104 -25.11 -19.19 -13.54
C GLY I 104 -24.41 -18.80 -14.82
N ASN I 105 -23.33 -19.49 -15.16
CA ASN I 105 -22.63 -19.19 -16.41
C ASN I 105 -23.54 -19.41 -17.60
N ILE I 106 -24.31 -20.49 -17.59
CA ILE I 106 -25.20 -20.77 -18.71
C ILE I 106 -26.34 -19.77 -18.76
N GLY I 107 -26.93 -19.44 -17.60
CA GLY I 107 -28.08 -18.58 -17.56
C GLY I 107 -27.79 -17.10 -17.55
N GLU I 108 -26.52 -16.70 -17.57
CA GLU I 108 -26.23 -15.27 -17.58
C GLU I 108 -26.77 -14.60 -18.84
N ARG I 109 -26.68 -15.27 -19.99
CA ARG I 109 -27.25 -14.68 -21.20
C ARG I 109 -28.75 -14.50 -21.08
N LEU I 110 -29.44 -15.52 -20.57
CA LEU I 110 -30.89 -15.41 -20.40
C LEU I 110 -31.24 -14.27 -19.47
N MET I 111 -30.50 -14.13 -18.37
CA MET I 111 -30.78 -13.05 -17.43
C MET I 111 -30.46 -11.69 -18.03
N ALA I 112 -29.41 -11.60 -18.84
CA ALA I 112 -29.10 -10.37 -19.54
C ALA I 112 -30.21 -10.00 -20.52
N THR I 113 -30.91 -10.98 -21.06
CA THR I 113 -32.11 -10.72 -21.84
C THR I 113 -33.30 -10.36 -20.97
N GLY I 114 -33.27 -10.67 -19.68
CA GLY I 114 -34.35 -10.32 -18.78
C GLY I 114 -35.25 -11.49 -18.42
N ALA I 115 -34.66 -12.65 -18.13
CA ALA I 115 -35.46 -13.83 -17.84
C ALA I 115 -36.37 -13.60 -16.63
N ARG I 116 -35.80 -13.16 -15.52
CA ARG I 116 -36.58 -12.79 -14.33
C ARG I 116 -37.48 -13.93 -13.87
N HIS I 117 -36.96 -15.15 -13.90
CA HIS I 117 -37.68 -16.29 -13.31
C HIS I 117 -36.67 -17.37 -13.01
N TYR I 118 -36.43 -17.62 -11.72
CA TYR I 118 -35.37 -18.56 -11.34
C TYR I 118 -35.67 -19.96 -11.84
N GLY I 119 -36.91 -20.41 -11.71
CA GLY I 119 -37.24 -21.77 -12.10
C GLY I 119 -36.98 -22.03 -13.57
N ASP I 120 -37.45 -21.13 -14.44
CA ASP I 120 -37.24 -21.30 -15.87
C ASP I 120 -35.76 -21.24 -16.21
N ILE I 121 -35.02 -20.31 -15.61
CA ILE I 121 -33.60 -20.20 -15.91
C ILE I 121 -32.88 -21.47 -15.52
N ARG I 122 -33.16 -22.00 -14.34
CA ARG I 122 -32.49 -23.20 -13.89
C ARG I 122 -32.87 -24.40 -14.74
N ALA I 123 -34.14 -24.48 -15.14
CA ALA I 123 -34.57 -25.57 -16.02
C ALA I 123 -33.85 -25.51 -17.36
N THR I 124 -33.74 -24.32 -17.94
CA THR I 124 -33.03 -24.18 -19.20
C THR I 124 -31.56 -24.54 -19.04
N ALA I 125 -30.95 -24.12 -17.92
CA ALA I 125 -29.55 -24.45 -17.69
C ALA I 125 -29.36 -25.95 -17.60
N GLN I 126 -30.26 -26.65 -16.89
CA GLN I 126 -30.16 -28.10 -16.80
C GLN I 126 -30.35 -28.75 -18.16
N LYS I 127 -31.30 -28.24 -18.95
CA LYS I 127 -31.53 -28.81 -20.27
C LYS I 127 -30.30 -28.66 -21.14
N TRP I 128 -29.64 -27.50 -21.10
CA TRP I 128 -28.45 -27.31 -21.90
C TRP I 128 -27.27 -28.11 -21.38
N LEU I 129 -27.16 -28.27 -20.07
CA LEU I 129 -26.12 -29.15 -19.53
C LEU I 129 -26.31 -30.58 -20.01
N GLU I 130 -27.56 -31.04 -20.08
CA GLU I 130 -27.83 -32.32 -20.70
C GLU I 130 -27.45 -32.31 -22.18
N GLU I 131 -27.72 -31.21 -22.86
CA GLU I 131 -27.46 -31.15 -24.30
C GLU I 131 -26.00 -31.36 -24.62
N VAL I 132 -25.09 -30.93 -23.73
CA VAL I 132 -23.67 -31.04 -23.95
C VAL I 132 -23.06 -32.19 -23.15
N GLU I 133 -23.90 -33.12 -22.67
CA GLU I 133 -23.41 -34.36 -22.06
C GLU I 133 -22.87 -34.15 -20.66
N ILE I 134 -22.78 -32.91 -20.20
CA ILE I 134 -22.33 -32.68 -18.81
C ILE I 134 -23.39 -33.22 -17.86
N PRO I 135 -23.01 -33.94 -16.81
CA PRO I 135 -24.02 -34.40 -15.85
C PRO I 135 -24.77 -33.23 -15.24
N ALA I 136 -26.08 -33.38 -15.10
CA ALA I 136 -26.90 -32.32 -14.53
C ALA I 136 -26.80 -32.25 -13.01
N ASN I 137 -26.24 -33.26 -12.36
CA ASN I 137 -26.16 -33.25 -10.90
C ASN I 137 -25.25 -32.14 -10.40
N ARG I 138 -24.25 -31.75 -11.20
CA ARG I 138 -23.28 -30.73 -10.79
C ARG I 138 -23.53 -29.40 -11.48
N ILE I 139 -24.80 -29.03 -11.64
CA ILE I 139 -25.11 -27.71 -12.20
C ILE I 139 -24.60 -26.61 -11.28
N ASP I 140 -24.78 -26.78 -9.97
CA ASP I 140 -24.36 -25.76 -9.01
C ASP I 140 -22.86 -25.71 -8.84
N ASP I 141 -22.11 -26.65 -9.40
CA ASP I 141 -20.66 -26.61 -9.33
C ASP I 141 -20.15 -25.37 -10.07
N LEU I 142 -18.85 -25.12 -9.94
CA LEU I 142 -18.23 -23.95 -10.56
C LEU I 142 -17.12 -24.38 -11.51
N PRO I 143 -16.79 -23.53 -12.48
CA PRO I 143 -15.94 -24.00 -13.59
C PRO I 143 -14.60 -24.57 -13.17
N THR I 144 -13.96 -24.00 -12.16
CA THR I 144 -12.62 -24.45 -11.79
C THR I 144 -12.62 -25.90 -11.32
N THR I 145 -13.77 -26.42 -10.91
CA THR I 145 -13.89 -27.80 -10.46
C THR I 145 -14.19 -28.78 -11.59
N PHE I 146 -14.22 -28.31 -12.82
CA PHE I 146 -14.47 -29.16 -13.99
C PHE I 146 -13.16 -29.52 -14.67
N SER I 147 -13.24 -30.51 -15.55
CA SER I 147 -12.10 -30.87 -16.37
C SER I 147 -12.07 -30.01 -17.63
N GLY I 148 -10.94 -30.05 -18.32
CA GLY I 148 -10.78 -29.22 -19.52
C GLY I 148 -11.87 -29.48 -20.54
N GLY I 149 -12.15 -30.75 -20.83
CA GLY I 149 -13.24 -31.07 -21.74
C GLY I 149 -14.58 -30.59 -21.20
N MET I 150 -14.81 -30.78 -19.90
CA MET I 150 -16.05 -30.30 -19.31
C MET I 150 -16.13 -28.79 -19.35
N GLN I 151 -15.01 -28.10 -19.12
CA GLN I 151 -15.01 -26.65 -19.23
C GLN I 151 -15.36 -26.20 -20.64
N GLN I 152 -14.78 -26.86 -21.64
CA GLN I 152 -15.11 -26.53 -23.01
C GLN I 152 -16.60 -26.75 -23.28
N ARG I 153 -17.12 -27.90 -22.86
CA ARG I 153 -18.54 -28.19 -23.04
C ARG I 153 -19.39 -27.11 -22.40
N LEU I 154 -19.00 -26.67 -21.21
CA LEU I 154 -19.74 -25.61 -20.54
C LEU I 154 -19.69 -24.32 -21.34
N GLN I 155 -18.55 -24.01 -21.94
CA GLN I 155 -18.45 -22.79 -22.75
C GLN I 155 -19.39 -22.86 -23.95
N ILE I 156 -19.41 -23.98 -24.66
CA ILE I 156 -20.34 -24.12 -25.78
C ILE I 156 -21.78 -24.01 -25.31
N ALA I 157 -22.10 -24.62 -24.16
CA ALA I 157 -23.46 -24.50 -23.65
C ALA I 157 -23.81 -23.05 -23.35
N ARG I 158 -22.87 -22.33 -22.72
CA ARG I 158 -23.09 -20.93 -22.40
C ARG I 158 -23.35 -20.11 -23.65
N ASN I 159 -22.58 -20.34 -24.70
CA ASN I 159 -22.75 -19.56 -25.92
C ASN I 159 -23.98 -19.98 -26.71
N LEU I 160 -24.40 -21.23 -26.61
CA LEU I 160 -25.54 -21.72 -27.37
C LEU I 160 -26.86 -21.54 -26.64
N VAL I 161 -26.84 -21.13 -25.38
CA VAL I 161 -28.11 -20.98 -24.66
C VAL I 161 -29.07 -20.05 -25.39
N THR I 162 -28.55 -19.06 -26.11
CA THR I 162 -29.39 -18.06 -26.77
C THR I 162 -29.73 -18.43 -28.21
N HIS I 163 -29.35 -19.60 -28.68
CA HIS I 163 -29.59 -19.99 -30.07
C HIS I 163 -28.88 -19.01 -31.00
N PRO I 164 -27.58 -18.81 -30.84
CA PRO I 164 -26.87 -17.91 -31.77
C PRO I 164 -26.89 -18.48 -33.18
N LYS I 165 -26.94 -17.59 -34.16
CA LYS I 165 -26.98 -17.97 -35.60
C LYS I 165 -25.55 -17.96 -36.14
N LEU I 166 -24.53 -17.62 -35.35
CA LEU I 166 -23.16 -17.57 -35.84
C LEU I 166 -22.24 -17.66 -34.63
N VAL I 167 -21.37 -18.66 -34.61
CA VAL I 167 -20.47 -18.88 -33.49
C VAL I 167 -19.05 -18.98 -34.04
N PHE I 168 -18.16 -18.17 -33.50
CA PHE I 168 -16.73 -18.26 -33.76
C PHE I 168 -16.08 -19.12 -32.70
N MET I 169 -15.04 -19.84 -33.09
CA MET I 169 -14.43 -20.83 -32.22
C MET I 169 -12.92 -20.81 -32.45
N ASP I 170 -12.18 -20.27 -31.50
CA ASP I 170 -10.73 -20.11 -31.65
C ASP I 170 -10.03 -21.33 -31.06
N GLU I 171 -9.98 -22.39 -31.86
CA GLU I 171 -9.29 -23.62 -31.51
C GLU I 171 -9.61 -24.05 -30.07
N PRO I 172 -10.87 -24.31 -29.76
CA PRO I 172 -11.23 -24.73 -28.40
C PRO I 172 -10.66 -26.08 -28.03
N THR I 173 -10.27 -26.90 -29.00
CA THR I 173 -9.76 -28.23 -28.71
C THR I 173 -8.31 -28.22 -28.26
N GLY I 174 -7.63 -27.09 -28.35
CA GLY I 174 -6.23 -27.04 -27.94
C GLY I 174 -6.06 -27.48 -26.49
N GLY I 175 -5.07 -28.33 -26.27
CA GLY I 175 -4.78 -28.82 -24.93
C GLY I 175 -5.63 -29.98 -24.48
N LEU I 176 -6.39 -30.61 -25.38
CA LEU I 176 -7.25 -31.72 -25.04
C LEU I 176 -6.69 -33.02 -25.61
N ASP I 177 -7.00 -34.11 -24.93
CA ASP I 177 -6.54 -35.42 -25.37
C ASP I 177 -7.28 -35.85 -26.64
N VAL I 178 -6.68 -36.81 -27.34
CA VAL I 178 -7.25 -37.24 -28.62
C VAL I 178 -8.64 -37.82 -28.43
N SER I 179 -8.84 -38.63 -27.38
CA SER I 179 -10.17 -39.17 -27.12
C SER I 179 -11.15 -38.05 -26.78
N VAL I 180 -10.76 -37.18 -25.84
CA VAL I 180 -11.63 -36.09 -25.46
C VAL I 180 -11.87 -35.16 -26.65
N GLN I 181 -10.83 -34.87 -27.42
CA GLN I 181 -10.98 -34.00 -28.57
C GLN I 181 -11.95 -34.60 -29.59
N ALA I 182 -11.82 -35.89 -29.86
CA ALA I 182 -12.70 -36.53 -30.83
C ALA I 182 -14.14 -36.53 -30.35
N ARG I 183 -14.36 -36.84 -29.08
CA ARG I 183 -15.72 -36.85 -28.56
C ARG I 183 -16.34 -35.46 -28.58
N LEU I 184 -15.54 -34.45 -28.21
CA LEU I 184 -16.01 -33.07 -28.25
C LEU I 184 -16.35 -32.65 -29.67
N LEU I 185 -15.52 -33.05 -30.64
CA LEU I 185 -15.80 -32.71 -32.03
C LEU I 185 -17.05 -33.40 -32.52
N ASP I 186 -17.28 -34.64 -32.09
CA ASP I 186 -18.52 -35.32 -32.44
C ASP I 186 -19.72 -34.58 -31.88
N LEU I 187 -19.62 -34.14 -30.63
CA LEU I 187 -20.70 -33.34 -30.04
C LEU I 187 -20.92 -32.05 -30.82
N LEU I 188 -19.82 -31.42 -31.25
CA LEU I 188 -19.93 -30.20 -32.04
C LEU I 188 -20.63 -30.46 -33.37
N ARG I 189 -20.29 -31.57 -34.02
CA ARG I 189 -21.00 -31.95 -35.25
C ARG I 189 -22.48 -32.10 -34.98
N GLY I 190 -22.83 -32.80 -33.91
CA GLY I 190 -24.24 -32.98 -33.59
C GLY I 190 -24.95 -31.65 -33.39
N LEU I 191 -24.32 -30.74 -32.63
CA LEU I 191 -24.94 -29.45 -32.39
C LEU I 191 -25.07 -28.64 -33.68
N VAL I 192 -24.02 -28.66 -34.52
CA VAL I 192 -24.03 -27.87 -35.73
C VAL I 192 -25.13 -28.34 -36.67
N VAL I 193 -25.26 -29.66 -36.84
CA VAL I 193 -26.32 -30.16 -37.71
C VAL I 193 -27.69 -29.91 -37.10
N GLU I 194 -27.83 -30.10 -35.78
CA GLU I 194 -29.13 -29.97 -35.15
C GLU I 194 -29.60 -28.51 -35.14
N LEU I 195 -28.68 -27.58 -34.88
CA LEU I 195 -28.97 -26.16 -34.90
C LEU I 195 -28.41 -25.56 -36.17
N ASN I 196 -29.27 -24.92 -36.96
CA ASN I 196 -28.82 -24.33 -38.22
C ASN I 196 -28.04 -23.06 -37.97
N LEU I 197 -26.88 -23.19 -37.31
CA LEU I 197 -26.04 -22.05 -36.97
C LEU I 197 -24.68 -22.20 -37.65
N ALA I 198 -24.22 -21.14 -38.27
CA ALA I 198 -22.91 -21.15 -38.91
C ALA I 198 -21.81 -21.11 -37.85
N VAL I 199 -20.70 -21.79 -38.16
CA VAL I 199 -19.55 -21.87 -37.27
C VAL I 199 -18.31 -21.47 -38.04
N VAL I 200 -17.51 -20.58 -37.47
CA VAL I 200 -16.22 -20.21 -38.01
C VAL I 200 -15.16 -20.71 -37.03
N ILE I 201 -14.47 -21.78 -37.41
CA ILE I 201 -13.55 -22.47 -36.54
C ILE I 201 -12.13 -22.19 -37.02
N VAL I 202 -11.28 -21.71 -36.11
CA VAL I 202 -9.87 -21.47 -36.39
C VAL I 202 -9.07 -22.52 -35.65
N THR I 203 -8.22 -23.24 -36.38
CA THR I 203 -7.39 -24.29 -35.79
C THR I 203 -6.02 -24.27 -36.43
N HIS I 204 -5.04 -24.78 -35.69
CA HIS I 204 -3.67 -24.92 -36.17
C HIS I 204 -3.37 -26.32 -36.70
N ASP I 205 -4.36 -27.20 -36.73
CA ASP I 205 -4.17 -28.57 -37.22
C ASP I 205 -5.26 -28.90 -38.22
N LEU I 206 -4.92 -29.78 -39.17
CA LEU I 206 -5.86 -30.13 -40.22
C LEU I 206 -6.84 -31.22 -39.79
N GLY I 207 -6.51 -32.00 -38.75
CA GLY I 207 -7.42 -33.05 -38.32
C GLY I 207 -8.74 -32.49 -37.83
N ALA I 208 -8.68 -31.46 -36.99
CA ALA I 208 -9.90 -30.85 -36.48
C ALA I 208 -10.73 -30.26 -37.60
N ALA I 209 -10.09 -29.57 -38.55
CA ALA I 209 -10.81 -29.02 -39.68
C ALA I 209 -11.47 -30.12 -40.51
N ARG I 210 -10.74 -31.21 -40.75
CA ARG I 210 -11.31 -32.34 -41.47
C ARG I 210 -12.56 -32.84 -40.76
N LEU I 211 -12.47 -33.06 -39.45
CA LEU I 211 -13.60 -33.63 -38.72
C LEU I 211 -14.78 -32.68 -38.68
N LEU I 212 -14.54 -31.38 -38.53
CA LEU I 212 -15.60 -30.41 -38.28
C LEU I 212 -15.95 -29.58 -39.50
N ALA I 213 -14.97 -28.93 -40.12
CA ALA I 213 -15.26 -27.91 -41.12
C ALA I 213 -15.99 -28.51 -42.32
N ASP I 214 -16.74 -27.65 -43.01
CA ASP I 214 -17.34 -27.98 -44.30
C ASP I 214 -16.56 -27.37 -45.46
N ARG I 215 -16.32 -26.07 -45.41
CA ARG I 215 -15.44 -25.38 -46.34
C ARG I 215 -14.21 -24.90 -45.56
N LEU I 216 -13.07 -24.85 -46.22
CA LEU I 216 -11.80 -24.54 -45.56
C LEU I 216 -11.10 -23.41 -46.29
N LEU I 217 -10.45 -22.55 -45.51
CA LEU I 217 -9.59 -21.50 -46.04
C LEU I 217 -8.21 -21.64 -45.42
N VAL I 218 -7.19 -21.28 -46.19
CA VAL I 218 -5.79 -21.39 -45.78
C VAL I 218 -5.16 -20.01 -45.88
N MET I 219 -4.45 -19.61 -44.83
CA MET I 219 -3.79 -18.31 -44.78
C MET I 219 -2.31 -18.48 -44.50
N LYS I 220 -1.49 -17.68 -45.18
CA LYS I 220 -0.05 -17.69 -44.99
C LYS I 220 0.42 -16.25 -44.78
N GLN I 221 1.12 -16.02 -43.68
CA GLN I 221 1.76 -14.73 -43.41
C GLN I 221 0.79 -13.57 -43.59
N GLY I 222 -0.44 -13.76 -43.12
CA GLY I 222 -1.39 -12.65 -43.07
C GLY I 222 -2.15 -12.39 -44.35
N GLN I 223 -2.43 -13.41 -45.15
CA GLN I 223 -3.33 -13.24 -46.27
C GLN I 223 -3.88 -14.61 -46.67
N VAL I 224 -5.03 -14.60 -47.34
CA VAL I 224 -5.64 -15.83 -47.80
C VAL I 224 -4.77 -16.45 -48.87
N VAL I 225 -4.54 -17.76 -48.77
CA VAL I 225 -3.72 -18.48 -49.74
C VAL I 225 -4.63 -19.05 -50.83
N GLU I 226 -5.59 -19.89 -50.43
CA GLU I 226 -6.50 -20.49 -51.39
C GLU I 226 -7.76 -20.94 -50.67
N SER I 227 -8.92 -20.60 -51.23
CA SER I 227 -10.17 -21.16 -50.75
C SER I 227 -10.15 -22.66 -50.95
N GLY I 228 -10.76 -23.39 -50.01
CA GLY I 228 -10.70 -24.83 -50.04
C GLY I 228 -12.04 -25.51 -49.89
N LEU I 229 -12.00 -26.80 -49.56
CA LEU I 229 -13.19 -27.59 -49.31
C LEU I 229 -12.75 -28.92 -48.71
N THR I 230 -13.54 -29.44 -47.77
CA THR I 230 -13.15 -30.63 -47.05
C THR I 230 -12.86 -31.78 -47.99
N ASP I 231 -11.76 -32.48 -47.74
CA ASP I 231 -11.26 -33.63 -48.50
C ASP I 231 -10.73 -33.23 -49.87
N ARG I 232 -10.85 -31.97 -50.27
CA ARG I 232 -10.22 -31.49 -51.50
C ARG I 232 -8.86 -30.88 -51.19
N VAL I 233 -8.83 -29.83 -50.36
CA VAL I 233 -7.57 -29.26 -49.94
C VAL I 233 -6.80 -30.25 -49.07
N LEU I 234 -7.52 -31.00 -48.23
CA LEU I 234 -6.85 -31.96 -47.35
C LEU I 234 -6.16 -33.05 -48.16
N ASP I 235 -6.84 -33.58 -49.19
CA ASP I 235 -6.31 -34.67 -49.98
C ASP I 235 -5.70 -34.21 -51.30
N ASP I 236 -6.09 -33.04 -51.81
CA ASP I 236 -5.61 -32.52 -53.08
C ASP I 236 -5.11 -31.10 -52.86
N PRO I 237 -4.01 -30.93 -52.12
CA PRO I 237 -3.46 -29.59 -51.91
C PRO I 237 -2.84 -29.02 -53.17
N HIS I 238 -3.48 -28.01 -53.75
CA HIS I 238 -3.00 -27.42 -55.00
C HIS I 238 -1.77 -26.56 -54.76
N HIS I 239 -1.95 -25.46 -54.05
CA HIS I 239 -0.88 -24.47 -53.96
C HIS I 239 0.23 -24.99 -53.06
N PRO I 240 1.49 -24.75 -53.39
CA PRO I 240 2.58 -25.53 -52.75
C PRO I 240 2.58 -25.48 -51.23
N TYR I 241 2.30 -24.33 -50.62
CA TYR I 241 2.29 -24.27 -49.17
C TYR I 241 1.24 -25.19 -48.59
N THR I 242 0.14 -25.40 -49.32
CA THR I 242 -0.85 -26.37 -48.87
C THR I 242 -0.27 -27.77 -48.81
N GLN I 243 0.48 -28.15 -49.84
CA GLN I 243 1.16 -29.45 -49.82
C GLN I 243 2.14 -29.52 -48.67
N LEU I 244 2.88 -28.43 -48.43
CA LEU I 244 3.82 -28.42 -47.32
C LEU I 244 3.11 -28.64 -45.99
N LEU I 245 1.98 -27.98 -45.80
CA LEU I 245 1.22 -28.13 -44.56
C LEU I 245 0.74 -29.57 -44.39
N VAL I 246 0.09 -30.11 -45.43
CA VAL I 246 -0.45 -31.46 -45.31
C VAL I 246 0.67 -32.47 -45.07
N SER I 247 1.79 -32.33 -45.79
CA SER I 247 2.91 -33.23 -45.59
C SER I 247 3.51 -33.08 -44.18
N SER I 248 3.55 -31.86 -43.65
CA SER I 248 4.03 -31.68 -42.29
C SER I 248 3.14 -32.40 -41.31
N VAL I 249 1.82 -32.34 -41.51
CA VAL I 249 0.92 -33.13 -40.68
C VAL I 249 1.18 -34.62 -40.88
N LEU I 250 1.37 -35.04 -42.12
CA LEU I 250 1.64 -36.43 -42.42
C LEU I 250 3.05 -36.82 -41.98
ZN ZN J . -20.73 1.45 6.52
ZN ZN K . -40.38 0.97 19.42
P PO4 L . -18.49 9.28 2.71
O1 PO4 L . -19.33 10.40 2.17
O2 PO4 L . -19.37 8.33 3.49
O3 PO4 L . -17.43 9.84 3.61
O4 PO4 L . -17.84 8.55 1.58
ZN ZN M . 21.47 -2.92 -6.33
ZN ZN N . 43.61 2.14 -13.60
P PO4 O . 21.22 -7.49 1.59
O1 PO4 O . 19.86 -8.00 1.19
O2 PO4 O . 21.75 -6.59 0.52
O3 PO4 O . 21.10 -6.75 2.89
O4 PO4 O . 22.16 -8.65 1.78
#